data_3MPH
#
_entry.id   3MPH
#
_cell.length_a   92.685
_cell.length_b   94.604
_cell.length_c   196.051
_cell.angle_alpha   90.00
_cell.angle_beta   90.00
_cell.angle_gamma   90.00
#
_symmetry.space_group_name_H-M   'P 21 21 21'
#
loop_
_entity.id
_entity.type
_entity.pdbx_description
1 polymer 'Amiloride-sensitive amine oxidase'
2 branched beta-D-mannopyranose-(1-4)-2-acetamido-2-deoxy-beta-D-glucopyranose-(1-4)-2-acetamido-2-deoxy-beta-D-glucopyranose
3 branched 2-acetamido-2-deoxy-beta-D-glucopyranose-(1-4)-2-acetamido-2-deoxy-beta-D-glucopyranose
4 non-polymer 'COPPER (II) ION'
5 non-polymer 'CALCIUM ION'
6 water water
#
_entity_poly.entity_id   1
_entity_poly.type   'polypeptide(L)'
_entity_poly.pdbx_seq_one_letter_code
;RSPGTLPRKAGVFSDLSNQELKAVHSFLWSKKELRLQPSSTTTMAKNTVFLIEMLLPKKYHVLRFLDKGERHPVREARAV
IFFGDQEHPNVTEFAVGPLPGPCYMRALSPRPGYQSSWASRPISTAEYALLYHTLQEATKPLHQFFLNTTGFSFQDCHDR
CLAFTDVAPRGVASGQRRSWLIIQRYVEGYFLHPTGLELLVDHGSTDAGHWAVEQVWYNGKFYGSPEELARKYADGEVDV
VVLEDPLPGGKGHDSTEEPPLFSSHKPRGDFPSPIHVSGPRLVQPHGPRFRLEGNAVLYGGWSFAFRLRSSSGLQVLNVH
FGGERIAYEVSVQEAVALYGGHTPAGMQTKYLDVGWGLGSVTHELAPGIDCPETATFLDTFHYYDADDPVHYPRALCLFE
MPTGVPLRRHFNSNFKGGFNFYAGLKGQVLVLRTTSTVYN(AGQ)DYIWDFIFYPNGVMEAKMHATGYVHATFYTPEGLR
HGTRLHTHLIGNIHTHLVHYRVDLDVAGTKNSFQTLQMKLENITNPWSPRHRVVQPTLEQTQYSWERQAAFRFKRKLPKY
LLFTSPQENPWGHKRSYRLQIHSMADQVLPPGWQEEQAITWARYPLAVTKYRESELCSSSIYHQNDPWDPPVVFEQFLHN
NENIENEDLVAWVTVGFLHIPHSEDIPNTATPGNSVGFLLRPFNFFPEDPSLASRDTVIVWPRDNGPNYVQRWIPEDRDC
SMPPPFSYNGTYRPV
;
_entity_poly.pdbx_strand_id   A,B
#
# COMPACT_ATOMS: atom_id res chain seq x y z
N ARG A 8 -33.27 11.63 -12.51
CA ARG A 8 -32.42 10.65 -11.76
C ARG A 8 -32.19 11.11 -10.32
N LYS A 9 -32.21 10.16 -9.37
CA LYS A 9 -32.09 10.47 -7.94
C LYS A 9 -30.71 11.02 -7.53
N ALA A 10 -29.65 10.46 -8.11
CA ALA A 10 -28.29 10.92 -7.84
C ALA A 10 -28.07 12.40 -8.17
N GLY A 11 -29.00 13.01 -8.94
CA GLY A 11 -28.96 14.44 -9.25
C GLY A 11 -28.93 15.34 -8.01
N VAL A 12 -29.46 14.84 -6.89
CA VAL A 12 -29.45 15.57 -5.64
C VAL A 12 -28.01 15.87 -5.18
N PHE A 13 -27.08 15.00 -5.56
CA PHE A 13 -25.66 15.12 -5.23
C PHE A 13 -24.82 15.81 -6.32
N SER A 14 -25.46 16.22 -7.41
CA SER A 14 -24.76 16.68 -8.58
C SER A 14 -24.25 18.12 -8.44
N ASP A 15 -23.05 18.35 -8.95
CA ASP A 15 -22.48 19.68 -9.06
C ASP A 15 -23.32 20.60 -9.96
N LEU A 16 -23.13 21.90 -9.82
CA LEU A 16 -23.85 22.85 -10.64
C LEU A 16 -23.40 22.74 -12.10
N SER A 17 -24.39 22.79 -13.01
CA SER A 17 -24.13 22.86 -14.44
C SER A 17 -23.65 24.26 -14.80
N ASN A 18 -23.10 24.39 -16.00
CA ASN A 18 -22.72 25.71 -16.52
C ASN A 18 -23.93 26.67 -16.51
N GLN A 19 -25.11 26.16 -16.89
CA GLN A 19 -26.33 26.99 -16.92
C GLN A 19 -26.75 27.44 -15.51
N GLU A 20 -26.63 26.54 -14.55
CA GLU A 20 -26.99 26.86 -13.17
C GLU A 20 -26.04 27.89 -12.58
N LEU A 21 -24.76 27.74 -12.84
CA LEU A 21 -23.79 28.70 -12.35
C LEU A 21 -24.09 30.11 -12.90
N LYS A 22 -24.39 30.19 -14.21
CA LYS A 22 -24.77 31.46 -14.84
C LYS A 22 -26.04 32.01 -14.20
N ALA A 23 -27.01 31.14 -13.95
CA ALA A 23 -28.29 31.56 -13.38
C ALA A 23 -28.06 32.19 -12.00
N VAL A 24 -27.20 31.57 -11.19
CA VAL A 24 -26.92 32.10 -9.86
C VAL A 24 -26.14 33.41 -9.95
N HIS A 25 -25.12 33.44 -10.79
CA HIS A 25 -24.32 34.64 -10.99
C HIS A 25 -25.21 35.81 -11.49
N SER A 26 -26.11 35.51 -12.42
CA SER A 26 -27.05 36.50 -12.95
CA SER A 26 -27.09 36.47 -12.96
C SER A 26 -27.96 37.06 -11.87
N PHE A 27 -28.53 36.18 -11.05
CA PHE A 27 -29.41 36.58 -9.96
C PHE A 27 -28.76 37.54 -8.96
N LEU A 28 -27.51 37.26 -8.59
CA LEU A 28 -26.79 38.12 -7.67
C LEU A 28 -26.46 39.46 -8.32
N TRP A 29 -26.04 39.41 -9.57
CA TRP A 29 -25.75 40.65 -10.33
C TRP A 29 -26.98 41.53 -10.54
N SER A 30 -28.16 40.92 -10.56
CA SER A 30 -29.41 41.67 -10.74
C SER A 30 -29.72 42.52 -9.49
N LYS A 31 -29.14 42.18 -8.34
CA LYS A 31 -29.34 42.92 -7.09
C LYS A 31 -28.35 44.08 -7.06
N LYS A 32 -28.77 45.22 -7.58
CA LYS A 32 -27.85 46.35 -7.83
C LYS A 32 -27.21 46.90 -6.56
N GLU A 33 -27.89 46.72 -5.42
CA GLU A 33 -27.34 47.14 -4.13
C GLU A 33 -26.06 46.39 -3.70
N LEU A 34 -25.80 45.22 -4.28
CA LEU A 34 -24.57 44.47 -4.02
C LEU A 34 -23.36 45.07 -4.75
N ARG A 35 -23.63 45.91 -5.76
CA ARG A 35 -22.58 46.63 -6.49
C ARG A 35 -21.48 45.69 -6.98
N LEU A 36 -21.88 44.55 -7.54
CA LEU A 36 -20.93 43.51 -7.91
C LEU A 36 -20.10 43.90 -9.11
N GLN A 37 -18.80 43.69 -9.01
CA GLN A 37 -17.86 43.90 -10.11
C GLN A 37 -17.18 42.57 -10.44
N PRO A 38 -16.56 42.46 -11.63
CA PRO A 38 -15.89 41.22 -11.99
C PRO A 38 -14.66 40.91 -11.12
N SER A 39 -14.40 39.61 -10.92
CA SER A 39 -13.26 39.13 -10.16
CA SER A 39 -13.28 39.21 -10.10
C SER A 39 -11.95 39.75 -10.66
N SER A 40 -11.87 39.92 -11.97
CA SER A 40 -10.63 40.38 -12.61
C SER A 40 -10.31 41.87 -12.44
N THR A 41 -11.29 42.70 -12.06
CA THR A 41 -11.03 44.12 -11.80
C THR A 41 -9.88 44.29 -10.78
N THR A 42 -8.86 45.06 -11.13
CA THR A 42 -7.65 45.07 -10.30
C THR A 42 -7.69 46.12 -9.20
N THR A 43 -8.73 46.06 -8.40
CA THR A 43 -8.76 46.71 -7.09
C THR A 43 -9.32 45.72 -6.08
N MET A 44 -8.82 45.81 -4.84
CA MET A 44 -9.36 45.03 -3.74
C MET A 44 -10.64 45.67 -3.19
N ALA A 45 -10.79 46.97 -3.40
CA ALA A 45 -11.95 47.70 -2.92
C ALA A 45 -13.13 47.50 -3.86
N LYS A 46 -13.54 46.25 -4.03
CA LYS A 46 -14.67 45.93 -4.87
C LYS A 46 -15.52 44.87 -4.18
N ASN A 47 -16.78 44.81 -4.58
CA ASN A 47 -17.66 43.71 -4.22
C ASN A 47 -17.64 42.72 -5.39
N THR A 48 -17.45 41.44 -5.08
CA THR A 48 -17.31 40.39 -6.11
CA THR A 48 -17.34 40.39 -6.11
C THR A 48 -17.80 39.04 -5.56
N VAL A 49 -18.38 38.22 -6.43
CA VAL A 49 -18.75 36.86 -6.07
C VAL A 49 -17.50 35.99 -6.32
N PHE A 50 -16.93 35.45 -5.25
CA PHE A 50 -15.63 34.75 -5.31
C PHE A 50 -15.79 33.29 -5.70
N LEU A 51 -16.87 32.69 -5.21
CA LEU A 51 -17.14 31.28 -5.44
C LEU A 51 -18.63 31.02 -5.42
N ILE A 52 -19.06 30.15 -6.35
CA ILE A 52 -20.40 29.59 -6.38
C ILE A 52 -20.26 28.08 -6.54
N GLU A 53 -20.94 27.32 -5.69
CA GLU A 53 -20.93 25.86 -5.81
C GLU A 53 -22.19 25.30 -5.21
N MET A 54 -22.56 24.10 -5.61
CA MET A 54 -23.76 23.46 -5.09
C MET A 54 -23.62 23.26 -3.57
N LEU A 55 -24.72 23.54 -2.87
CA LEU A 55 -24.82 23.42 -1.42
C LEU A 55 -25.72 22.25 -1.10
N LEU A 56 -25.12 21.19 -0.56
CA LEU A 56 -25.83 19.95 -0.34
C LEU A 56 -27.03 20.16 0.58
N PRO A 57 -28.18 19.55 0.25
CA PRO A 57 -29.33 19.61 1.15
C PRO A 57 -29.07 18.87 2.44
N LYS A 58 -29.95 19.04 3.42
CA LYS A 58 -29.79 18.38 4.70
C LYS A 58 -29.93 16.88 4.53
N LYS A 59 -29.07 16.13 5.22
CA LYS A 59 -29.07 14.67 5.17
C LYS A 59 -30.48 14.11 5.44
N TYR A 60 -31.13 14.64 6.47
CA TYR A 60 -32.49 14.21 6.80
C TYR A 60 -33.40 14.23 5.57
N HIS A 61 -33.31 15.29 4.78
CA HIS A 61 -34.22 15.45 3.64
C HIS A 61 -33.79 14.58 2.45
N VAL A 62 -32.48 14.45 2.25
CA VAL A 62 -31.93 13.61 1.20
C VAL A 62 -32.29 12.15 1.45
N LEU A 63 -32.15 11.68 2.68
CA LEU A 63 -32.48 10.29 2.99
C LEU A 63 -33.99 10.01 2.81
N ARG A 64 -34.84 10.95 3.21
CA ARG A 64 -36.30 10.76 3.04
C ARG A 64 -36.66 10.69 1.57
N PHE A 65 -35.98 11.50 0.77
CA PHE A 65 -36.09 11.43 -0.67
C PHE A 65 -35.59 10.08 -1.21
N LEU A 66 -34.37 9.70 -0.86
CA LEU A 66 -33.77 8.51 -1.42
C LEU A 66 -34.43 7.23 -0.94
N ASP A 67 -34.85 7.18 0.32
CA ASP A 67 -35.25 5.92 0.95
C ASP A 67 -36.74 5.79 1.28
N LYS A 68 -37.47 6.91 1.35
CA LYS A 68 -38.88 6.87 1.80
C LYS A 68 -39.83 7.55 0.82
N GLY A 69 -39.40 7.74 -0.42
CA GLY A 69 -40.25 8.31 -1.46
C GLY A 69 -40.76 9.72 -1.24
N GLU A 70 -40.10 10.51 -0.40
CA GLU A 70 -40.54 11.88 -0.13
C GLU A 70 -40.01 12.79 -1.23
N ARG A 71 -40.39 14.07 -1.17
CA ARG A 71 -40.06 15.04 -2.22
C ARG A 71 -38.55 15.22 -2.43
N HIS A 72 -38.19 15.58 -3.67
CA HIS A 72 -36.84 16.01 -3.99
C HIS A 72 -36.49 17.21 -3.12
N PRO A 73 -35.33 17.16 -2.43
CA PRO A 73 -34.99 18.35 -1.64
C PRO A 73 -34.75 19.55 -2.55
N VAL A 74 -34.94 20.75 -2.00
CA VAL A 74 -34.66 21.99 -2.71
C VAL A 74 -33.18 22.07 -3.03
N ARG A 75 -32.89 22.46 -4.26
CA ARG A 75 -31.52 22.61 -4.72
C ARG A 75 -31.08 24.05 -4.52
N GLU A 76 -29.87 24.23 -4.00
CA GLU A 76 -29.30 25.57 -3.75
C GLU A 76 -27.81 25.62 -4.10
N ALA A 77 -27.31 26.84 -4.20
CA ALA A 77 -25.89 27.10 -4.42
C ALA A 77 -25.34 27.93 -3.27
N ARG A 78 -24.13 27.61 -2.86
CA ARG A 78 -23.37 28.42 -1.94
C ARG A 78 -22.74 29.54 -2.76
N ALA A 79 -22.86 30.77 -2.28
CA ALA A 79 -22.25 31.92 -2.93
C ALA A 79 -21.42 32.65 -1.91
N VAL A 80 -20.13 32.79 -2.19
CA VAL A 80 -19.25 33.55 -1.32
C VAL A 80 -19.01 34.92 -1.95
N ILE A 81 -19.39 35.97 -1.23
CA ILE A 81 -19.22 37.34 -1.71
C ILE A 81 -18.20 38.10 -0.89
N PHE A 82 -17.20 38.63 -1.59
CA PHE A 82 -16.22 39.51 -1.03
C PHE A 82 -16.81 40.92 -1.08
N PHE A 83 -17.12 41.49 0.09
CA PHE A 83 -17.53 42.89 0.18
C PHE A 83 -16.36 43.83 0.48
N GLY A 84 -15.58 44.14 -0.54
CA GLY A 84 -14.45 45.06 -0.40
C GLY A 84 -14.84 46.53 -0.49
N ASP A 85 -15.98 46.82 -1.12
CA ASP A 85 -16.38 48.19 -1.45
C ASP A 85 -17.22 48.81 -0.33
N GLN A 86 -16.62 48.98 0.84
CA GLN A 86 -17.31 49.53 2.00
C GLN A 86 -16.28 49.87 3.06
N GLU A 87 -16.71 50.59 4.07
CA GLU A 87 -15.82 51.06 5.12
C GLU A 87 -15.17 49.90 5.89
N HIS A 88 -15.99 48.88 6.21
CA HIS A 88 -15.51 47.71 6.94
C HIS A 88 -15.64 46.47 6.07
N PRO A 89 -14.63 46.20 5.23
CA PRO A 89 -14.75 45.09 4.30
C PRO A 89 -14.96 43.76 5.02
N ASN A 90 -15.74 42.86 4.43
CA ASN A 90 -15.88 41.52 4.97
C ASN A 90 -16.18 40.48 3.89
N VAL A 91 -16.22 39.21 4.29
CA VAL A 91 -16.66 38.10 3.43
C VAL A 91 -17.95 37.59 4.02
N THR A 92 -19.01 37.52 3.22
CA THR A 92 -20.29 36.95 3.66
C THR A 92 -20.73 35.89 2.65
N GLU A 93 -21.23 34.77 3.16
CA GLU A 93 -21.73 33.70 2.33
C GLU A 93 -23.26 33.69 2.33
N PHE A 94 -23.82 33.21 1.22
CA PHE A 94 -25.27 33.07 1.11
C PHE A 94 -25.59 31.72 0.49
N ALA A 95 -26.79 31.24 0.79
CA ALA A 95 -27.40 30.18 0.03
C ALA A 95 -28.38 30.82 -0.96
N VAL A 96 -28.13 30.59 -2.25
CA VAL A 96 -29.02 31.06 -3.30
C VAL A 96 -29.91 29.93 -3.83
N GLY A 97 -31.20 30.19 -3.87
CA GLY A 97 -32.14 29.21 -4.39
C GLY A 97 -33.50 29.82 -4.68
N PRO A 98 -34.44 28.98 -5.12
CA PRO A 98 -34.20 27.59 -5.47
C PRO A 98 -33.59 27.46 -6.87
N LEU A 99 -33.13 26.26 -7.20
CA LEU A 99 -32.62 25.97 -8.54
C LEU A 99 -33.44 24.83 -9.12
N PRO A 100 -34.06 25.05 -10.30
CA PRO A 100 -34.02 26.28 -11.10
C PRO A 100 -34.87 27.43 -10.53
N GLY A 101 -34.63 28.64 -11.03
CA GLY A 101 -35.41 29.83 -10.66
C GLY A 101 -35.01 30.49 -9.36
N PRO A 102 -33.76 30.97 -9.27
CA PRO A 102 -33.34 31.55 -7.99
C PRO A 102 -34.10 32.83 -7.66
N CYS A 103 -34.65 32.89 -6.45
CA CYS A 103 -35.35 34.09 -5.99
C CYS A 103 -35.08 34.45 -4.53
N TYR A 104 -34.10 33.81 -3.89
CA TYR A 104 -33.63 34.27 -2.58
C TYR A 104 -32.13 34.09 -2.42
N MET A 105 -31.59 34.85 -1.49
CA MET A 105 -30.26 34.62 -0.96
C MET A 105 -30.33 34.71 0.57
N ARG A 106 -30.33 33.55 1.22
CA ARG A 106 -30.35 33.48 2.68
C ARG A 106 -28.93 33.42 3.24
N ALA A 107 -28.78 33.84 4.50
CA ALA A 107 -27.50 33.83 5.19
C ALA A 107 -26.97 32.40 5.30
N LEU A 108 -25.65 32.24 5.27
CA LEU A 108 -25.02 30.91 5.32
C LEU A 108 -23.74 30.97 6.15
N SER A 109 -23.58 30.01 7.05
CA SER A 109 -22.44 29.97 7.98
C SER A 109 -22.25 31.32 8.71
N PRO A 110 -23.32 31.92 9.23
CA PRO A 110 -23.12 33.24 9.85
C PRO A 110 -22.24 33.13 11.09
N ARG A 111 -21.31 34.06 11.25
CA ARG A 111 -20.39 34.07 12.38
C ARG A 111 -20.40 35.47 13.01
N PRO A 112 -21.52 35.84 13.63
CA PRO A 112 -21.65 37.19 14.17
C PRO A 112 -20.69 37.44 15.34
N GLY A 113 -20.16 38.65 15.40
CA GLY A 113 -19.16 39.00 16.42
C GLY A 113 -17.74 38.71 15.99
N TYR A 114 -17.54 38.12 14.81
CA TYR A 114 -16.20 37.93 14.26
C TYR A 114 -15.93 39.05 13.29
N GLN A 115 -14.71 39.57 13.35
CA GLN A 115 -14.38 40.82 12.66
C GLN A 115 -13.29 40.68 11.60
N SER A 116 -12.58 39.56 11.57
CA SER A 116 -11.41 39.40 10.70
C SER A 116 -11.66 38.60 9.42
N SER A 117 -12.91 38.49 8.97
CA SER A 117 -13.19 37.68 7.78
C SER A 117 -12.42 38.16 6.55
N TRP A 118 -12.24 39.48 6.40
CA TRP A 118 -11.54 40.03 5.24
C TRP A 118 -10.09 39.53 5.19
N ALA A 119 -9.40 39.63 6.32
CA ALA A 119 -7.99 39.18 6.37
C ALA A 119 -7.87 37.68 6.10
N SER A 120 -8.87 36.92 6.54
CA SER A 120 -8.89 35.47 6.33
C SER A 120 -9.12 35.01 4.89
N ARG A 121 -9.51 35.91 3.99
CA ARG A 121 -9.98 35.50 2.68
C ARG A 121 -8.83 34.98 1.78
N PRO A 122 -9.16 34.10 0.82
CA PRO A 122 -8.17 33.64 -0.15
C PRO A 122 -7.60 34.76 -1.02
N ILE A 123 -6.39 34.53 -1.51
CA ILE A 123 -5.75 35.45 -2.42
C ILE A 123 -6.42 35.28 -3.80
N SER A 124 -6.28 36.26 -4.67
CA SER A 124 -6.94 36.18 -5.98
C SER A 124 -5.99 36.62 -7.07
N THR A 125 -6.33 36.27 -8.31
CA THR A 125 -5.59 36.70 -9.49
C THR A 125 -5.38 38.22 -9.48
N ALA A 126 -6.44 38.95 -9.19
CA ALA A 126 -6.37 40.42 -9.12
C ALA A 126 -5.37 40.89 -8.07
N GLU A 127 -5.37 40.23 -6.91
CA GLU A 127 -4.49 40.61 -5.80
C GLU A 127 -3.05 40.34 -6.18
N TYR A 128 -2.82 39.21 -6.85
CA TYR A 128 -1.51 38.88 -7.37
C TYR A 128 -0.96 39.95 -8.32
N ALA A 129 -1.82 40.47 -9.19
CA ALA A 129 -1.41 41.50 -10.17
C ALA A 129 -0.97 42.74 -9.40
N LEU A 130 -1.76 43.15 -8.40
CA LEU A 130 -1.40 44.29 -7.57
C LEU A 130 -0.11 44.03 -6.76
N LEU A 131 0.09 42.80 -6.30
CA LEU A 131 1.34 42.44 -5.65
C LEU A 131 2.53 42.61 -6.59
N TYR A 132 2.39 42.13 -7.83
CA TYR A 132 3.47 42.29 -8.82
C TYR A 132 3.77 43.78 -9.07
N HIS A 133 2.73 44.60 -9.16
CA HIS A 133 2.89 46.05 -9.36
C HIS A 133 3.62 46.69 -8.17
N THR A 134 3.24 46.29 -6.96
CA THR A 134 3.88 46.79 -5.74
C THR A 134 5.36 46.44 -5.74
N LEU A 135 5.68 45.20 -6.10
CA LEU A 135 7.07 44.76 -6.13
C LEU A 135 7.86 45.52 -7.19
N GLN A 136 7.30 45.66 -8.39
CA GLN A 136 7.97 46.45 -9.45
C GLN A 136 8.39 47.85 -8.97
N GLU A 137 7.53 48.51 -8.19
CA GLU A 137 7.83 49.83 -7.66
C GLU A 137 8.79 49.77 -6.46
N ALA A 138 8.43 48.96 -5.46
CA ALA A 138 9.20 48.87 -4.23
C ALA A 138 10.64 48.42 -4.47
N THR A 139 10.86 47.59 -5.48
CA THR A 139 12.19 47.02 -5.71
C THR A 139 13.00 47.75 -6.78
N LYS A 140 12.53 48.93 -7.23
CA LYS A 140 13.33 49.75 -8.16
C LYS A 140 14.78 49.95 -7.74
N PRO A 141 15.02 50.24 -6.44
CA PRO A 141 16.41 50.42 -6.01
C PRO A 141 17.28 49.19 -6.25
N LEU A 142 16.66 48.01 -6.24
CA LEU A 142 17.36 46.74 -6.44
C LEU A 142 17.51 46.32 -7.90
N HIS A 143 17.06 47.15 -8.85
CA HIS A 143 17.11 46.75 -10.26
C HIS A 143 18.51 46.33 -10.73
N GLN A 144 19.52 47.18 -10.51
CA GLN A 144 20.88 46.82 -10.94
C GLN A 144 21.38 45.57 -10.22
N PHE A 145 21.09 45.50 -8.93
CA PHE A 145 21.38 44.32 -8.11
C PHE A 145 20.80 43.05 -8.74
N PHE A 146 19.55 43.15 -9.19
CA PHE A 146 18.87 42.01 -9.84
C PHE A 146 19.60 41.60 -11.12
N LEU A 147 19.93 42.59 -11.95
CA LEU A 147 20.57 42.31 -13.23
C LEU A 147 21.95 41.73 -12.99
N ASN A 148 22.70 42.27 -12.04
CA ASN A 148 24.03 41.74 -11.72
C ASN A 148 24.03 40.35 -11.09
N THR A 149 23.11 40.09 -10.17
CA THR A 149 23.11 38.81 -9.45
C THR A 149 22.33 37.69 -10.15
N THR A 150 21.29 38.05 -10.91
CA THR A 150 20.40 37.03 -11.49
C THR A 150 20.26 37.07 -13.02
N GLY A 151 20.64 38.18 -13.65
CA GLY A 151 20.40 38.36 -15.07
C GLY A 151 18.94 38.58 -15.41
N PHE A 152 18.10 38.71 -14.39
CA PHE A 152 16.66 38.82 -14.55
C PHE A 152 16.18 40.07 -13.81
N SER A 153 14.94 40.49 -14.04
CA SER A 153 14.42 41.71 -13.42
C SER A 153 12.94 41.68 -13.20
N PHE A 154 12.44 42.60 -12.39
CA PHE A 154 11.01 42.89 -12.33
C PHE A 154 10.65 43.99 -13.34
N GLN A 155 11.47 45.02 -13.46
CA GLN A 155 11.13 46.13 -14.38
C GLN A 155 11.71 45.91 -15.77
N ASP A 156 10.91 46.26 -16.79
CA ASP A 156 11.29 46.16 -18.21
C ASP A 156 11.76 44.77 -18.65
N CYS A 157 11.06 43.72 -18.21
CA CYS A 157 11.44 42.35 -18.53
C CYS A 157 10.51 41.79 -19.59
N HIS A 158 10.97 40.75 -20.28
CA HIS A 158 10.16 40.10 -21.31
C HIS A 158 10.30 38.58 -21.19
N ASP A 159 11.50 38.06 -21.42
CA ASP A 159 11.79 36.63 -21.28
C ASP A 159 12.74 36.35 -20.11
N ARG A 160 13.17 37.39 -19.41
CA ARG A 160 14.03 37.22 -18.24
C ARG A 160 13.39 37.92 -17.03
N CYS A 161 12.20 37.45 -16.69
CA CYS A 161 11.39 38.04 -15.61
C CYS A 161 11.59 37.31 -14.28
N LEU A 162 11.66 38.09 -13.20
CA LEU A 162 11.59 37.53 -11.87
C LEU A 162 10.13 37.27 -11.55
N ALA A 163 9.88 36.18 -10.83
CA ALA A 163 8.57 35.88 -10.34
C ALA A 163 8.68 35.72 -8.83
N PHE A 164 7.55 35.53 -8.16
CA PHE A 164 7.58 35.22 -6.74
C PHE A 164 6.61 34.09 -6.42
N THR A 165 6.88 33.41 -5.31
CA THR A 165 5.97 32.44 -4.73
C THR A 165 5.64 32.94 -3.33
N ASP A 166 4.36 33.19 -3.07
CA ASP A 166 3.93 33.63 -1.73
C ASP A 166 3.72 32.44 -0.80
N VAL A 167 4.13 32.59 0.46
CA VAL A 167 3.86 31.56 1.47
C VAL A 167 2.72 32.06 2.38
N ALA A 168 2.04 31.12 3.02
CA ALA A 168 0.98 31.40 3.99
C ALA A 168 1.19 30.51 5.22
N PRO A 169 0.65 30.90 6.38
CA PRO A 169 -0.17 32.09 6.60
C PRO A 169 0.63 33.38 6.52
N ARG A 170 -0.10 34.50 6.63
CA ARG A 170 0.42 35.78 6.23
C ARG A 170 0.45 36.70 7.45
N GLY A 171 1.33 36.36 8.39
CA GLY A 171 1.53 37.15 9.59
C GLY A 171 1.74 36.31 10.84
N VAL A 172 1.64 36.96 11.99
CA VAL A 172 1.86 36.30 13.27
C VAL A 172 0.62 36.28 14.15
N ALA A 173 -0.49 36.83 13.66
CA ALA A 173 -1.73 36.86 14.44
C ALA A 173 -2.96 37.13 13.57
N SER A 174 -4.12 36.80 14.11
CA SER A 174 -5.38 36.94 13.40
C SER A 174 -5.60 38.40 12.92
N GLY A 175 -5.99 38.57 11.67
CA GLY A 175 -6.27 39.89 11.11
C GLY A 175 -5.16 40.49 10.27
N GLN A 176 -3.99 39.85 10.24
CA GLN A 176 -2.87 40.32 9.45
C GLN A 176 -2.80 39.67 8.07
N ARG A 177 -2.26 40.42 7.12
CA ARG A 177 -2.09 39.94 5.76
C ARG A 177 -0.76 40.46 5.28
N ARG A 178 0.27 39.87 5.88
CA ARG A 178 1.65 40.20 5.62
C ARG A 178 2.33 38.95 5.06
N SER A 179 2.63 38.94 3.78
CA SER A 179 3.14 37.72 3.15
C SER A 179 4.62 37.75 2.86
N TRP A 180 5.31 36.66 3.18
CA TRP A 180 6.68 36.47 2.72
C TRP A 180 6.64 35.95 1.28
N LEU A 181 7.47 36.52 0.43
CA LEU A 181 7.50 36.18 -0.99
C LEU A 181 8.89 35.70 -1.34
N ILE A 182 8.97 34.48 -1.87
CA ILE A 182 10.23 33.89 -2.32
C ILE A 182 10.44 34.36 -3.75
N ILE A 183 11.51 35.10 -4.00
CA ILE A 183 11.78 35.59 -5.35
C ILE A 183 12.50 34.51 -6.16
N GLN A 184 12.05 34.33 -7.40
CA GLN A 184 12.52 33.25 -8.25
C GLN A 184 12.73 33.76 -9.67
N ARG A 185 13.58 33.08 -10.42
CA ARG A 185 13.70 33.33 -11.84
C ARG A 185 12.61 32.58 -12.59
N TYR A 186 11.88 33.30 -13.44
CA TYR A 186 10.73 32.71 -14.14
C TYR A 186 11.16 31.94 -15.39
N VAL A 187 11.59 30.70 -15.15
CA VAL A 187 12.01 29.78 -16.21
C VAL A 187 11.25 28.45 -16.02
N GLU A 188 11.45 27.53 -16.96
CA GLU A 188 10.89 26.18 -16.91
C GLU A 188 11.08 25.54 -15.54
N GLY A 189 9.98 25.29 -14.83
CA GLY A 189 10.04 24.76 -13.46
C GLY A 189 10.60 25.80 -12.50
N TYR A 190 10.07 27.01 -12.60
CA TYR A 190 10.53 28.18 -11.83
C TYR A 190 10.54 27.98 -10.33
N PHE A 191 9.66 27.10 -9.84
CA PHE A 191 9.64 26.70 -8.44
C PHE A 191 11.00 26.41 -7.83
N LEU A 192 11.91 25.86 -8.64
CA LEU A 192 13.24 25.42 -8.19
C LEU A 192 14.35 26.42 -8.50
N HIS A 193 14.00 27.69 -8.73
CA HIS A 193 14.99 28.72 -9.06
C HIS A 193 14.89 29.95 -8.17
N PRO A 194 15.04 29.77 -6.85
CA PRO A 194 15.08 30.93 -5.97
C PRO A 194 16.35 31.75 -6.19
N THR A 195 16.25 33.05 -5.97
CA THR A 195 17.37 33.96 -6.18
C THR A 195 18.19 34.19 -4.91
N GLY A 196 17.61 33.87 -3.76
CA GLY A 196 18.21 34.17 -2.45
C GLY A 196 17.58 35.35 -1.77
N LEU A 197 16.64 36.00 -2.47
CA LEU A 197 15.92 37.15 -1.94
C LEU A 197 14.51 36.73 -1.53
N GLU A 198 14.09 37.22 -0.37
CA GLU A 198 12.72 37.03 0.09
C GLU A 198 12.24 38.36 0.63
N LEU A 199 10.99 38.72 0.32
CA LEU A 199 10.40 40.00 0.71
C LEU A 199 9.08 39.83 1.46
N LEU A 200 8.91 40.58 2.54
CA LEU A 200 7.68 40.60 3.31
C LEU A 200 6.88 41.83 2.95
N VAL A 201 5.68 41.62 2.44
CA VAL A 201 4.80 42.69 1.99
C VAL A 201 3.54 42.72 2.82
N ASP A 202 3.23 43.88 3.39
CA ASP A 202 1.93 44.05 4.02
C ASP A 202 0.94 44.48 2.94
N HIS A 203 -0.01 43.60 2.63
CA HIS A 203 -1.01 43.94 1.61
C HIS A 203 -2.44 43.85 2.17
N GLY A 204 -2.60 44.32 3.41
CA GLY A 204 -3.89 44.24 4.09
C GLY A 204 -4.90 45.30 3.66
N SER A 205 -4.41 46.51 3.40
CA SER A 205 -5.28 47.60 2.96
C SER A 205 -6.04 47.27 1.68
N THR A 206 -7.27 47.77 1.53
CA THR A 206 -7.99 47.64 0.26
C THR A 206 -7.48 48.64 -0.79
N ASP A 207 -6.65 49.59 -0.35
CA ASP A 207 -5.96 50.48 -1.25
C ASP A 207 -4.54 49.97 -1.42
N ALA A 208 -4.23 49.44 -2.60
CA ALA A 208 -2.90 48.87 -2.88
C ALA A 208 -1.78 49.90 -2.83
N GLY A 209 -2.12 51.18 -2.90
CA GLY A 209 -1.14 52.26 -2.71
C GLY A 209 -0.53 52.28 -1.32
N HIS A 210 -1.22 51.71 -0.33
CA HIS A 210 -0.67 51.61 1.03
C HIS A 210 0.21 50.39 1.27
N TRP A 211 0.24 49.44 0.34
CA TRP A 211 1.01 48.22 0.49
C TRP A 211 2.50 48.53 0.54
N ALA A 212 3.23 47.86 1.43
CA ALA A 212 4.66 48.16 1.64
C ALA A 212 5.48 46.90 1.79
N VAL A 213 6.67 46.88 1.19
CA VAL A 213 7.70 45.90 1.53
C VAL A 213 8.21 46.30 2.91
N GLU A 214 7.88 45.53 3.94
CA GLU A 214 8.24 45.93 5.30
C GLU A 214 9.55 45.33 5.79
N GLN A 215 10.06 44.33 5.08
CA GLN A 215 11.28 43.64 5.50
C GLN A 215 11.87 42.93 4.28
N VAL A 216 13.19 42.71 4.32
CA VAL A 216 13.93 42.13 3.23
C VAL A 216 14.91 41.09 3.76
N TRP A 217 14.91 39.90 3.18
CA TRP A 217 15.92 38.91 3.52
C TRP A 217 16.68 38.56 2.25
N TYR A 218 18.00 38.56 2.34
CA TYR A 218 18.84 38.12 1.24
C TYR A 218 20.02 37.30 1.76
N ASN A 219 20.17 36.10 1.22
CA ASN A 219 21.32 35.24 1.49
C ASN A 219 21.78 35.28 2.94
N GLY A 220 20.85 35.15 3.87
CA GLY A 220 21.17 34.89 5.26
C GLY A 220 21.13 36.08 6.19
N LYS A 221 20.84 37.26 5.67
CA LYS A 221 20.75 38.48 6.48
C LYS A 221 19.47 39.24 6.18
N PHE A 222 18.97 39.94 7.20
CA PHE A 222 17.80 40.82 7.08
C PHE A 222 18.29 42.23 6.81
N TYR A 223 17.48 43.02 6.09
CA TYR A 223 17.91 44.35 5.62
C TYR A 223 16.93 45.50 5.79
N GLY A 224 15.72 45.28 6.29
CA GLY A 224 14.86 46.43 6.60
C GLY A 224 14.11 47.01 5.40
N SER A 225 14.84 47.40 4.35
CA SER A 225 14.19 47.88 3.12
C SER A 225 14.97 47.52 1.86
N PRO A 226 14.29 47.59 0.70
CA PRO A 226 15.01 47.42 -0.57
C PRO A 226 16.14 48.45 -0.75
N GLU A 227 15.90 49.68 -0.29
CA GLU A 227 16.86 50.77 -0.45
C GLU A 227 18.15 50.45 0.33
N GLU A 228 17.98 49.87 1.52
CA GLU A 228 19.11 49.52 2.38
C GLU A 228 19.98 48.40 1.82
N LEU A 229 19.35 47.38 1.24
CA LEU A 229 20.10 46.32 0.57
C LEU A 229 20.83 46.89 -0.66
N ALA A 230 20.17 47.79 -1.39
CA ALA A 230 20.76 48.44 -2.57
C ALA A 230 21.99 49.25 -2.19
N ARG A 231 21.90 49.99 -1.07
CA ARG A 231 22.99 50.83 -0.60
C ARG A 231 24.18 49.96 -0.20
N LYS A 232 23.92 48.98 0.67
CA LYS A 232 24.97 48.10 1.18
C LYS A 232 25.61 47.25 0.09
N TYR A 233 24.83 46.89 -0.92
CA TYR A 233 25.36 46.23 -2.08
C TYR A 233 26.31 47.17 -2.82
N ALA A 234 25.83 48.38 -3.11
CA ALA A 234 26.66 49.40 -3.78
C ALA A 234 27.97 49.62 -3.04
N ASP A 235 27.90 49.73 -1.72
CA ASP A 235 29.10 49.95 -0.88
C ASP A 235 29.93 48.68 -0.68
N GLY A 236 29.70 47.64 -1.50
CA GLY A 236 30.47 46.40 -1.45
C GLY A 236 30.38 45.64 -0.13
N GLU A 237 29.29 45.83 0.61
CA GLU A 237 29.14 45.25 1.97
C GLU A 237 28.28 43.97 2.00
N VAL A 238 27.90 43.43 0.85
CA VAL A 238 27.03 42.25 0.79
C VAL A 238 27.74 41.07 0.14
N ASP A 239 27.75 39.92 0.82
CA ASP A 239 28.22 38.66 0.24
C ASP A 239 27.14 38.13 -0.72
N VAL A 240 27.29 38.44 -2.00
CA VAL A 240 26.26 38.11 -2.98
C VAL A 240 26.56 36.78 -3.67
N VAL A 241 25.52 36.14 -4.18
CA VAL A 241 25.66 34.94 -5.00
C VAL A 241 25.20 35.24 -6.41
N VAL A 242 26.13 35.22 -7.36
CA VAL A 242 25.82 35.45 -8.77
C VAL A 242 25.37 34.14 -9.42
N LEU A 243 24.10 34.06 -9.78
CA LEU A 243 23.54 32.89 -10.44
C LEU A 243 24.01 32.84 -11.90
N GLU A 244 24.29 31.63 -12.39
CA GLU A 244 24.65 31.42 -13.80
C GLU A 244 23.44 31.71 -14.71
N ASP A 245 23.70 31.91 -16.00
CA ASP A 245 22.61 32.15 -16.96
C ASP A 245 21.84 30.84 -17.21
N PRO A 246 20.52 30.83 -16.94
CA PRO A 246 19.73 29.62 -17.20
C PRO A 246 19.27 29.48 -18.66
N LEU A 247 19.09 30.61 -19.36
CA LEU A 247 18.66 30.61 -20.77
C LEU A 247 19.84 30.84 -21.70
N GLU A 258 22.14 23.38 -24.96
CA GLU A 258 21.77 22.03 -25.42
C GLU A 258 20.96 21.27 -24.36
N PRO A 259 21.58 20.94 -23.20
CA PRO A 259 20.91 20.02 -22.27
C PRO A 259 19.70 20.61 -21.56
N PRO A 260 18.72 19.78 -21.15
CA PRO A 260 17.59 20.33 -20.41
C PRO A 260 18.02 21.02 -19.12
N LEU A 261 17.21 21.98 -18.71
CA LEU A 261 17.36 22.59 -17.40
C LEU A 261 17.11 21.51 -16.35
N PHE A 262 17.82 21.56 -15.22
CA PHE A 262 17.64 20.54 -14.18
C PHE A 262 16.17 20.41 -13.74
N SER A 263 15.42 21.52 -13.86
CA SER A 263 14.02 21.60 -13.46
C SER A 263 13.04 21.23 -14.56
N SER A 264 13.57 20.79 -15.70
CA SER A 264 12.76 20.30 -16.82
C SER A 264 12.45 18.82 -16.66
N HIS A 265 11.33 18.37 -17.23
CA HIS A 265 11.00 16.94 -17.32
C HIS A 265 11.65 16.29 -18.57
N LYS A 266 12.28 17.09 -19.43
CA LYS A 266 12.88 16.54 -20.67
C LYS A 266 13.87 15.43 -20.34
N PRO A 267 13.85 14.33 -21.11
CA PRO A 267 14.79 13.24 -20.79
C PRO A 267 16.26 13.66 -20.90
N ARG A 268 17.09 13.00 -20.10
CA ARG A 268 18.53 13.04 -20.25
C ARG A 268 19.12 11.82 -19.57
N GLY A 269 20.35 11.48 -19.91
CA GLY A 269 20.93 10.18 -19.58
C GLY A 269 20.35 9.08 -20.48
N ASP A 270 20.96 7.90 -20.43
CA ASP A 270 20.44 6.74 -21.13
C ASP A 270 20.43 5.54 -20.21
N PHE A 271 19.37 4.75 -20.28
CA PHE A 271 19.33 3.49 -19.59
C PHE A 271 20.36 2.54 -20.21
N PRO A 272 21.08 1.81 -19.36
CA PRO A 272 22.06 0.85 -19.88
C PRO A 272 21.41 -0.32 -20.62
N SER A 273 20.11 -0.53 -20.41
CA SER A 273 19.36 -1.49 -21.20
C SER A 273 18.22 -0.75 -21.91
N PRO A 274 18.41 -0.41 -23.20
CA PRO A 274 17.49 0.50 -23.88
C PRO A 274 16.03 0.05 -23.85
N ILE A 275 15.13 1.01 -23.66
CA ILE A 275 13.71 0.78 -23.82
C ILE A 275 13.28 1.72 -24.94
N HIS A 276 13.03 1.17 -26.13
CA HIS A 276 12.68 1.98 -27.30
C HIS A 276 11.22 1.84 -27.72
N VAL A 277 10.55 0.78 -27.31
CA VAL A 277 9.15 0.58 -27.71
C VAL A 277 8.21 1.00 -26.57
N SER A 278 6.93 1.19 -26.87
CA SER A 278 5.98 1.53 -25.84
C SER A 278 5.72 0.30 -24.98
N GLY A 279 5.37 0.54 -23.71
CA GLY A 279 5.10 -0.55 -22.78
C GLY A 279 3.74 -1.16 -23.02
N PRO A 280 3.40 -2.20 -22.25
CA PRO A 280 2.07 -2.76 -22.34
C PRO A 280 1.02 -1.72 -21.98
N ARG A 281 -0.17 -1.88 -22.57
CA ARG A 281 -1.28 -0.98 -22.31
C ARG A 281 -2.61 -1.71 -22.26
N LEU A 282 -3.57 -1.11 -21.56
CA LEU A 282 -4.92 -1.66 -21.45
C LEU A 282 -5.68 -1.51 -22.76
N VAL A 283 -6.42 -2.55 -23.15
CA VAL A 283 -7.44 -2.42 -24.19
C VAL A 283 -8.78 -2.74 -23.55
N GLN A 284 -9.84 -2.13 -24.07
CA GLN A 284 -11.19 -2.35 -23.55
C GLN A 284 -12.18 -2.58 -24.69
N PRO A 285 -12.01 -3.69 -25.44
CA PRO A 285 -12.86 -4.00 -26.59
C PRO A 285 -14.34 -4.08 -26.27
N HIS A 286 -14.69 -4.49 -25.06
CA HIS A 286 -16.09 -4.62 -24.68
C HIS A 286 -16.68 -3.33 -24.08
N GLY A 287 -15.87 -2.29 -23.97
CA GLY A 287 -16.30 -1.05 -23.33
C GLY A 287 -16.43 -1.18 -21.82
N PRO A 288 -16.87 -0.10 -21.14
CA PRO A 288 -16.90 -0.08 -19.67
C PRO A 288 -17.80 -1.16 -19.11
N ARG A 289 -17.37 -1.80 -18.03
CA ARG A 289 -18.21 -2.75 -17.33
C ARG A 289 -18.97 -2.08 -16.19
N PHE A 290 -18.61 -0.83 -15.92
CA PHE A 290 -19.38 0.01 -15.01
C PHE A 290 -20.41 0.82 -15.82
N ARG A 291 -21.46 1.28 -15.15
CA ARG A 291 -22.47 2.12 -15.75
C ARG A 291 -22.40 3.52 -15.16
N LEU A 292 -21.80 4.43 -15.92
CA LEU A 292 -21.67 5.81 -15.51
C LEU A 292 -22.72 6.60 -16.27
N GLU A 293 -23.54 7.29 -15.52
CA GLU A 293 -24.60 8.11 -16.07
C GLU A 293 -24.71 9.38 -15.23
N GLY A 294 -24.32 10.52 -15.79
CA GLY A 294 -24.24 11.77 -15.02
C GLY A 294 -23.22 11.60 -13.92
N ASN A 295 -23.61 11.83 -12.67
CA ASN A 295 -22.71 11.63 -11.54
C ASN A 295 -23.06 10.35 -10.77
N ALA A 296 -23.73 9.41 -11.44
CA ALA A 296 -24.12 8.14 -10.83
C ALA A 296 -23.34 6.98 -11.45
N VAL A 297 -22.87 6.08 -10.60
CA VAL A 297 -22.07 4.93 -11.04
C VAL A 297 -22.63 3.63 -10.48
N LEU A 298 -22.75 2.62 -11.34
CA LEU A 298 -23.05 1.25 -10.95
C LEU A 298 -21.85 0.40 -11.39
N TYR A 299 -21.40 -0.50 -10.52
CA TYR A 299 -20.28 -1.37 -10.82
C TYR A 299 -20.39 -2.65 -10.00
N GLY A 300 -20.94 -3.69 -10.65
CA GLY A 300 -21.23 -4.96 -10.00
C GLY A 300 -22.11 -4.76 -8.77
N GLY A 301 -21.51 -4.99 -7.61
CA GLY A 301 -22.20 -4.81 -6.34
C GLY A 301 -22.42 -3.36 -6.00
N TRP A 302 -21.61 -2.48 -6.57
CA TRP A 302 -21.54 -1.08 -6.11
C TRP A 302 -22.56 -0.16 -6.75
N SER A 303 -23.03 0.80 -5.97
CA SER A 303 -23.76 1.94 -6.48
C SER A 303 -23.30 3.17 -5.71
N PHE A 304 -22.98 4.26 -6.39
CA PHE A 304 -22.65 5.51 -5.71
C PHE A 304 -22.83 6.73 -6.61
N ALA A 305 -22.89 7.89 -5.99
CA ALA A 305 -22.88 9.15 -6.70
C ALA A 305 -21.57 9.82 -6.36
N PHE A 306 -21.15 10.80 -7.15
CA PHE A 306 -19.94 11.53 -6.82
C PHE A 306 -20.10 12.98 -7.18
N ARG A 307 -19.20 13.78 -6.65
CA ARG A 307 -19.16 15.19 -6.97
C ARG A 307 -17.77 15.71 -6.67
N LEU A 308 -17.51 16.88 -7.21
CA LEU A 308 -16.23 17.54 -7.04
C LEU A 308 -16.55 18.92 -6.49
N ARG A 309 -16.53 19.04 -5.17
CA ARG A 309 -16.84 20.29 -4.50
C ARG A 309 -15.68 21.24 -4.82
N SER A 310 -15.99 22.39 -5.43
CA SER A 310 -14.95 23.33 -5.87
C SER A 310 -14.05 23.78 -4.72
N SER A 311 -14.62 23.90 -3.52
CA SER A 311 -13.87 24.34 -2.36
C SER A 311 -12.94 23.24 -1.80
N SER A 312 -13.47 22.04 -1.60
CA SER A 312 -12.77 20.98 -0.85
C SER A 312 -12.30 19.76 -1.64
N GLY A 313 -12.94 19.48 -2.80
CA GLY A 313 -12.47 18.43 -3.71
C GLY A 313 -13.39 17.21 -3.77
N LEU A 314 -12.83 16.07 -4.14
CA LEU A 314 -13.60 14.87 -4.50
C LEU A 314 -14.45 14.31 -3.35
N GLN A 315 -15.68 13.90 -3.68
CA GLN A 315 -16.55 13.17 -2.76
C GLN A 315 -17.29 12.05 -3.46
N VAL A 316 -17.43 10.91 -2.78
CA VAL A 316 -18.39 9.90 -3.20
C VAL A 316 -19.50 9.89 -2.18
N LEU A 317 -20.72 9.68 -2.66
CA LEU A 317 -21.91 9.82 -1.83
C LEU A 317 -22.88 8.67 -2.01
N ASN A 318 -23.64 8.39 -0.96
CA ASN A 318 -24.68 7.37 -1.00
C ASN A 318 -24.12 6.05 -1.50
N VAL A 319 -22.98 5.65 -0.96
CA VAL A 319 -22.29 4.47 -1.43
C VAL A 319 -23.02 3.24 -0.90
N HIS A 320 -23.44 2.37 -1.82
CA HIS A 320 -24.02 1.07 -1.50
C HIS A 320 -23.18 -0.03 -2.07
N PHE A 321 -23.27 -1.20 -1.43
CA PHE A 321 -22.85 -2.46 -2.02
C PHE A 321 -23.87 -3.52 -1.68
N GLY A 322 -24.23 -4.35 -2.65
CA GLY A 322 -25.28 -5.35 -2.48
C GLY A 322 -26.66 -4.76 -2.23
N GLY A 323 -26.90 -3.53 -2.66
CA GLY A 323 -28.18 -2.87 -2.40
C GLY A 323 -28.35 -2.35 -0.97
N GLU A 324 -27.27 -2.32 -0.21
CA GLU A 324 -27.30 -1.77 1.13
C GLU A 324 -26.29 -0.63 1.27
N ARG A 325 -26.70 0.44 1.95
CA ARG A 325 -25.82 1.59 2.17
C ARG A 325 -24.67 1.18 3.09
N ILE A 326 -23.50 1.72 2.77
CA ILE A 326 -22.27 1.54 3.54
CA ILE A 326 -22.33 1.54 3.62
C ILE A 326 -21.77 2.89 4.05
N ALA A 327 -21.85 3.90 3.18
CA ALA A 327 -21.37 5.24 3.49
C ALA A 327 -22.21 6.30 2.82
N TYR A 328 -22.71 7.25 3.62
CA TYR A 328 -23.44 8.37 3.06
C TYR A 328 -22.51 9.33 2.34
N GLU A 329 -21.28 9.48 2.85
CA GLU A 329 -20.30 10.40 2.30
C GLU A 329 -18.87 9.98 2.67
N VAL A 330 -17.99 10.01 1.69
CA VAL A 330 -16.56 9.91 1.92
C VAL A 330 -15.98 11.06 1.12
N SER A 331 -15.31 11.98 1.78
CA SER A 331 -14.83 13.19 1.11
C SER A 331 -13.51 13.71 1.63
N VAL A 332 -12.77 14.32 0.71
CA VAL A 332 -11.58 15.09 1.04
C VAL A 332 -11.99 16.36 1.80
N GLN A 333 -11.32 16.63 2.92
CA GLN A 333 -11.63 17.77 3.78
C GLN A 333 -10.54 18.85 3.81
N GLU A 334 -9.27 18.44 3.82
CA GLU A 334 -8.16 19.39 3.87
C GLU A 334 -6.87 18.65 3.44
N ALA A 335 -5.93 19.38 2.87
CA ALA A 335 -4.64 18.83 2.48
C ALA A 335 -3.60 19.90 2.82
N VAL A 336 -2.67 19.53 3.69
CA VAL A 336 -1.73 20.44 4.32
CA VAL A 336 -1.72 20.48 4.24
C VAL A 336 -0.28 20.03 4.05
N ALA A 337 0.60 21.00 3.94
CA ALA A 337 2.04 20.78 3.88
C ALA A 337 2.68 21.74 4.89
N LEU A 338 3.25 21.18 5.95
CA LEU A 338 3.74 21.98 7.10
C LEU A 338 5.24 21.97 7.12
N TYR A 339 5.87 23.15 6.96
CA TYR A 339 7.30 23.24 6.70
C TYR A 339 8.11 23.73 7.88
N GLY A 340 9.42 23.48 7.78
CA GLY A 340 10.40 24.19 8.56
C GLY A 340 11.33 24.84 7.57
N GLY A 341 12.19 25.74 8.04
CA GLY A 341 13.16 26.39 7.16
C GLY A 341 14.15 27.29 7.88
N HIS A 342 15.23 27.58 7.17
CA HIS A 342 16.26 28.55 7.56
C HIS A 342 15.93 29.98 7.09
N THR A 343 15.15 30.09 6.02
CA THR A 343 14.72 31.39 5.53
C THR A 343 13.36 31.77 6.14
N PRO A 344 13.06 33.08 6.22
CA PRO A 344 11.77 33.47 6.79
C PRO A 344 10.56 32.90 6.03
N ALA A 345 10.64 32.80 4.71
CA ALA A 345 9.54 32.22 3.94
C ALA A 345 9.34 30.76 4.32
N GLY A 346 10.46 30.05 4.43
CA GLY A 346 10.47 28.63 4.76
C GLY A 346 9.87 28.36 6.11
N MET A 347 10.27 29.14 7.11
CA MET A 347 9.78 28.91 8.46
C MET A 347 8.36 29.42 8.68
N GLN A 348 7.83 30.18 7.71
CA GLN A 348 6.44 30.63 7.74
C GLN A 348 5.45 29.61 7.19
N THR A 349 5.92 28.72 6.33
CA THR A 349 5.04 27.96 5.44
C THR A 349 4.27 26.84 6.14
N LYS A 350 2.97 27.05 6.25
CA LYS A 350 2.03 26.01 6.58
C LYS A 350 0.89 26.14 5.58
N TYR A 351 0.99 25.41 4.47
CA TYR A 351 -0.01 25.52 3.39
C TYR A 351 -1.22 24.65 3.68
N LEU A 352 -2.41 25.27 3.69
CA LEU A 352 -3.68 24.55 3.78
C LEU A 352 -4.41 24.74 2.45
N ASP A 353 -4.41 23.70 1.61
CA ASP A 353 -4.78 23.85 0.21
C ASP A 353 -6.27 24.10 -0.05
N VAL A 354 -7.16 23.85 0.90
CA VAL A 354 -8.57 24.22 0.70
C VAL A 354 -8.71 25.75 0.61
N GLY A 355 -7.79 26.48 1.22
CA GLY A 355 -7.76 27.93 1.11
C GLY A 355 -7.32 28.45 -0.25
N TRP A 356 -6.94 27.53 -1.13
CA TRP A 356 -6.52 27.85 -2.49
C TRP A 356 -7.41 27.21 -3.55
N GLY A 357 -8.52 26.63 -3.13
CA GLY A 357 -9.46 25.98 -4.05
C GLY A 357 -8.94 24.64 -4.52
N LEU A 358 -8.63 23.76 -3.57
CA LEU A 358 -8.20 22.39 -3.84
C LEU A 358 -9.12 21.66 -4.84
N GLY A 359 -10.41 21.92 -4.74
CA GLY A 359 -11.39 21.30 -5.64
C GLY A 359 -11.57 21.99 -6.99
N SER A 360 -10.94 23.15 -7.17
CA SER A 360 -11.07 23.96 -8.39
CA SER A 360 -11.07 23.95 -8.40
C SER A 360 -9.84 23.87 -9.32
N VAL A 361 -8.74 23.29 -8.83
CA VAL A 361 -7.54 23.16 -9.64
C VAL A 361 -7.41 21.75 -10.25
N THR A 362 -8.54 21.25 -10.72
CA THR A 362 -8.67 19.92 -11.31
C THR A 362 -8.36 19.99 -12.81
N HIS A 363 -7.08 20.10 -13.14
CA HIS A 363 -6.68 20.38 -14.51
C HIS A 363 -6.62 19.12 -15.37
N GLU A 364 -6.54 19.34 -16.67
CA GLU A 364 -6.80 18.33 -17.64
C GLU A 364 -5.93 17.11 -17.48
N LEU A 365 -6.59 15.97 -17.31
CA LEU A 365 -5.95 14.69 -17.25
C LEU A 365 -5.53 14.26 -18.66
N ALA A 366 -4.27 13.82 -18.79
CA ALA A 366 -3.72 13.34 -20.05
C ALA A 366 -4.00 11.85 -20.24
N PRO A 367 -4.78 11.49 -21.27
CA PRO A 367 -5.10 10.11 -21.52
C PRO A 367 -3.87 9.30 -21.81
N GLY A 368 -3.79 8.13 -21.21
CA GLY A 368 -2.64 7.26 -21.35
C GLY A 368 -1.54 7.50 -20.33
N ILE A 369 -1.63 8.61 -19.57
CA ILE A 369 -0.61 8.98 -18.58
C ILE A 369 -1.30 9.12 -17.22
N ASP A 370 -2.15 10.13 -17.09
CA ASP A 370 -2.88 10.40 -15.83
C ASP A 370 -3.94 9.35 -15.54
N CYS A 371 -4.64 8.91 -16.57
CA CYS A 371 -5.51 7.75 -16.51
C CYS A 371 -5.21 6.89 -17.74
N PRO A 372 -5.67 5.63 -17.74
CA PRO A 372 -5.50 4.82 -18.94
C PRO A 372 -6.23 5.41 -20.14
N GLU A 373 -5.75 5.04 -21.33
CA GLU A 373 -6.31 5.49 -22.60
C GLU A 373 -7.75 5.05 -22.75
N THR A 374 -8.09 3.99 -22.04
CA THR A 374 -9.42 3.40 -22.04
C THR A 374 -10.41 4.02 -21.03
N ALA A 375 -9.94 4.99 -20.26
CA ALA A 375 -10.76 5.63 -19.23
C ALA A 375 -11.87 6.48 -19.83
N THR A 376 -12.93 6.64 -19.05
CA THR A 376 -13.95 7.62 -19.39
C THR A 376 -13.52 8.92 -18.71
N PHE A 377 -13.29 9.96 -19.51
CA PHE A 377 -12.88 11.27 -19.02
C PHE A 377 -14.08 12.19 -18.94
N LEU A 378 -14.15 13.00 -17.89
CA LEU A 378 -15.32 13.82 -17.58
C LEU A 378 -14.93 15.29 -17.41
N ASP A 379 -15.67 16.17 -18.07
CA ASP A 379 -15.49 17.61 -17.93
C ASP A 379 -16.28 18.11 -16.73
N THR A 380 -15.90 19.28 -16.20
CA THR A 380 -16.77 20.00 -15.27
C THR A 380 -16.63 21.50 -15.40
N PHE A 381 -17.39 22.23 -14.60
CA PHE A 381 -17.30 23.69 -14.51
C PHE A 381 -17.03 24.09 -13.08
N HIS A 382 -16.13 25.06 -12.93
CA HIS A 382 -15.92 25.71 -11.64
C HIS A 382 -16.19 27.19 -11.78
N TYR A 383 -16.71 27.78 -10.71
CA TYR A 383 -16.75 29.22 -10.54
C TYR A 383 -15.95 29.53 -9.28
N TYR A 384 -14.67 29.81 -9.45
CA TYR A 384 -13.79 30.13 -8.33
C TYR A 384 -12.82 31.20 -8.81
N ASP A 385 -12.98 32.42 -8.29
CA ASP A 385 -12.14 33.56 -8.68
C ASP A 385 -12.14 33.77 -10.20
N ALA A 386 -13.33 33.81 -10.78
CA ALA A 386 -13.51 33.91 -12.22
C ALA A 386 -14.60 34.93 -12.53
N ASP A 387 -14.52 35.51 -13.71
CA ASP A 387 -15.57 36.41 -14.20
C ASP A 387 -16.79 35.65 -14.68
N ASP A 388 -16.59 34.40 -15.09
CA ASP A 388 -17.68 33.57 -15.60
C ASP A 388 -17.37 32.12 -15.24
N PRO A 389 -18.40 31.25 -15.22
CA PRO A 389 -18.13 29.81 -15.03
C PRO A 389 -17.10 29.32 -16.04
N VAL A 390 -16.14 28.53 -15.58
CA VAL A 390 -15.02 28.09 -16.41
C VAL A 390 -15.12 26.59 -16.69
N HIS A 391 -14.90 26.20 -17.95
CA HIS A 391 -14.95 24.80 -18.36
C HIS A 391 -13.58 24.16 -18.13
N TYR A 392 -13.57 23.04 -17.41
CA TYR A 392 -12.36 22.29 -17.11
C TYR A 392 -12.45 20.96 -17.85
N PRO A 393 -11.69 20.82 -18.94
CA PRO A 393 -11.78 19.57 -19.69
C PRO A 393 -11.09 18.41 -18.94
N ARG A 394 -11.71 17.24 -18.93
CA ARG A 394 -11.11 16.06 -18.30
C ARG A 394 -10.61 16.33 -16.88
N ALA A 395 -11.49 16.94 -16.09
CA ALA A 395 -11.23 17.22 -14.69
C ALA A 395 -11.16 15.91 -13.90
N LEU A 396 -11.94 14.91 -14.33
CA LEU A 396 -12.03 13.60 -13.67
C LEU A 396 -11.93 12.46 -14.68
N CYS A 397 -11.61 11.27 -14.20
CA CYS A 397 -11.72 10.07 -15.01
C CYS A 397 -12.22 8.89 -14.18
N LEU A 398 -12.86 7.95 -14.86
CA LEU A 398 -13.39 6.77 -14.22
C LEU A 398 -12.99 5.62 -15.12
N PHE A 399 -12.38 4.60 -14.53
CA PHE A 399 -11.84 3.50 -15.29
C PHE A 399 -11.69 2.22 -14.49
N GLU A 400 -11.80 1.10 -15.20
CA GLU A 400 -11.53 -0.19 -14.62
C GLU A 400 -10.15 -0.63 -15.11
N MET A 401 -9.35 -1.15 -14.19
CA MET A 401 -8.04 -1.65 -14.53
C MET A 401 -7.75 -2.95 -13.82
N PRO A 402 -7.06 -3.86 -14.51
CA PRO A 402 -6.59 -5.03 -13.81
C PRO A 402 -5.57 -4.62 -12.77
N THR A 403 -5.63 -5.23 -11.60
CA THR A 403 -4.69 -4.90 -10.53
C THR A 403 -3.36 -5.62 -10.70
N GLY A 404 -3.33 -6.62 -11.58
CA GLY A 404 -2.17 -7.47 -11.73
C GLY A 404 -2.04 -8.52 -10.63
N VAL A 405 -3.03 -8.60 -9.74
CA VAL A 405 -3.03 -9.65 -8.72
C VAL A 405 -4.44 -10.24 -8.60
N PRO A 406 -4.54 -11.58 -8.55
CA PRO A 406 -5.91 -12.12 -8.45
C PRO A 406 -6.61 -11.71 -7.17
N LEU A 407 -7.92 -11.46 -7.25
CA LEU A 407 -8.72 -11.20 -6.05
C LEU A 407 -8.67 -12.40 -5.11
N ARG A 408 -8.78 -13.59 -5.68
CA ARG A 408 -8.60 -14.83 -4.93
C ARG A 408 -8.14 -15.88 -5.89
N ARG A 409 -7.34 -16.81 -5.39
CA ARG A 409 -6.91 -17.95 -6.19
C ARG A 409 -6.51 -19.07 -5.25
N HIS A 410 -6.69 -20.31 -5.72
CA HIS A 410 -6.22 -21.46 -4.98
C HIS A 410 -5.88 -22.59 -5.92
N PHE A 411 -4.71 -23.17 -5.72
CA PHE A 411 -4.32 -24.42 -6.33
C PHE A 411 -4.56 -25.58 -5.35
N ASN A 412 -5.53 -26.43 -5.67
CA ASN A 412 -5.90 -27.52 -4.75
C ASN A 412 -5.14 -28.77 -5.19
N SER A 413 -3.94 -28.96 -4.62
CA SER A 413 -3.06 -30.05 -5.05
C SER A 413 -3.65 -31.38 -4.62
N ASN A 414 -3.32 -32.46 -5.33
CA ASN A 414 -3.63 -33.80 -4.83
C ASN A 414 -2.39 -34.43 -4.17
N PHE A 415 -1.29 -33.68 -4.13
CA PHE A 415 -0.07 -34.09 -3.41
C PHE A 415 0.57 -35.36 -3.97
N LYS A 416 0.25 -35.68 -5.22
CA LYS A 416 0.89 -36.80 -5.91
C LYS A 416 1.13 -36.48 -7.38
N GLY A 417 1.57 -35.27 -7.66
CA GLY A 417 1.94 -34.86 -9.02
C GLY A 417 0.83 -34.22 -9.85
N GLY A 418 -0.32 -33.98 -9.23
CA GLY A 418 -1.48 -33.45 -9.92
C GLY A 418 -2.32 -32.58 -9.02
N PHE A 419 -3.56 -32.35 -9.41
CA PHE A 419 -4.42 -31.40 -8.71
C PHE A 419 -5.88 -31.84 -8.74
N ASN A 420 -6.67 -31.33 -7.80
CA ASN A 420 -8.12 -31.53 -7.81
C ASN A 420 -8.81 -30.43 -8.57
N PHE A 421 -8.28 -29.22 -8.43
CA PHE A 421 -8.72 -28.08 -9.22
C PHE A 421 -7.79 -26.90 -8.98
N TYR A 422 -7.82 -25.97 -9.93
CA TYR A 422 -7.30 -24.61 -9.76
C TYR A 422 -8.49 -23.67 -9.87
N ALA A 423 -8.64 -22.75 -8.93
CA ALA A 423 -9.68 -21.71 -9.02
C ALA A 423 -9.02 -20.36 -8.91
N GLY A 424 -9.47 -19.42 -9.73
CA GLY A 424 -8.97 -18.06 -9.67
C GLY A 424 -9.94 -17.04 -10.23
N LEU A 425 -9.88 -15.83 -9.67
CA LEU A 425 -10.66 -14.69 -10.14
C LEU A 425 -9.68 -13.57 -10.49
N LYS A 426 -9.64 -13.20 -11.76
CA LYS A 426 -8.75 -12.12 -12.24
C LYS A 426 -9.00 -10.83 -11.47
N GLY A 427 -7.93 -10.16 -11.06
CA GLY A 427 -8.05 -8.90 -10.32
C GLY A 427 -8.39 -7.73 -11.20
N GLN A 428 -9.51 -7.04 -10.86
CA GLN A 428 -9.92 -5.79 -11.48
C GLN A 428 -10.37 -4.83 -10.37
N VAL A 429 -10.24 -3.53 -10.63
CA VAL A 429 -10.74 -2.48 -9.73
CA VAL A 429 -10.74 -2.50 -9.73
C VAL A 429 -11.24 -1.29 -10.52
N LEU A 430 -12.24 -0.60 -9.97
CA LEU A 430 -12.80 0.62 -10.55
C LEU A 430 -12.13 1.79 -9.84
N VAL A 431 -11.64 2.76 -10.61
CA VAL A 431 -10.95 3.91 -10.06
C VAL A 431 -11.65 5.18 -10.54
N LEU A 432 -12.12 5.99 -9.58
CA LEU A 432 -12.58 7.36 -9.77
C LEU A 432 -11.47 8.28 -9.32
N ARG A 433 -11.06 9.19 -10.18
CA ARG A 433 -9.85 9.98 -9.97
C ARG A 433 -10.01 11.41 -10.44
N THR A 434 -9.42 12.31 -9.67
CA THR A 434 -9.21 13.69 -10.09
C THR A 434 -7.84 14.08 -9.54
N THR A 435 -7.42 15.29 -9.81
CA THR A 435 -6.18 15.81 -9.29
C THR A 435 -6.42 17.17 -8.71
N SER A 436 -5.42 17.68 -8.01
CA SER A 436 -5.39 19.07 -7.62
C SER A 436 -3.97 19.55 -7.84
N THR A 437 -3.81 20.53 -8.71
CA THR A 437 -2.53 21.18 -8.87
C THR A 437 -2.70 22.60 -8.39
N VAL A 438 -2.53 22.79 -7.08
CA VAL A 438 -2.74 24.14 -6.52
C VAL A 438 -1.70 25.11 -7.10
N TYR A 439 -0.43 24.70 -7.07
CA TYR A 439 0.63 25.56 -7.55
C TYR A 439 1.80 24.68 -7.99
N ASN A 440 2.65 24.28 -7.03
CA ASN A 440 3.76 23.35 -7.29
C ASN A 440 3.40 21.85 -7.11
N ASP A 442 1.26 18.41 -7.34
CA ASP A 442 0.16 17.72 -8.00
C ASP A 442 -0.24 16.55 -7.11
N TYR A 443 -1.43 16.67 -6.53
CA TYR A 443 -2.02 15.60 -5.74
C TYR A 443 -3.01 14.84 -6.61
N ILE A 444 -2.87 13.52 -6.62
CA ILE A 444 -3.75 12.66 -7.36
C ILE A 444 -4.70 11.96 -6.37
N TRP A 445 -6.00 12.19 -6.55
CA TRP A 445 -7.04 11.72 -5.64
C TRP A 445 -7.82 10.57 -6.24
N ASP A 446 -7.75 9.40 -5.61
CA ASP A 446 -8.47 8.22 -6.08
C ASP A 446 -9.48 7.75 -5.02
N PHE A 447 -10.65 7.33 -5.49
CA PHE A 447 -11.48 6.40 -4.75
C PHE A 447 -11.57 5.14 -5.59
N ILE A 448 -11.35 4.00 -4.94
CA ILE A 448 -11.10 2.73 -5.61
C ILE A 448 -12.10 1.69 -5.09
N PHE A 449 -12.74 0.97 -6.01
CA PHE A 449 -13.79 0.03 -5.66
C PHE A 449 -13.46 -1.36 -6.20
N TYR A 450 -13.31 -2.31 -5.28
CA TYR A 450 -12.98 -3.69 -5.61
C TYR A 450 -14.26 -4.48 -5.68
N PRO A 451 -14.30 -5.53 -6.51
CA PRO A 451 -15.54 -6.29 -6.68
C PRO A 451 -16.02 -7.05 -5.44
N ASN A 452 -15.17 -7.19 -4.41
CA ASN A 452 -15.59 -7.82 -3.14
C ASN A 452 -16.00 -6.85 -2.03
N GLY A 453 -16.35 -5.62 -2.39
CA GLY A 453 -16.93 -4.67 -1.44
C GLY A 453 -15.91 -3.86 -0.66
N VAL A 454 -14.64 -4.01 -1.02
CA VAL A 454 -13.58 -3.20 -0.43
C VAL A 454 -13.49 -1.87 -1.18
N MET A 455 -13.46 -0.77 -0.44
N MET A 455 -13.51 -0.77 -0.42
CA MET A 455 -13.14 0.49 -1.08
CA MET A 455 -13.29 0.60 -0.96
C MET A 455 -11.99 1.14 -0.40
C MET A 455 -11.97 1.11 -0.40
N GLU A 456 -11.26 1.91 -1.18
CA GLU A 456 -9.99 2.48 -0.76
C GLU A 456 -9.97 3.93 -1.19
N ALA A 457 -9.43 4.77 -0.31
CA ALA A 457 -9.16 6.15 -0.64
C ALA A 457 -7.66 6.29 -0.67
N LYS A 458 -7.16 6.98 -1.70
CA LYS A 458 -5.74 7.13 -1.85
C LYS A 458 -5.41 8.52 -2.38
N MET A 459 -4.34 9.12 -1.88
CA MET A 459 -3.77 10.33 -2.46
C MET A 459 -2.30 10.05 -2.81
N HIS A 460 -1.90 10.36 -4.05
CA HIS A 460 -0.52 10.24 -4.48
C HIS A 460 0.08 11.63 -4.68
N ALA A 461 1.27 11.89 -4.15
CA ALA A 461 1.95 13.18 -4.31
C ALA A 461 2.96 13.17 -5.45
N THR A 462 2.84 14.13 -6.35
CA THR A 462 3.89 14.36 -7.33
C THR A 462 4.00 15.88 -7.59
N GLY A 463 4.68 16.27 -8.66
CA GLY A 463 4.90 17.69 -8.96
C GLY A 463 6.18 18.18 -8.31
N TYR A 464 6.31 19.50 -8.16
CA TYR A 464 7.52 20.13 -7.65
C TYR A 464 7.46 20.39 -6.15
N VAL A 465 8.59 20.21 -5.49
CA VAL A 465 8.72 20.54 -4.07
C VAL A 465 8.72 22.04 -3.81
N HIS A 466 8.31 22.41 -2.60
CA HIS A 466 8.43 23.78 -2.09
C HIS A 466 9.89 23.94 -1.67
N ALA A 467 10.59 24.87 -2.30
CA ALA A 467 12.04 24.97 -2.13
C ALA A 467 12.45 26.41 -1.86
N THR A 468 13.58 26.56 -1.16
CA THR A 468 14.12 27.86 -0.82
C THR A 468 15.62 27.91 -1.19
N PHE A 469 16.24 29.08 -1.01
CA PHE A 469 17.61 29.33 -1.44
C PHE A 469 18.60 28.65 -0.51
N TYR A 470 19.60 27.99 -1.07
CA TYR A 470 20.57 27.28 -0.24
C TYR A 470 21.46 28.22 0.55
N THR A 471 21.58 27.95 1.84
CA THR A 471 22.73 28.37 2.64
C THR A 471 23.06 27.19 3.54
N PRO A 472 24.28 27.16 4.12
CA PRO A 472 24.67 26.06 5.03
C PRO A 472 23.70 25.86 6.19
N GLU A 473 23.14 26.96 6.68
CA GLU A 473 22.15 26.93 7.76
C GLU A 473 20.88 26.17 7.38
N GLY A 474 20.58 26.11 6.08
CA GLY A 474 19.40 25.39 5.59
C GLY A 474 19.44 23.89 5.75
N LEU A 475 20.63 23.34 5.96
CA LEU A 475 20.76 21.90 6.16
C LEU A 475 20.13 21.40 7.46
N ARG A 476 19.86 22.30 8.41
CA ARG A 476 19.10 21.90 9.58
C ARG A 476 17.58 21.74 9.32
N HIS A 477 17.09 22.18 8.16
CA HIS A 477 15.64 22.20 7.88
C HIS A 477 15.30 21.65 6.50
N GLY A 478 16.19 20.84 5.94
CA GLY A 478 16.04 20.41 4.56
C GLY A 478 17.32 19.88 3.95
N THR A 479 17.25 19.65 2.64
CA THR A 479 18.27 18.92 1.93
C THR A 479 18.69 19.74 0.72
N ARG A 480 19.99 19.87 0.51
CA ARG A 480 20.51 20.51 -0.69
C ARG A 480 20.24 19.63 -1.90
N LEU A 481 19.50 20.17 -2.87
CA LEU A 481 19.07 19.42 -4.06
C LEU A 481 19.73 19.85 -5.36
N HIS A 482 20.29 21.06 -5.34
CA HIS A 482 21.03 21.60 -6.48
C HIS A 482 21.92 22.69 -5.93
N THR A 483 22.66 23.36 -6.82
CA THR A 483 23.65 24.36 -6.42
C THR A 483 23.07 25.39 -5.47
N HIS A 484 21.94 25.97 -5.83
CA HIS A 484 21.35 27.06 -5.02
C HIS A 484 20.01 26.69 -4.36
N LEU A 485 19.77 25.39 -4.18
CA LEU A 485 18.44 24.88 -3.90
C LEU A 485 18.39 23.98 -2.67
N ILE A 486 17.58 24.37 -1.68
CA ILE A 486 17.22 23.51 -0.55
C ILE A 486 15.75 23.05 -0.72
N GLY A 487 15.53 21.75 -0.60
CA GLY A 487 14.19 21.22 -0.42
C GLY A 487 13.88 21.19 1.06
N ASN A 488 12.94 22.02 1.48
CA ASN A 488 12.55 22.12 2.87
C ASN A 488 11.83 20.89 3.39
N ILE A 489 12.18 20.51 4.62
CA ILE A 489 11.53 19.46 5.35
C ILE A 489 10.07 19.85 5.58
N HIS A 490 9.18 18.88 5.43
CA HIS A 490 7.77 19.10 5.66
C HIS A 490 7.02 17.82 5.90
N THR A 491 5.82 17.94 6.43
CA THR A 491 4.91 16.82 6.54
C THR A 491 3.66 17.08 5.73
N HIS A 492 3.24 16.09 4.95
CA HIS A 492 1.97 16.15 4.25
C HIS A 492 0.92 15.56 5.17
N LEU A 493 -0.18 16.27 5.38
CA LEU A 493 -1.31 15.72 6.14
C LEU A 493 -2.61 15.93 5.37
N VAL A 494 -3.41 14.87 5.27
CA VAL A 494 -4.70 14.93 4.59
C VAL A 494 -5.79 14.49 5.56
N HIS A 495 -6.92 15.22 5.56
CA HIS A 495 -8.08 14.86 6.38
C HIS A 495 -9.22 14.40 5.50
N TYR A 496 -9.82 13.27 5.85
CA TYR A 496 -11.01 12.75 5.18
C TYR A 496 -12.19 12.66 6.13
N ARG A 497 -13.36 12.97 5.60
CA ARG A 497 -14.61 12.73 6.30
C ARG A 497 -15.17 11.45 5.77
N VAL A 498 -15.51 10.55 6.68
CA VAL A 498 -16.00 9.22 6.32
C VAL A 498 -17.29 8.95 7.10
N ASP A 499 -18.39 9.45 6.54
CA ASP A 499 -19.70 9.28 7.14
C ASP A 499 -20.22 7.93 6.73
N LEU A 500 -19.77 6.92 7.45
CA LEU A 500 -20.25 5.57 7.29
C LEU A 500 -21.66 5.49 7.87
N ASP A 501 -22.54 4.89 7.07
CA ASP A 501 -23.91 4.57 7.44
C ASP A 501 -24.03 3.07 7.18
N VAL A 502 -23.48 2.27 8.08
CA VAL A 502 -23.34 0.85 7.80
C VAL A 502 -24.71 0.17 7.89
N ALA A 503 -25.24 -0.21 6.74
CA ALA A 503 -26.57 -0.81 6.63
C ALA A 503 -27.64 0.10 7.21
N GLY A 504 -27.40 1.40 7.21
CA GLY A 504 -28.35 2.34 7.80
C GLY A 504 -27.61 3.40 8.61
N THR A 505 -28.40 4.34 9.13
CA THR A 505 -27.86 5.53 9.77
C THR A 505 -27.30 5.20 11.13
N LYS A 506 -27.97 4.31 11.88
CA LYS A 506 -27.62 4.06 13.28
C LYS A 506 -26.55 2.98 13.41
N ASN A 507 -25.38 3.39 13.89
CA ASN A 507 -24.25 2.49 14.08
C ASN A 507 -23.66 2.64 15.46
N SER A 508 -22.77 1.70 15.77
CA SER A 508 -21.91 1.78 16.93
CA SER A 508 -21.90 1.78 16.93
C SER A 508 -20.47 1.54 16.45
N PHE A 509 -19.52 1.65 17.37
CA PHE A 509 -18.12 1.49 17.06
C PHE A 509 -17.46 0.60 18.10
N GLN A 510 -16.75 -0.41 17.61
CA GLN A 510 -16.01 -1.30 18.48
C GLN A 510 -14.66 -1.63 17.85
N THR A 511 -13.74 -2.05 18.69
CA THR A 511 -12.43 -2.49 18.23
C THR A 511 -12.15 -3.91 18.68
N LEU A 512 -11.31 -4.61 17.93
CA LEU A 512 -10.85 -5.94 18.29
C LEU A 512 -9.33 -5.93 18.38
N GLN A 513 -8.83 -6.64 19.38
CA GLN A 513 -7.42 -6.82 19.62
C GLN A 513 -7.19 -8.30 19.91
N MET A 514 -5.98 -8.77 19.64
CA MET A 514 -5.55 -10.08 20.11
C MET A 514 -4.94 -9.89 21.50
N LYS A 515 -5.34 -10.74 22.44
CA LYS A 515 -4.73 -10.77 23.77
C LYS A 515 -4.36 -12.21 24.11
N LEU A 516 -3.21 -12.41 24.74
CA LEU A 516 -2.77 -13.76 25.06
C LEU A 516 -3.42 -14.22 26.34
N GLU A 517 -3.71 -15.52 26.41
CA GLU A 517 -4.06 -16.16 27.67
C GLU A 517 -2.98 -17.19 27.98
N ASN A 518 -2.92 -17.58 29.24
CA ASN A 518 -1.98 -18.57 29.72
C ASN A 518 -2.76 -19.58 30.54
N ILE A 519 -3.02 -20.74 29.93
CA ILE A 519 -3.85 -21.76 30.53
C ILE A 519 -3.09 -23.08 30.61
N THR A 520 -3.62 -23.98 31.42
CA THR A 520 -3.17 -25.36 31.49
C THR A 520 -3.44 -26.05 30.16
N ASN A 521 -2.44 -26.73 29.62
CA ASN A 521 -2.63 -27.53 28.41
C ASN A 521 -3.63 -28.65 28.72
N PRO A 522 -4.83 -28.61 28.07
CA PRO A 522 -5.94 -29.47 28.42
C PRO A 522 -5.77 -30.94 28.12
N TRP A 523 -4.69 -31.31 27.43
CA TRP A 523 -4.38 -32.71 27.13
C TRP A 523 -3.00 -33.13 27.66
N SER A 524 -2.27 -32.20 28.28
CA SER A 524 -0.97 -32.46 28.90
C SER A 524 -0.84 -31.56 30.14
N PRO A 525 -1.41 -31.98 31.28
CA PRO A 525 -1.55 -31.11 32.47
C PRO A 525 -0.24 -30.54 33.04
N ARG A 526 0.89 -31.17 32.79
CA ARG A 526 2.18 -30.61 33.23
C ARG A 526 2.64 -29.42 32.38
N HIS A 527 1.84 -29.03 31.37
CA HIS A 527 2.25 -27.99 30.43
C HIS A 527 1.26 -26.85 30.33
N ARG A 528 1.70 -25.79 29.67
CA ARG A 528 0.90 -24.60 29.46
C ARG A 528 0.56 -24.44 27.97
N VAL A 529 -0.54 -23.73 27.72
CA VAL A 529 -0.81 -23.18 26.39
C VAL A 529 -0.89 -21.66 26.59
N VAL A 530 0.05 -20.95 25.99
CA VAL A 530 0.04 -19.50 25.93
C VAL A 530 -0.42 -19.14 24.52
N GLN A 531 -1.63 -18.62 24.39
CA GLN A 531 -2.22 -18.45 23.06
C GLN A 531 -3.10 -17.20 22.88
N PRO A 532 -3.29 -16.76 21.62
CA PRO A 532 -4.20 -15.66 21.31
C PRO A 532 -5.64 -15.91 21.70
N THR A 533 -6.26 -14.92 22.30
CA THR A 533 -7.71 -14.85 22.37
C THR A 533 -8.17 -13.57 21.70
N LEU A 534 -9.45 -13.52 21.36
CA LEU A 534 -10.03 -12.39 20.66
C LEU A 534 -10.67 -11.49 21.70
N GLU A 535 -10.19 -10.26 21.82
CA GLU A 535 -10.71 -9.29 22.78
C GLU A 535 -11.44 -8.16 22.06
N GLN A 536 -12.63 -7.87 22.54
CA GLN A 536 -13.55 -6.90 21.94
C GLN A 536 -13.74 -5.72 22.89
N THR A 537 -13.60 -4.49 22.40
CA THR A 537 -13.83 -3.28 23.21
C THR A 537 -14.95 -2.46 22.61
N GLN A 538 -15.90 -2.10 23.47
CA GLN A 538 -17.06 -1.29 23.06
C GLN A 538 -16.80 0.16 23.42
N TYR A 539 -17.33 1.07 22.62
CA TYR A 539 -17.10 2.48 22.84
C TYR A 539 -18.45 3.17 23.04
N SER A 540 -18.52 4.01 24.07
CA SER A 540 -19.77 4.67 24.43
C SER A 540 -19.78 6.17 24.14
N TRP A 541 -18.63 6.82 24.18
CA TRP A 541 -18.57 8.28 24.11
C TRP A 541 -17.51 8.74 23.13
N GLU A 542 -17.74 9.90 22.50
CA GLU A 542 -16.82 10.40 21.48
C GLU A 542 -15.35 10.34 21.90
N ARG A 543 -15.04 10.78 23.12
CA ARG A 543 -13.66 10.94 23.55
CA ARG A 543 -13.65 10.94 23.55
C ARG A 543 -12.91 9.60 23.57
N GLN A 544 -13.62 8.53 23.86
CA GLN A 544 -13.03 7.18 23.89
C GLN A 544 -12.55 6.74 22.50
N ALA A 545 -13.21 7.22 21.46
CA ALA A 545 -12.92 6.84 20.09
C ALA A 545 -12.12 7.93 19.35
N ALA A 546 -11.57 8.88 20.10
CA ALA A 546 -10.69 9.89 19.51
C ALA A 546 -9.26 9.42 19.76
N PHE A 547 -8.68 8.74 18.78
CA PHE A 547 -7.37 8.12 18.97
C PHE A 547 -6.30 9.11 18.61
N ARG A 548 -5.44 9.43 19.55
CA ARG A 548 -4.33 10.35 19.29
C ARG A 548 -3.18 9.56 18.70
N PHE A 549 -2.16 10.26 18.23
CA PHE A 549 -1.03 9.61 17.55
C PHE A 549 -0.08 8.92 18.54
N LYS A 550 -0.13 9.31 19.82
CA LYS A 550 0.66 8.62 20.86
C LYS A 550 0.09 7.22 21.11
N ARG A 551 -1.23 7.17 21.32
CA ARG A 551 -1.98 5.90 21.48
C ARG A 551 -1.68 4.87 20.37
N LYS A 552 -1.58 3.59 20.77
CA LYS A 552 -1.58 2.47 19.81
C LYS A 552 -2.96 2.39 19.14
N LEU A 553 -2.99 2.34 17.81
CA LEU A 553 -4.27 2.22 17.08
C LEU A 553 -4.66 0.73 17.08
N PRO A 554 -5.85 0.39 17.61
CA PRO A 554 -6.27 -1.01 17.57
C PRO A 554 -6.29 -1.56 16.14
N LYS A 555 -5.95 -2.84 16.00
CA LYS A 555 -5.80 -3.46 14.68
C LYS A 555 -7.12 -3.64 13.94
N TYR A 556 -8.25 -3.68 14.66
CA TYR A 556 -9.57 -3.78 14.02
C TYR A 556 -10.45 -2.64 14.47
N LEU A 557 -10.72 -1.72 13.57
CA LEU A 557 -11.58 -0.57 13.85
C LEU A 557 -12.89 -0.81 13.10
N LEU A 558 -13.95 -1.10 13.85
CA LEU A 558 -15.18 -1.63 13.29
C LEU A 558 -16.37 -0.70 13.52
N PHE A 559 -17.11 -0.43 12.46
CA PHE A 559 -18.33 0.35 12.54
C PHE A 559 -19.47 -0.59 12.29
N THR A 560 -20.31 -0.77 13.29
CA THR A 560 -21.22 -1.90 13.32
C THR A 560 -22.66 -1.46 13.16
N SER A 561 -23.46 -2.39 12.66
CA SER A 561 -24.91 -2.29 12.63
C SER A 561 -25.45 -3.28 13.66
N PRO A 562 -26.58 -2.97 14.30
CA PRO A 562 -27.14 -3.99 15.22
C PRO A 562 -27.51 -5.34 14.54
N GLN A 563 -27.77 -5.35 13.25
CA GLN A 563 -28.11 -6.58 12.52
C GLN A 563 -26.97 -7.59 12.53
N GLU A 564 -27.30 -8.87 12.75
CA GLU A 564 -26.29 -9.93 12.70
C GLU A 564 -26.36 -10.63 11.36
N ASN A 565 -25.21 -11.15 10.91
CA ASN A 565 -25.18 -12.01 9.73
C ASN A 565 -25.73 -13.38 10.11
N PRO A 566 -25.79 -14.34 9.17
CA PRO A 566 -26.40 -15.63 9.52
C PRO A 566 -25.60 -16.50 10.53
N TRP A 567 -24.39 -16.08 10.89
CA TRP A 567 -23.54 -16.84 11.80
C TRP A 567 -23.47 -16.19 13.18
N GLY A 568 -24.30 -15.16 13.40
CA GLY A 568 -24.44 -14.53 14.72
C GLY A 568 -23.49 -13.38 15.02
N HIS A 569 -22.85 -12.85 13.98
CA HIS A 569 -21.88 -11.78 14.16
C HIS A 569 -22.43 -10.50 13.57
N LYS A 570 -22.21 -9.39 14.29
CA LYS A 570 -22.71 -8.09 13.88
C LYS A 570 -22.14 -7.71 12.52
N ARG A 571 -23.01 -7.19 11.66
CA ARG A 571 -22.62 -6.73 10.34
C ARG A 571 -21.84 -5.46 10.50
N SER A 572 -20.65 -5.37 9.90
CA SER A 572 -19.75 -4.24 10.13
CA SER A 572 -19.78 -4.23 10.11
C SER A 572 -18.86 -3.94 8.92
N TYR A 573 -18.29 -2.74 8.94
CA TYR A 573 -17.26 -2.35 7.99
C TYR A 573 -16.05 -1.92 8.80
N ARG A 574 -14.90 -2.39 8.35
CA ARG A 574 -13.64 -2.19 9.01
C ARG A 574 -12.89 -1.08 8.30
N LEU A 575 -12.39 -0.15 9.09
CA LEU A 575 -11.57 0.95 8.61
C LEU A 575 -10.10 0.61 8.90
N GLN A 576 -9.29 0.67 7.87
CA GLN A 576 -7.90 0.33 7.96
C GLN A 576 -7.09 1.46 7.36
N ILE A 577 -6.21 2.05 8.15
CA ILE A 577 -5.51 3.25 7.75
C ILE A 577 -4.10 2.89 7.27
N HIS A 578 -3.71 3.47 6.14
N HIS A 578 -3.71 3.41 6.10
CA HIS A 578 -2.35 3.35 5.61
CA HIS A 578 -2.32 3.35 5.59
C HIS A 578 -1.70 4.73 5.65
C HIS A 578 -1.71 4.75 5.67
N SER A 579 -0.83 4.93 6.64
CA SER A 579 -0.25 6.23 6.89
C SER A 579 1.07 6.12 7.64
N MET A 580 1.89 7.15 7.51
CA MET A 580 3.12 7.26 8.31
C MET A 580 3.04 8.49 9.21
N ALA A 581 1.85 9.10 9.29
CA ALA A 581 1.65 10.39 9.94
C ALA A 581 1.88 10.31 11.44
N ASP A 582 2.15 11.46 12.04
CA ASP A 582 2.42 11.58 13.46
C ASP A 582 1.99 12.99 13.85
N GLN A 583 2.07 13.31 15.15
CA GLN A 583 1.79 14.67 15.61
C GLN A 583 2.88 15.62 15.10
N VAL A 584 2.48 16.67 14.38
CA VAL A 584 3.48 17.61 13.84
C VAL A 584 3.61 18.86 14.70
N LEU A 585 2.53 19.62 14.85
CA LEU A 585 2.57 20.81 15.67
C LEU A 585 2.15 20.48 17.10
N PRO A 586 2.61 21.27 18.09
CA PRO A 586 2.22 20.98 19.45
C PRO A 586 0.76 21.34 19.68
N PRO A 587 -0.03 20.42 20.25
CA PRO A 587 -1.43 20.73 20.52
C PRO A 587 -1.58 22.02 21.33
N GLY A 588 -2.40 22.94 20.84
CA GLY A 588 -2.72 24.16 21.57
C GLY A 588 -1.89 25.37 21.18
N TRP A 589 -0.82 25.16 20.41
CA TRP A 589 0.10 26.26 20.08
C TRP A 589 -0.28 27.00 18.79
N GLN A 590 -0.68 28.26 18.95
CA GLN A 590 -0.91 29.19 17.84
C GLN A 590 -1.67 28.61 16.64
N GLU A 591 -0.97 28.38 15.53
CA GLU A 591 -1.57 28.01 14.24
C GLU A 591 -2.14 26.59 14.22
N GLU A 592 -1.77 25.79 15.22
CA GLU A 592 -2.27 24.43 15.34
C GLU A 592 -3.79 24.39 15.51
N GLN A 593 -4.35 25.51 15.97
CA GLN A 593 -5.82 25.68 16.06
C GLN A 593 -6.52 25.43 14.73
N ALA A 594 -5.81 25.67 13.61
CA ALA A 594 -6.32 25.46 12.27
C ALA A 594 -6.37 23.98 11.86
N ILE A 595 -5.60 23.12 12.55
CA ILE A 595 -5.48 21.73 12.15
C ILE A 595 -5.55 20.77 13.35
N THR A 596 -6.54 20.97 14.22
CA THR A 596 -6.69 20.14 15.41
C THR A 596 -7.15 18.72 15.06
N TRP A 597 -7.74 18.57 13.86
CA TRP A 597 -8.05 17.23 13.34
C TRP A 597 -6.79 16.36 13.24
N ALA A 598 -5.65 17.01 12.99
CA ALA A 598 -4.37 16.33 12.81
C ALA A 598 -3.80 15.77 14.11
N ARG A 599 -4.51 15.92 15.21
CA ARG A 599 -4.19 15.20 16.45
C ARG A 599 -4.63 13.73 16.38
N TYR A 600 -5.58 13.45 15.49
CA TYR A 600 -6.26 12.16 15.49
C TYR A 600 -6.16 11.43 14.14
N PRO A 601 -5.46 10.28 14.09
CA PRO A 601 -5.57 9.43 12.91
C PRO A 601 -7.01 9.00 12.66
N LEU A 602 -7.75 8.76 13.75
CA LEU A 602 -9.16 8.43 13.72
C LEU A 602 -9.85 9.13 14.89
N ALA A 603 -10.93 9.82 14.60
CA ALA A 603 -11.86 10.33 15.61
C ALA A 603 -13.28 10.08 15.11
N VAL A 604 -14.19 9.79 16.03
CA VAL A 604 -15.58 9.48 15.70
C VAL A 604 -16.49 10.51 16.34
N THR A 605 -17.32 11.17 15.54
CA THR A 605 -18.29 12.13 16.06
C THR A 605 -19.72 11.74 15.73
N LYS A 606 -20.64 12.21 16.55
CA LYS A 606 -22.07 12.14 16.24
C LYS A 606 -22.39 13.14 15.12
N TYR A 607 -23.20 12.67 14.16
CA TYR A 607 -23.51 13.44 12.96
C TYR A 607 -24.25 14.72 13.33
N ARG A 608 -23.95 15.79 12.62
CA ARG A 608 -24.59 17.07 12.87
C ARG A 608 -24.38 17.99 11.65
N GLU A 609 -25.46 18.64 11.22
CA GLU A 609 -25.43 19.54 10.05
C GLU A 609 -24.48 20.73 10.24
N SER A 610 -24.24 21.13 11.47
CA SER A 610 -23.30 22.24 11.75
C SER A 610 -21.84 21.78 11.76
N GLU A 611 -21.59 20.48 11.59
CA GLU A 611 -20.25 19.92 11.64
C GLU A 611 -19.92 19.06 10.39
N LEU A 612 -20.29 19.55 9.21
CA LEU A 612 -20.07 18.76 7.98
C LEU A 612 -18.64 18.79 7.50
N CYS A 613 -17.88 19.80 7.92
CA CYS A 613 -16.52 20.04 7.40
C CYS A 613 -15.56 20.27 8.53
N SER A 614 -14.33 19.81 8.35
CA SER A 614 -13.30 20.03 9.36
C SER A 614 -12.40 21.22 9.02
N SER A 615 -12.50 21.73 7.81
CA SER A 615 -11.73 22.90 7.41
C SER A 615 -12.61 23.86 6.64
N SER A 616 -12.00 24.87 6.03
CA SER A 616 -12.70 25.86 5.22
C SER A 616 -11.70 26.60 4.38
N ILE A 617 -12.20 27.37 3.42
CA ILE A 617 -11.34 28.23 2.60
C ILE A 617 -10.68 29.36 3.38
N TYR A 618 -11.13 29.63 4.61
CA TYR A 618 -10.61 30.72 5.43
C TYR A 618 -9.51 30.29 6.40
N HIS A 619 -9.35 28.98 6.62
CA HIS A 619 -8.37 28.48 7.58
C HIS A 619 -6.94 28.90 7.25
N GLN A 620 -6.58 28.84 5.98
CA GLN A 620 -5.20 29.15 5.56
C GLN A 620 -4.74 30.52 6.04
N ASN A 621 -5.57 31.55 5.85
CA ASN A 621 -5.16 32.93 6.18
C ASN A 621 -5.62 33.47 7.53
N ASP A 622 -6.43 32.71 8.25
CA ASP A 622 -6.57 32.95 9.70
C ASP A 622 -6.56 31.64 10.47
N PRO A 623 -5.38 31.00 10.55
CA PRO A 623 -5.26 29.74 11.27
C PRO A 623 -5.38 29.87 12.79
N TRP A 624 -5.24 31.10 13.30
CA TRP A 624 -5.29 31.35 14.73
C TRP A 624 -6.73 31.35 15.25
N ASP A 625 -7.67 31.85 14.44
CA ASP A 625 -9.08 31.97 14.87
C ASP A 625 -10.06 31.55 13.75
N PRO A 626 -9.94 30.29 13.26
CA PRO A 626 -10.73 29.84 12.14
C PRO A 626 -12.18 29.55 12.49
N PRO A 627 -13.05 29.48 11.47
CA PRO A 627 -14.49 29.29 11.70
C PRO A 627 -14.88 27.88 12.14
N VAL A 628 -13.97 26.92 12.02
CA VAL A 628 -14.24 25.56 12.44
C VAL A 628 -13.01 24.99 13.10
N VAL A 629 -13.14 24.62 14.37
CA VAL A 629 -12.09 23.95 15.13
C VAL A 629 -12.56 22.53 15.44
N PHE A 630 -11.92 21.56 14.81
CA PHE A 630 -12.38 20.19 14.84
C PHE A 630 -12.50 19.69 16.26
N GLU A 631 -11.52 20.01 17.09
CA GLU A 631 -11.51 19.64 18.50
C GLU A 631 -12.84 19.98 19.21
N GLN A 632 -13.47 21.09 18.83
CA GLN A 632 -14.77 21.47 19.43
C GLN A 632 -15.86 20.43 19.19
N PHE A 633 -15.76 19.65 18.11
CA PHE A 633 -16.72 18.58 17.85
C PHE A 633 -16.67 17.48 18.92
N LEU A 634 -15.52 17.35 19.59
CA LEU A 634 -15.35 16.36 20.65
C LEU A 634 -15.68 16.90 22.06
N HIS A 635 -15.76 18.22 22.22
CA HIS A 635 -15.98 18.82 23.53
C HIS A 635 -17.14 18.24 24.31
N ASN A 636 -18.30 18.11 23.66
CA ASN A 636 -19.49 17.64 24.34
C ASN A 636 -19.56 16.12 24.57
N ASN A 637 -18.51 15.41 24.13
CA ASN A 637 -18.34 14.00 24.44
C ASN A 637 -19.63 13.18 24.36
N GLU A 638 -20.24 13.18 23.19
CA GLU A 638 -21.56 12.65 23.02
C GLU A 638 -21.59 11.14 23.00
N ASN A 639 -22.75 10.59 23.29
CA ASN A 639 -22.93 9.15 23.19
C ASN A 639 -22.81 8.72 21.74
N ILE A 640 -22.05 7.65 21.50
CA ILE A 640 -21.88 7.10 20.16
C ILE A 640 -22.35 5.64 20.03
N GLU A 641 -23.34 5.24 20.86
CA GLU A 641 -24.03 3.96 20.74
C GLU A 641 -25.33 4.16 19.95
N ASN A 642 -25.56 3.34 18.92
CA ASN A 642 -26.79 3.41 18.12
CA ASN A 642 -26.77 3.42 18.11
C ASN A 642 -27.07 4.85 17.69
N GLU A 643 -26.10 5.43 17.00
CA GLU A 643 -26.17 6.82 16.61
C GLU A 643 -25.66 6.94 15.18
N ASP A 644 -26.00 8.04 14.52
CA ASP A 644 -25.38 8.38 13.25
C ASP A 644 -23.96 8.84 13.51
N LEU A 645 -22.99 8.00 13.15
CA LEU A 645 -21.57 8.27 13.37
C LEU A 645 -20.88 8.77 12.12
N VAL A 646 -19.84 9.57 12.35
CA VAL A 646 -18.96 10.02 11.30
C VAL A 646 -17.53 9.72 11.75
N ALA A 647 -16.80 8.96 10.95
CA ALA A 647 -15.39 8.70 11.20
C ALA A 647 -14.61 9.78 10.48
N TRP A 648 -13.56 10.29 11.12
CA TRP A 648 -12.69 11.28 10.48
C TRP A 648 -11.27 10.76 10.53
N VAL A 649 -10.58 10.77 9.39
CA VAL A 649 -9.31 10.07 9.26
C VAL A 649 -8.21 11.03 8.84
N THR A 650 -7.12 11.07 9.61
CA THR A 650 -5.93 11.82 9.21
C THR A 650 -4.92 10.82 8.65
N VAL A 651 -4.44 11.05 7.43
CA VAL A 651 -3.32 10.32 6.88
C VAL A 651 -2.22 11.31 6.47
N GLY A 652 -0.99 10.81 6.35
CA GLY A 652 0.12 11.65 5.93
C GLY A 652 1.49 11.00 5.96
N PHE A 653 2.50 11.79 5.64
CA PHE A 653 3.89 11.37 5.70
C PHE A 653 4.84 12.56 5.83
N LEU A 654 5.87 12.37 6.64
CA LEU A 654 7.04 13.22 6.62
C LEU A 654 7.70 13.08 5.24
N HIS A 655 8.09 14.22 4.65
CA HIS A 655 8.84 14.24 3.42
C HIS A 655 10.10 15.08 3.65
N ILE A 656 11.24 14.37 3.72
CA ILE A 656 12.54 15.01 3.77
C ILE A 656 13.04 14.93 2.34
N PRO A 657 13.10 16.08 1.64
CA PRO A 657 13.47 15.98 0.24
C PRO A 657 14.88 15.41 0.03
N HIS A 658 15.06 14.78 -1.12
CA HIS A 658 16.33 14.18 -1.52
C HIS A 658 16.48 14.42 -3.00
N SER A 659 17.70 14.23 -3.52
CA SER A 659 18.02 14.65 -4.88
C SER A 659 17.17 13.98 -5.95
N GLU A 660 16.65 12.79 -5.68
CA GLU A 660 15.76 12.11 -6.64
C GLU A 660 14.44 12.86 -6.84
N ASP A 661 14.12 13.79 -5.94
CA ASP A 661 12.94 14.66 -6.08
C ASP A 661 13.09 15.72 -7.20
N ILE A 662 14.23 15.73 -7.89
CA ILE A 662 14.50 16.69 -8.96
C ILE A 662 14.35 16.01 -10.32
N PRO A 663 13.49 16.57 -11.20
CA PRO A 663 12.69 17.79 -11.08
C PRO A 663 11.41 17.66 -10.27
N ASN A 664 10.85 16.46 -10.16
CA ASN A 664 9.57 16.26 -9.48
C ASN A 664 9.63 15.13 -8.43
N THR A 665 8.90 15.30 -7.33
CA THR A 665 8.54 14.18 -6.45
C THR A 665 7.80 13.17 -7.31
N ALA A 666 8.06 11.88 -7.07
CA ALA A 666 7.42 10.79 -7.83
C ALA A 666 6.45 10.03 -6.93
N THR A 667 5.51 9.33 -7.53
CA THR A 667 4.43 8.64 -6.79
C THR A 667 4.80 7.34 -6.03
N PRO A 668 5.78 6.57 -6.53
CA PRO A 668 6.07 5.29 -5.85
C PRO A 668 6.47 5.48 -4.39
N GLY A 669 5.70 4.87 -3.49
CA GLY A 669 5.93 4.98 -2.05
C GLY A 669 5.52 6.31 -1.45
N ASN A 670 4.92 7.18 -2.26
CA ASN A 670 4.47 8.49 -1.80
C ASN A 670 2.94 8.60 -1.89
N SER A 671 2.24 7.56 -1.43
CA SER A 671 0.79 7.63 -1.33
C SER A 671 0.34 7.30 0.08
N VAL A 672 -0.80 7.86 0.46
CA VAL A 672 -1.42 7.54 1.73
C VAL A 672 -2.92 7.41 1.53
N GLY A 673 -3.57 6.80 2.50
CA GLY A 673 -5.01 6.64 2.42
C GLY A 673 -5.52 5.63 3.40
N PHE A 674 -6.66 5.04 3.07
CA PHE A 674 -7.26 4.03 3.92
C PHE A 674 -8.19 3.11 3.15
N LEU A 675 -8.49 1.95 3.76
CA LEU A 675 -9.40 0.96 3.20
C LEU A 675 -10.67 0.86 4.08
N LEU A 676 -11.80 0.60 3.42
CA LEU A 676 -13.02 0.15 4.04
C LEU A 676 -13.32 -1.27 3.53
N ARG A 677 -13.52 -2.19 4.46
CA ARG A 677 -13.68 -3.61 4.17
C ARG A 677 -14.87 -4.18 4.95
N PRO A 678 -15.75 -4.93 4.26
CA PRO A 678 -16.85 -5.56 4.98
C PRO A 678 -16.30 -6.60 5.97
N PHE A 679 -16.85 -6.59 7.17
CA PHE A 679 -16.43 -7.50 8.23
C PHE A 679 -17.66 -8.12 8.87
N ASN A 680 -17.98 -9.34 8.42
CA ASN A 680 -19.22 -10.03 8.79
C ASN A 680 -20.47 -9.29 8.32
N PHE A 681 -20.31 -8.45 7.30
CA PHE A 681 -21.42 -7.72 6.73
C PHE A 681 -22.21 -8.64 5.79
N PHE A 682 -21.50 -9.45 5.01
CA PHE A 682 -22.13 -10.33 4.03
C PHE A 682 -22.00 -11.76 4.51
N PRO A 683 -22.91 -12.65 4.09
CA PRO A 683 -22.85 -14.02 4.57
C PRO A 683 -21.58 -14.79 4.12
N GLU A 684 -21.05 -14.43 2.95
CA GLU A 684 -19.84 -15.03 2.39
C GLU A 684 -19.22 -13.98 1.44
N ASP A 685 -18.11 -14.33 0.80
CA ASP A 685 -17.39 -13.43 -0.13
C ASP A 685 -18.33 -12.81 -1.17
N PRO A 686 -18.56 -11.48 -1.09
CA PRO A 686 -19.52 -10.88 -2.03
C PRO A 686 -19.06 -10.87 -3.50
N SER A 687 -17.78 -11.17 -3.77
CA SER A 687 -17.34 -11.28 -5.16
C SER A 687 -17.82 -12.57 -5.81
N LEU A 688 -18.45 -13.47 -5.05
CA LEU A 688 -18.90 -14.75 -5.59
C LEU A 688 -19.92 -14.59 -6.73
N ALA A 689 -20.61 -13.46 -6.77
CA ALA A 689 -21.54 -13.16 -7.87
C ALA A 689 -20.82 -12.83 -9.18
N SER A 690 -19.50 -12.59 -9.13
CA SER A 690 -18.72 -12.38 -10.34
C SER A 690 -18.68 -13.62 -11.25
N ARG A 691 -18.99 -13.43 -12.52
CA ARG A 691 -18.90 -14.51 -13.50
C ARG A 691 -17.50 -14.63 -14.15
N ASP A 692 -16.55 -13.84 -13.68
CA ASP A 692 -15.17 -13.86 -14.18
C ASP A 692 -14.37 -15.02 -13.62
N THR A 693 -14.89 -15.68 -12.59
CA THR A 693 -14.19 -16.77 -11.96
C THR A 693 -13.89 -17.88 -12.98
N VAL A 694 -12.69 -18.45 -12.90
CA VAL A 694 -12.31 -19.59 -13.73
C VAL A 694 -11.89 -20.72 -12.81
N ILE A 695 -12.44 -21.92 -13.06
CA ILE A 695 -12.00 -23.12 -12.36
C ILE A 695 -11.59 -24.17 -13.41
N VAL A 696 -10.36 -24.66 -13.28
CA VAL A 696 -9.85 -25.73 -14.15
C VAL A 696 -9.93 -27.04 -13.36
N TRP A 697 -10.46 -28.07 -13.99
CA TRP A 697 -10.63 -29.39 -13.34
C TRP A 697 -9.92 -30.46 -14.17
N PRO A 698 -9.32 -31.48 -13.52
CA PRO A 698 -8.74 -32.57 -14.29
C PRO A 698 -9.79 -33.58 -14.79
N ARG A 699 -9.47 -34.27 -15.88
CA ARG A 699 -10.27 -35.36 -16.43
CA ARG A 699 -10.28 -35.39 -16.37
C ARG A 699 -9.36 -36.55 -16.64
N ASP A 700 -9.80 -37.76 -16.30
CA ASP A 700 -8.98 -38.95 -16.53
C ASP A 700 -8.75 -39.17 -18.01
N ASN A 701 -7.48 -39.27 -18.40
CA ASN A 701 -7.09 -39.50 -19.79
C ASN A 701 -7.71 -38.53 -20.78
N GLY A 702 -7.70 -37.25 -20.42
CA GLY A 702 -8.25 -36.22 -21.27
C GLY A 702 -7.68 -34.86 -20.91
N PRO A 703 -7.91 -33.85 -21.77
CA PRO A 703 -7.47 -32.51 -21.36
C PRO A 703 -8.32 -32.02 -20.19
N ASN A 704 -7.85 -31.00 -19.48
CA ASN A 704 -8.60 -30.43 -18.37
C ASN A 704 -9.90 -29.79 -18.89
N TYR A 705 -10.94 -29.74 -18.05
CA TYR A 705 -12.14 -28.95 -18.35
C TYR A 705 -11.98 -27.57 -17.71
N VAL A 706 -11.94 -26.53 -18.52
CA VAL A 706 -11.83 -25.16 -18.04
C VAL A 706 -13.26 -24.64 -17.87
N GLN A 707 -13.72 -24.55 -16.62
CA GLN A 707 -15.06 -24.07 -16.32
C GLN A 707 -15.09 -22.54 -16.25
N ARG A 708 -15.97 -21.96 -17.06
CA ARG A 708 -16.15 -20.51 -17.19
C ARG A 708 -17.61 -20.14 -17.16
N TRP A 709 -17.86 -18.87 -16.85
CA TRP A 709 -19.20 -18.30 -16.93
C TRP A 709 -19.23 -17.07 -17.85
N ILE A 710 -18.07 -16.64 -18.32
CA ILE A 710 -17.92 -15.62 -19.32
C ILE A 710 -16.94 -16.17 -20.38
N PRO A 711 -17.25 -16.00 -21.69
CA PRO A 711 -16.34 -16.59 -22.70
C PRO A 711 -14.96 -15.97 -22.71
N GLU A 712 -13.94 -16.76 -23.05
CA GLU A 712 -12.56 -16.27 -23.10
C GLU A 712 -12.45 -15.15 -24.11
N ASP A 713 -11.74 -14.09 -23.73
CA ASP A 713 -11.63 -12.89 -24.56
C ASP A 713 -10.28 -12.86 -25.26
N ARG A 714 -10.28 -12.67 -26.57
CA ARG A 714 -9.05 -12.34 -27.28
C ARG A 714 -9.21 -11.10 -28.17
N ASP A 715 -10.35 -10.42 -28.05
CA ASP A 715 -10.70 -9.29 -28.92
C ASP A 715 -9.71 -8.15 -28.84
N CYS A 716 -9.76 -7.32 -29.86
CA CYS A 716 -8.88 -6.17 -29.96
C CYS A 716 -9.67 -4.90 -30.29
N SER A 717 -9.15 -3.77 -29.84
CA SER A 717 -9.73 -2.46 -30.16
C SER A 717 -8.63 -1.43 -30.04
N MET A 718 -8.94 -0.20 -30.41
CA MET A 718 -8.04 0.93 -30.20
C MET A 718 -8.76 2.05 -29.44
N PRO A 719 -8.03 2.79 -28.60
CA PRO A 719 -8.61 3.96 -27.98
C PRO A 719 -8.46 5.14 -28.94
N PRO A 720 -9.06 6.29 -28.61
CA PRO A 720 -8.87 7.46 -29.48
C PRO A 720 -7.40 7.89 -29.50
N PRO A 721 -6.97 8.55 -30.59
CA PRO A 721 -5.62 9.11 -30.59
C PRO A 721 -5.46 10.12 -29.46
N PHE A 722 -4.24 10.27 -28.96
CA PHE A 722 -3.97 11.22 -27.90
C PHE A 722 -4.32 12.63 -28.35
N SER A 723 -5.00 13.38 -27.48
CA SER A 723 -5.14 14.82 -27.63
C SER A 723 -4.99 15.44 -26.26
N TYR A 724 -4.63 16.72 -26.26
CA TYR A 724 -4.56 17.50 -25.05
C TYR A 724 -4.78 18.97 -25.38
N ASN A 725 -5.64 19.63 -24.61
CA ASN A 725 -5.99 21.01 -24.86
C ASN A 725 -5.18 21.99 -24.03
N GLY A 726 -5.26 21.85 -22.70
CA GLY A 726 -4.45 22.68 -21.79
C GLY A 726 -5.07 24.02 -21.39
N THR A 727 -6.21 24.36 -22.00
CA THR A 727 -6.94 25.58 -21.62
C THR A 727 -8.27 25.31 -20.90
N TYR A 728 -8.65 26.27 -20.08
CA TYR A 728 -9.84 26.17 -19.26
C TYR A 728 -10.46 27.56 -19.28
N ARG A 729 -11.64 27.66 -19.89
CA ARG A 729 -12.25 28.94 -20.23
C ARG A 729 -13.75 28.84 -20.17
N PRO A 730 -14.44 29.98 -20.08
CA PRO A 730 -15.90 29.94 -20.14
C PRO A 730 -16.44 29.38 -21.46
N VAL A 731 -17.64 28.83 -21.40
CA VAL A 731 -18.39 28.38 -22.56
C VAL A 731 -19.77 29.04 -22.47
N ARG B 8 26.29 -17.01 -18.53
CA ARG B 8 26.22 -15.68 -17.85
C ARG B 8 27.02 -15.70 -16.55
N LYS B 9 27.35 -14.51 -16.05
CA LYS B 9 27.91 -14.34 -14.70
C LYS B 9 26.85 -14.64 -13.63
N ALA B 10 25.59 -14.28 -13.95
CA ALA B 10 24.45 -14.53 -13.09
C ALA B 10 24.18 -16.04 -12.84
N GLY B 11 24.76 -16.90 -13.68
CA GLY B 11 24.71 -18.35 -13.50
C GLY B 11 25.22 -18.83 -12.14
N VAL B 12 26.12 -18.06 -11.52
CA VAL B 12 26.57 -18.36 -10.15
C VAL B 12 25.39 -18.42 -9.16
N PHE B 13 24.34 -17.67 -9.46
CA PHE B 13 23.15 -17.58 -8.59
C PHE B 13 22.02 -18.53 -9.00
N SER B 14 22.21 -19.27 -10.09
CA SER B 14 21.12 -20.02 -10.67
C SER B 14 20.85 -21.32 -9.94
N ASP B 15 19.57 -21.67 -9.89
CA ASP B 15 19.12 -22.91 -9.31
C ASP B 15 19.60 -24.05 -10.19
N LEU B 16 19.54 -25.26 -9.64
CA LEU B 16 20.01 -26.43 -10.35
C LEU B 16 19.08 -26.76 -11.50
N SER B 17 19.67 -27.11 -12.64
CA SER B 17 18.92 -27.66 -13.75
C SER B 17 18.48 -29.11 -13.45
N ASN B 18 17.62 -29.63 -14.31
CA ASN B 18 17.17 -31.00 -14.23
C ASN B 18 18.36 -31.93 -14.38
N GLN B 19 19.27 -31.60 -15.31
CA GLN B 19 20.50 -32.37 -15.50
C GLN B 19 21.31 -32.41 -14.21
N GLU B 20 21.52 -31.25 -13.61
CA GLU B 20 22.30 -31.17 -12.38
C GLU B 20 21.68 -31.93 -11.22
N LEU B 21 20.34 -31.86 -11.08
CA LEU B 21 19.67 -32.57 -10.01
C LEU B 21 19.85 -34.08 -10.16
N LYS B 22 19.64 -34.59 -11.37
CA LYS B 22 19.93 -35.99 -11.69
C LYS B 22 21.38 -36.38 -11.39
N ALA B 23 22.31 -35.47 -11.68
CA ALA B 23 23.74 -35.74 -11.47
C ALA B 23 24.05 -35.88 -9.99
N VAL B 24 23.47 -35.01 -9.17
CA VAL B 24 23.70 -35.06 -7.72
C VAL B 24 23.07 -36.34 -7.16
N HIS B 25 21.85 -36.62 -7.60
CA HIS B 25 21.09 -37.76 -7.13
C HIS B 25 21.82 -39.06 -7.48
N SER B 26 22.25 -39.17 -8.74
CA SER B 26 22.99 -40.35 -9.21
CA SER B 26 22.99 -40.35 -9.22
C SER B 26 24.27 -40.55 -8.41
N PHE B 27 25.01 -39.47 -8.20
CA PHE B 27 26.24 -39.54 -7.43
C PHE B 27 26.00 -40.15 -6.04
N LEU B 28 24.99 -39.63 -5.34
CA LEU B 28 24.68 -40.11 -4.00
C LEU B 28 24.23 -41.57 -4.03
N TRP B 29 23.43 -41.93 -5.03
CA TRP B 29 22.90 -43.29 -5.15
C TRP B 29 23.99 -44.33 -5.42
N SER B 30 25.05 -43.94 -6.13
CA SER B 30 26.16 -44.84 -6.42
C SER B 30 27.01 -45.13 -5.18
N LYS B 31 26.78 -44.40 -4.09
CA LYS B 31 27.41 -44.70 -2.82
C LYS B 31 26.55 -45.69 -2.04
N LYS B 32 26.83 -46.97 -2.25
CA LYS B 32 25.94 -48.04 -1.80
C LYS B 32 25.85 -48.13 -0.27
N GLU B 33 26.86 -47.63 0.42
CA GLU B 33 26.83 -47.59 1.88
C GLU B 33 25.78 -46.61 2.48
N LEU B 34 25.19 -45.75 1.65
CA LEU B 34 24.12 -44.86 2.09
C LEU B 34 22.78 -45.61 2.15
N ARG B 35 22.68 -46.73 1.43
CA ARG B 35 21.51 -47.59 1.45
C ARG B 35 20.26 -46.80 1.02
N LEU B 36 20.45 -45.90 0.06
CA LEU B 36 19.40 -44.97 -0.33
C LEU B 36 18.22 -45.71 -0.94
N GLN B 37 17.01 -45.26 -0.58
CA GLN B 37 15.78 -45.77 -1.17
C GLN B 37 14.90 -44.59 -1.65
N PRO B 38 13.88 -44.85 -2.47
CA PRO B 38 13.07 -43.72 -2.94
C PRO B 38 12.20 -43.09 -1.84
N SER B 39 12.00 -41.78 -1.95
CA SER B 39 11.06 -41.04 -1.09
C SER B 39 9.70 -41.74 -0.96
N SER B 40 9.25 -42.36 -2.06
CA SER B 40 7.95 -43.03 -2.12
C SER B 40 7.85 -44.33 -1.33
N THR B 41 8.96 -44.91 -0.90
CA THR B 41 8.90 -46.21 -0.21
C THR B 41 8.16 -46.04 1.12
N THR B 42 7.19 -46.92 1.37
CA THR B 42 6.22 -46.77 2.48
C THR B 42 6.74 -47.21 3.86
N THR B 43 7.94 -46.77 4.21
CA THR B 43 8.48 -47.01 5.52
C THR B 43 9.32 -45.82 5.92
N MET B 44 9.30 -45.49 7.20
CA MET B 44 10.15 -44.45 7.75
C MET B 44 11.55 -45.02 8.02
N ALA B 45 11.66 -46.34 8.13
CA ALA B 45 12.94 -46.98 8.44
C ALA B 45 13.81 -47.12 7.19
N LYS B 46 14.11 -45.98 6.57
CA LYS B 46 14.86 -45.94 5.32
C LYS B 46 15.74 -44.72 5.30
N ASN B 47 16.79 -44.81 4.48
CA ASN B 47 17.65 -43.69 4.17
C ASN B 47 17.21 -43.12 2.82
N THR B 48 16.98 -41.82 2.76
CA THR B 48 16.52 -41.19 1.53
CA THR B 48 16.49 -41.17 1.54
C THR B 48 17.05 -39.77 1.41
N VAL B 49 17.30 -39.31 0.18
CA VAL B 49 17.67 -37.92 -0.07
C VAL B 49 16.36 -37.10 -0.13
N PHE B 50 16.13 -36.26 0.87
CA PHE B 50 14.86 -35.53 0.99
C PHE B 50 14.81 -34.25 0.15
N LEU B 51 15.94 -33.56 0.04
CA LEU B 51 16.03 -32.28 -0.67
C LEU B 51 17.37 -32.13 -1.33
N ILE B 52 17.38 -31.66 -2.58
CA ILE B 52 18.59 -31.21 -3.25
C ILE B 52 18.31 -29.82 -3.86
N GLU B 53 19.18 -28.86 -3.58
CA GLU B 53 19.08 -27.52 -4.15
C GLU B 53 20.47 -26.89 -4.25
N MET B 54 20.61 -25.88 -5.09
CA MET B 54 21.90 -25.20 -5.23
C MET B 54 22.31 -24.59 -3.89
N LEU B 55 23.58 -24.78 -3.52
CA LEU B 55 24.14 -24.18 -2.31
C LEU B 55 25.00 -22.98 -2.71
N LEU B 56 24.56 -21.78 -2.36
CA LEU B 56 25.26 -20.56 -2.80
C LEU B 56 26.73 -20.54 -2.33
N PRO B 57 27.66 -20.12 -3.21
CA PRO B 57 29.04 -19.95 -2.76
C PRO B 57 29.18 -18.83 -1.74
N LYS B 58 30.32 -18.80 -1.07
CA LYS B 58 30.63 -17.72 -0.13
C LYS B 58 30.66 -16.37 -0.84
N LYS B 59 30.10 -15.35 -0.18
CA LYS B 59 30.00 -14.00 -0.75
C LYS B 59 31.37 -13.45 -1.14
N TYR B 60 32.38 -13.72 -0.31
CA TYR B 60 33.76 -13.31 -0.61
C TYR B 60 34.18 -13.76 -2.02
N HIS B 61 33.92 -15.03 -2.34
CA HIS B 61 34.30 -15.58 -3.64
C HIS B 61 33.40 -15.09 -4.79
N VAL B 62 32.12 -14.89 -4.50
CA VAL B 62 31.18 -14.43 -5.50
C VAL B 62 31.53 -13.00 -5.93
N LEU B 63 31.79 -12.11 -4.98
CA LEU B 63 32.12 -10.72 -5.33
C LEU B 63 33.48 -10.60 -6.05
N ARG B 64 34.44 -11.48 -5.75
CA ARG B 64 35.70 -11.50 -6.49
C ARG B 64 35.49 -11.88 -7.95
N PHE B 65 34.62 -12.85 -8.17
CA PHE B 65 34.24 -13.24 -9.52
C PHE B 65 33.49 -12.13 -10.25
N LEU B 66 32.51 -11.52 -9.57
CA LEU B 66 31.67 -10.51 -10.22
C LEU B 66 32.41 -9.18 -10.43
N ASP B 67 33.12 -8.73 -9.40
CA ASP B 67 33.65 -7.37 -9.37
C ASP B 67 35.13 -7.26 -9.71
N LYS B 68 35.90 -8.32 -9.46
CA LYS B 68 37.37 -8.24 -9.59
C LYS B 68 37.94 -9.22 -10.63
N GLY B 69 37.06 -9.78 -11.47
CA GLY B 69 37.45 -10.64 -12.58
C GLY B 69 38.21 -11.92 -12.22
N GLU B 70 37.84 -12.55 -11.11
CA GLU B 70 38.55 -13.77 -10.65
C GLU B 70 37.79 -15.03 -11.02
N ARG B 71 38.25 -16.18 -10.51
CA ARG B 71 37.71 -17.46 -10.88
C ARG B 71 36.21 -17.58 -10.57
N HIS B 72 35.47 -18.23 -11.47
CA HIS B 72 34.10 -18.63 -11.17
C HIS B 72 34.18 -19.44 -9.87
N PRO B 73 33.32 -19.14 -8.90
CA PRO B 73 33.30 -19.94 -7.68
C PRO B 73 32.91 -21.38 -7.96
N VAL B 74 33.31 -22.29 -7.08
CA VAL B 74 32.89 -23.69 -7.17
C VAL B 74 31.37 -23.78 -6.93
N ARG B 75 30.70 -24.52 -7.78
CA ARG B 75 29.27 -24.74 -7.67
C ARG B 75 29.01 -26.06 -6.94
N GLU B 76 28.06 -26.03 -6.02
CA GLU B 76 27.75 -27.18 -5.17
C GLU B 76 26.26 -27.32 -4.97
N ALA B 77 25.84 -28.50 -4.50
CA ALA B 77 24.45 -28.72 -4.12
C ALA B 77 24.41 -29.03 -2.63
N ARG B 78 23.40 -28.49 -1.97
CA ARG B 78 23.05 -28.91 -0.61
C ARG B 78 22.19 -30.15 -0.75
N ALA B 79 22.51 -31.21 0.01
CA ALA B 79 21.74 -32.45 -0.03
C ALA B 79 21.34 -32.82 1.38
N VAL B 80 20.04 -32.86 1.65
CA VAL B 80 19.54 -33.23 2.96
C VAL B 80 19.18 -34.72 2.92
N ILE B 81 19.84 -35.51 3.77
CA ILE B 81 19.61 -36.94 3.80
C ILE B 81 18.95 -37.35 5.11
N PHE B 82 17.82 -38.05 4.98
CA PHE B 82 17.12 -38.64 6.13
C PHE B 82 17.76 -39.99 6.34
N PHE B 83 18.49 -40.15 7.43
CA PHE B 83 19.06 -41.47 7.79
C PHE B 83 18.15 -42.16 8.79
N GLY B 84 17.12 -42.84 8.27
CA GLY B 84 16.17 -43.55 9.12
C GLY B 84 16.45 -45.04 9.24
N ASP B 85 17.40 -45.54 8.44
CA ASP B 85 17.71 -46.98 8.39
C ASP B 85 18.99 -47.21 9.17
N GLN B 86 18.91 -46.95 10.47
CA GLN B 86 20.02 -47.14 11.38
C GLN B 86 19.49 -47.06 12.81
N GLU B 87 20.30 -47.50 13.76
CA GLU B 87 19.90 -47.65 15.17
C GLU B 87 19.42 -46.33 15.75
N HIS B 88 20.14 -45.26 15.40
CA HIS B 88 19.82 -43.92 15.90
C HIS B 88 19.59 -42.99 14.71
N PRO B 89 18.34 -42.95 14.23
CA PRO B 89 17.99 -42.12 13.07
C PRO B 89 18.39 -40.66 13.25
N ASN B 90 18.79 -40.03 12.15
CA ASN B 90 19.02 -38.60 12.16
C ASN B 90 18.89 -37.99 10.77
N VAL B 91 18.97 -36.67 10.70
CA VAL B 91 19.08 -35.96 9.44
C VAL B 91 20.48 -35.36 9.42
N THR B 92 21.18 -35.52 8.30
CA THR B 92 22.50 -34.94 8.08
C THR B 92 22.48 -34.30 6.69
N GLU B 93 23.10 -33.13 6.57
CA GLU B 93 23.20 -32.41 5.31
C GLU B 93 24.62 -32.43 4.78
N PHE B 94 24.74 -32.39 3.47
CA PHE B 94 26.03 -32.38 2.82
C PHE B 94 26.06 -31.37 1.69
N ALA B 95 27.26 -30.83 1.44
CA ALA B 95 27.55 -30.11 0.22
C ALA B 95 28.12 -31.13 -0.75
N VAL B 96 27.45 -31.31 -1.88
CA VAL B 96 27.88 -32.23 -2.92
C VAL B 96 28.41 -31.43 -4.11
N GLY B 97 29.64 -31.71 -4.51
CA GLY B 97 30.25 -31.03 -5.65
C GLY B 97 31.49 -31.73 -6.19
N PRO B 98 32.15 -31.12 -7.18
CA PRO B 98 31.73 -29.87 -7.84
C PRO B 98 30.70 -30.15 -8.92
N LEU B 99 30.08 -29.09 -9.44
CA LEU B 99 29.15 -29.23 -10.56
C LEU B 99 29.67 -28.41 -11.73
N PRO B 100 29.81 -29.05 -12.90
CA PRO B 100 29.54 -30.46 -13.20
C PRO B 100 30.63 -31.42 -12.68
N GLY B 101 30.29 -32.71 -12.64
CA GLY B 101 31.25 -33.76 -12.27
C GLY B 101 31.44 -33.92 -10.78
N PRO B 102 30.34 -34.21 -10.06
CA PRO B 102 30.47 -34.32 -8.61
C PRO B 102 31.37 -35.48 -8.19
N CYS B 103 32.17 -35.27 -7.15
CA CYS B 103 32.98 -36.35 -6.59
C CYS B 103 33.24 -36.25 -5.08
N TYR B 104 32.72 -35.22 -4.40
CA TYR B 104 32.77 -35.19 -2.94
C TYR B 104 31.40 -34.93 -2.31
N MET B 105 31.36 -35.16 -1.00
CA MET B 105 30.16 -35.15 -0.22
C MET B 105 30.60 -34.72 1.18
N ARG B 106 30.55 -33.42 1.46
CA ARG B 106 31.11 -32.88 2.70
C ARG B 106 30.00 -32.53 3.72
N ALA B 107 30.05 -33.17 4.88
CA ALA B 107 29.05 -32.98 5.94
C ALA B 107 28.96 -31.52 6.37
N LEU B 108 27.73 -31.02 6.51
CA LEU B 108 27.49 -29.62 6.87
C LEU B 108 27.11 -29.48 8.34
N SER B 109 27.12 -28.22 8.79
CA SER B 109 26.53 -27.76 10.07
C SER B 109 26.39 -28.78 11.24
N PRO B 110 27.51 -29.37 11.68
CA PRO B 110 27.43 -30.27 12.85
C PRO B 110 26.80 -29.60 14.07
N ARG B 111 26.19 -30.37 14.95
CA ARG B 111 25.52 -29.79 16.13
C ARG B 111 25.67 -30.65 17.39
N PRO B 112 26.84 -30.54 18.06
CA PRO B 112 27.18 -31.35 19.25
C PRO B 112 26.11 -31.29 20.32
N GLY B 113 25.70 -32.45 20.83
CA GLY B 113 24.71 -32.49 21.91
C GLY B 113 23.24 -32.44 21.50
N TYR B 114 22.94 -32.15 20.24
CA TYR B 114 21.55 -32.10 19.77
C TYR B 114 21.09 -33.51 19.37
N GLN B 115 20.01 -33.97 19.98
CA GLN B 115 19.53 -35.34 19.78
C GLN B 115 18.24 -35.49 18.97
N SER B 116 17.59 -34.38 18.62
CA SER B 116 16.23 -34.43 18.08
C SER B 116 16.12 -34.20 16.59
N SER B 117 17.21 -34.37 15.84
CA SER B 117 17.17 -34.04 14.42
C SER B 117 16.12 -34.89 13.69
N TRP B 118 15.91 -36.11 14.15
CA TRP B 118 14.95 -36.99 13.50
C TRP B 118 13.53 -36.49 13.72
N ALA B 119 13.21 -36.16 14.96
CA ALA B 119 11.89 -35.64 15.32
C ALA B 119 11.61 -34.30 14.63
N SER B 120 12.69 -33.56 14.35
CA SER B 120 12.62 -32.22 13.76
C SER B 120 12.27 -32.21 12.27
N ARG B 121 12.45 -33.36 11.61
CA ARG B 121 12.40 -33.40 10.15
C ARG B 121 10.98 -33.16 9.66
N PRO B 122 10.87 -32.61 8.44
CA PRO B 122 9.54 -32.43 7.83
C PRO B 122 8.80 -33.75 7.56
N ILE B 123 7.47 -33.67 7.58
CA ILE B 123 6.63 -34.78 7.20
C ILE B 123 6.76 -35.02 5.68
N SER B 124 6.56 -36.24 5.23
CA SER B 124 6.73 -36.58 3.81
C SER B 124 5.49 -37.28 3.32
N THR B 125 5.36 -37.45 2.01
CA THR B 125 4.20 -38.12 1.42
C THR B 125 4.07 -39.54 1.97
N ALA B 126 5.18 -40.26 2.05
CA ALA B 126 5.18 -41.62 2.59
C ALA B 126 4.68 -41.63 4.02
N GLU B 127 5.07 -40.62 4.79
CA GLU B 127 4.64 -40.53 6.19
C GLU B 127 3.13 -40.29 6.30
N TYR B 128 2.59 -39.43 5.43
CA TYR B 128 1.13 -39.19 5.34
C TYR B 128 0.34 -40.46 5.04
N ALA B 129 0.79 -41.21 4.05
CA ALA B 129 0.16 -42.49 3.72
C ALA B 129 0.14 -43.45 4.92
N LEU B 130 1.22 -43.48 5.69
CA LEU B 130 1.28 -44.32 6.88
C LEU B 130 0.37 -43.77 8.00
N LEU B 131 0.27 -42.45 8.12
CA LEU B 131 -0.67 -41.86 9.08
C LEU B 131 -2.11 -42.18 8.70
N TYR B 132 -2.47 -42.08 7.41
CA TYR B 132 -3.83 -42.40 6.98
CA TYR B 132 -3.82 -42.40 6.97
C TYR B 132 -4.16 -43.85 7.36
N HIS B 133 -3.23 -44.77 7.13
CA HIS B 133 -3.44 -46.19 7.45
C HIS B 133 -3.59 -46.39 8.96
N THR B 134 -2.74 -45.72 9.74
CA THR B 134 -2.88 -45.75 11.18
C THR B 134 -4.30 -45.26 11.54
N LEU B 135 -4.71 -44.13 10.96
CA LEU B 135 -6.03 -43.57 11.25
C LEU B 135 -7.16 -44.50 10.87
N GLN B 136 -7.06 -45.10 9.69
CA GLN B 136 -8.09 -46.02 9.19
C GLN B 136 -8.29 -47.18 10.16
N GLU B 137 -7.18 -47.72 10.65
CA GLU B 137 -7.22 -48.87 11.53
C GLU B 137 -7.71 -48.48 12.90
N ALA B 138 -7.12 -47.42 13.46
CA ALA B 138 -7.43 -47.02 14.82
C ALA B 138 -8.88 -46.54 15.00
N THR B 139 -9.51 -46.03 13.94
CA THR B 139 -10.86 -45.49 14.05
C THR B 139 -11.96 -46.46 13.64
N LYS B 140 -11.60 -47.72 13.42
CA LYS B 140 -12.58 -48.76 13.06
C LYS B 140 -13.77 -48.84 14.02
N PRO B 141 -13.51 -48.75 15.34
CA PRO B 141 -14.62 -48.75 16.28
C PRO B 141 -15.61 -47.60 16.08
N LEU B 142 -15.16 -46.53 15.43
CA LEU B 142 -15.98 -45.33 15.19
C LEU B 142 -16.70 -45.32 13.85
N HIS B 143 -16.69 -46.44 13.12
CA HIS B 143 -17.25 -46.47 11.76
C HIS B 143 -18.75 -46.08 11.71
N GLN B 144 -19.56 -46.68 12.57
CA GLN B 144 -20.99 -46.36 12.68
C GLN B 144 -21.20 -44.94 13.22
N PHE B 145 -20.39 -44.53 14.19
CA PHE B 145 -20.38 -43.15 14.66
C PHE B 145 -20.13 -42.16 13.50
N PHE B 146 -19.17 -42.48 12.63
CA PHE B 146 -18.87 -41.62 11.45
C PHE B 146 -20.06 -41.58 10.49
N LEU B 147 -20.64 -42.73 10.19
CA LEU B 147 -21.74 -42.79 9.25
C LEU B 147 -22.96 -42.04 9.78
N ASN B 148 -23.29 -42.20 11.07
CA ASN B 148 -24.47 -41.50 11.64
C ASN B 148 -24.25 -39.97 11.73
N THR B 149 -23.05 -39.54 12.13
CA THR B 149 -22.79 -38.13 12.37
C THR B 149 -22.43 -37.32 11.13
N THR B 150 -21.84 -37.95 10.13
CA THR B 150 -21.29 -37.22 8.98
C THR B 150 -21.72 -37.74 7.63
N GLY B 151 -22.23 -38.98 7.57
CA GLY B 151 -22.49 -39.66 6.31
C GLY B 151 -21.23 -40.09 5.56
N PHE B 152 -20.07 -39.93 6.21
CA PHE B 152 -18.77 -40.22 5.59
C PHE B 152 -18.05 -41.23 6.49
N SER B 153 -16.94 -41.78 6.01
CA SER B 153 -16.14 -42.74 6.78
C SER B 153 -14.76 -42.88 6.18
N PHE B 154 -13.92 -43.74 6.79
CA PHE B 154 -12.62 -44.10 6.22
C PHE B 154 -12.65 -45.43 5.44
N GLN B 155 -13.75 -46.17 5.54
CA GLN B 155 -13.79 -47.50 4.98
C GLN B 155 -14.91 -47.67 3.97
N ASP B 156 -14.54 -48.21 2.81
CA ASP B 156 -15.47 -48.38 1.70
C ASP B 156 -16.26 -47.08 1.50
N CYS B 157 -15.51 -45.99 1.40
CA CYS B 157 -16.09 -44.64 1.43
C CYS B 157 -16.18 -43.98 0.04
N HIS B 158 -15.22 -44.27 -0.83
CA HIS B 158 -15.29 -43.83 -2.23
C HIS B 158 -15.38 -42.30 -2.41
N ASP B 159 -16.56 -41.77 -2.73
CA ASP B 159 -16.72 -40.32 -2.92
C ASP B 159 -17.16 -39.62 -1.62
N ARG B 160 -17.21 -40.37 -0.53
CA ARG B 160 -17.63 -39.83 0.77
C ARG B 160 -16.65 -40.21 1.85
N CYS B 161 -15.40 -39.80 1.66
CA CYS B 161 -14.33 -40.20 2.56
C CYS B 161 -13.98 -39.08 3.52
N LEU B 162 -13.63 -39.47 4.75
CA LEU B 162 -13.03 -38.54 5.68
C LEU B 162 -11.57 -38.31 5.31
N ALA B 163 -11.06 -37.15 5.70
CA ALA B 163 -9.68 -36.79 5.48
C ALA B 163 -9.23 -36.16 6.77
N PHE B 164 -7.95 -35.81 6.87
CA PHE B 164 -7.44 -35.07 7.99
C PHE B 164 -6.43 -34.01 7.57
N THR B 165 -6.32 -32.98 8.42
CA THR B 165 -5.30 -31.97 8.33
C THR B 165 -4.51 -32.05 9.61
N ASP B 166 -3.21 -32.26 9.48
CA ASP B 166 -2.34 -32.25 10.65
C ASP B 166 -1.95 -30.82 10.98
N VAL B 167 -1.76 -30.56 12.27
CA VAL B 167 -1.21 -29.27 12.69
C VAL B 167 0.20 -29.50 13.23
N ALA B 168 0.95 -28.43 13.38
CA ALA B 168 2.32 -28.50 13.88
C ALA B 168 2.56 -27.20 14.65
N PRO B 169 3.47 -27.22 15.63
CA PRO B 169 4.34 -28.29 16.03
C PRO B 169 3.61 -29.50 16.65
N ARG B 170 4.39 -30.54 16.92
CA ARG B 170 3.87 -31.88 17.15
C ARG B 170 4.34 -32.43 18.50
N GLY B 171 3.77 -31.88 19.55
CA GLY B 171 4.13 -32.24 20.91
C GLY B 171 4.32 -31.01 21.77
N VAL B 172 5.00 -31.19 22.89
CA VAL B 172 5.19 -30.14 23.87
C VAL B 172 6.67 -29.92 24.20
N ALA B 173 7.59 -30.62 23.53
CA ALA B 173 9.01 -30.50 23.80
C ALA B 173 9.84 -31.09 22.66
N SER B 174 11.06 -30.61 22.54
CA SER B 174 12.04 -31.11 21.57
C SER B 174 12.14 -32.63 21.57
N GLY B 175 11.98 -33.27 20.40
CA GLY B 175 12.13 -34.71 20.26
C GLY B 175 10.84 -35.47 20.10
N GLN B 176 9.71 -34.82 20.38
CA GLN B 176 8.39 -35.46 20.24
C GLN B 176 7.88 -35.32 18.80
N ARG B 177 7.07 -36.28 18.38
CA ARG B 177 6.41 -36.23 17.07
C ARG B 177 4.98 -36.74 17.25
N ARG B 178 4.18 -35.87 17.85
CA ARG B 178 2.83 -36.18 18.29
C ARG B 178 1.92 -35.15 17.63
N SER B 179 1.20 -35.56 16.59
CA SER B 179 0.42 -34.61 15.80
C SER B 179 -1.06 -34.65 16.14
N TRP B 180 -1.64 -33.48 16.35
CA TRP B 180 -3.09 -33.33 16.37
C TRP B 180 -3.63 -33.30 14.96
N LEU B 181 -4.66 -34.12 14.70
CA LEU B 181 -5.22 -34.27 13.37
C LEU B 181 -6.66 -33.81 13.40
N ILE B 182 -7.01 -32.91 12.47
CA ILE B 182 -8.35 -32.37 12.33
C ILE B 182 -9.08 -33.20 11.30
N ILE B 183 -10.09 -33.94 11.73
CA ILE B 183 -10.86 -34.77 10.82
C ILE B 183 -11.86 -33.90 10.03
N GLN B 184 -11.90 -34.11 8.73
CA GLN B 184 -12.70 -33.30 7.81
C GLN B 184 -13.42 -34.20 6.79
N ARG B 185 -14.50 -33.70 6.22
CA ARG B 185 -15.12 -34.35 5.07
C ARG B 185 -14.35 -33.99 3.81
N TYR B 186 -13.90 -35.01 3.08
CA TYR B 186 -13.17 -34.78 1.84
C TYR B 186 -14.10 -34.44 0.67
N VAL B 187 -14.45 -33.17 0.59
CA VAL B 187 -15.28 -32.62 -0.51
C VAL B 187 -14.53 -31.45 -1.11
N GLU B 188 -15.10 -30.82 -2.13
CA GLU B 188 -14.50 -29.63 -2.74
C GLU B 188 -14.27 -28.58 -1.66
N GLY B 189 -13.01 -28.16 -1.49
CA GLY B 189 -12.64 -27.22 -0.42
C GLY B 189 -12.75 -27.82 0.97
N TYR B 190 -12.22 -29.04 1.12
CA TYR B 190 -12.31 -29.86 2.36
C TYR B 190 -11.82 -29.18 3.64
N PHE B 191 -10.90 -28.23 3.47
CA PHE B 191 -10.41 -27.37 4.55
C PHE B 191 -11.50 -26.77 5.45
N LEU B 192 -12.66 -26.50 4.87
CA LEU B 192 -13.75 -25.84 5.58
C LEU B 192 -14.80 -26.81 6.10
N HIS B 193 -14.47 -28.09 6.17
CA HIS B 193 -15.46 -29.10 6.52
C HIS B 193 -15.03 -29.99 7.69
N PRO B 194 -14.71 -29.38 8.85
CA PRO B 194 -14.39 -30.19 10.03
C PRO B 194 -15.61 -30.91 10.58
N THR B 195 -15.40 -32.14 11.06
CA THR B 195 -16.49 -32.95 11.60
C THR B 195 -16.71 -32.80 13.11
N GLY B 196 -15.78 -32.13 13.79
CA GLY B 196 -15.78 -32.03 15.25
C GLY B 196 -14.93 -33.03 15.97
N LEU B 197 -14.34 -33.97 15.23
CA LEU B 197 -13.38 -34.92 15.80
C LEU B 197 -11.96 -34.45 15.55
N GLU B 198 -11.12 -34.53 16.58
CA GLU B 198 -9.66 -34.37 16.43
C GLU B 198 -8.94 -35.53 17.14
N LEU B 199 -7.80 -35.93 16.62
CA LEU B 199 -7.04 -37.07 17.14
C LEU B 199 -5.56 -36.75 17.28
N LEU B 200 -4.98 -37.16 18.41
CA LEU B 200 -3.55 -36.98 18.67
C LEU B 200 -2.87 -38.29 18.37
N VAL B 201 -1.92 -38.28 17.44
CA VAL B 201 -1.23 -39.51 17.04
C VAL B 201 0.26 -39.36 17.32
N ASP B 202 0.81 -40.30 18.06
CA ASP B 202 2.25 -40.40 18.24
C ASP B 202 2.82 -41.21 17.08
N HIS B 203 3.53 -40.53 16.18
CA HIS B 203 4.14 -41.18 15.03
C HIS B 203 5.66 -40.98 15.00
N GLY B 204 6.29 -41.00 16.18
CA GLY B 204 7.74 -40.82 16.28
C GLY B 204 8.59 -42.04 15.91
N SER B 205 8.08 -43.23 16.13
CA SER B 205 8.82 -44.47 15.84
C SER B 205 9.03 -44.67 14.34
N THR B 206 10.20 -45.19 13.95
CA THR B 206 10.43 -45.55 12.56
C THR B 206 9.60 -46.78 12.15
N ASP B 207 9.04 -47.49 13.13
CA ASP B 207 8.08 -48.54 12.84
C ASP B 207 6.65 -48.02 13.02
N ALA B 208 5.96 -47.77 11.91
CA ALA B 208 4.60 -47.24 11.94
C ALA B 208 3.63 -48.21 12.62
N GLY B 209 4.01 -49.48 12.74
CA GLY B 209 3.24 -50.44 13.52
C GLY B 209 3.09 -50.00 14.95
N HIS B 210 4.11 -49.31 15.50
CA HIS B 210 4.06 -48.76 16.85
C HIS B 210 3.20 -47.48 17.03
N TRP B 211 2.78 -46.84 15.95
CA TRP B 211 2.08 -45.53 16.08
C TRP B 211 0.72 -45.69 16.73
N ALA B 212 0.35 -44.73 17.57
CA ALA B 212 -0.85 -44.84 18.39
C ALA B 212 -1.62 -43.53 18.49
N VAL B 213 -2.95 -43.65 18.47
CA VAL B 213 -3.82 -42.59 18.91
C VAL B 213 -3.73 -42.54 20.43
N GLU B 214 -3.25 -41.43 20.98
CA GLU B 214 -3.11 -41.35 22.44
C GLU B 214 -4.25 -40.56 23.07
N GLN B 215 -4.96 -39.77 22.28
CA GLN B 215 -6.01 -38.90 22.80
C GLN B 215 -6.99 -38.59 21.68
N VAL B 216 -8.24 -38.39 22.04
CA VAL B 216 -9.31 -38.08 21.08
C VAL B 216 -10.14 -36.92 21.65
N TRP B 217 -10.51 -35.97 20.79
CA TRP B 217 -11.35 -34.85 21.18
C TRP B 217 -12.54 -34.83 20.24
N TYR B 218 -13.72 -34.69 20.81
CA TYR B 218 -14.92 -34.59 19.99
C TYR B 218 -15.92 -33.60 20.60
N ASN B 219 -16.33 -32.62 19.81
CA ASN B 219 -17.35 -31.66 20.23
C ASN B 219 -17.17 -31.18 21.67
N GLY B 220 -15.96 -30.74 22.00
CA GLY B 220 -15.70 -30.12 23.30
C GLY B 220 -15.24 -31.01 24.44
N LYS B 221 -15.17 -32.34 24.26
CA LYS B 221 -14.76 -33.27 25.34
C LYS B 221 -13.60 -34.14 24.87
N PHE B 222 -12.68 -34.46 25.78
CA PHE B 222 -11.63 -35.46 25.53
C PHE B 222 -12.11 -36.86 25.87
N TYR B 223 -11.61 -37.85 25.13
CA TYR B 223 -12.11 -39.21 25.27
C TYR B 223 -11.10 -40.30 25.49
N GLY B 224 -9.81 -40.04 25.33
CA GLY B 224 -8.82 -41.07 25.68
C GLY B 224 -8.55 -42.10 24.58
N SER B 225 -9.59 -42.61 23.93
CA SER B 225 -9.38 -43.54 22.82
C SER B 225 -10.58 -43.59 21.90
N PRO B 226 -10.37 -44.07 20.66
CA PRO B 226 -11.50 -44.25 19.77
C PRO B 226 -12.54 -45.22 20.32
N GLU B 227 -12.08 -46.25 21.02
CA GLU B 227 -12.97 -47.25 21.61
C GLU B 227 -13.86 -46.61 22.67
N GLU B 228 -13.29 -45.72 23.48
CA GLU B 228 -14.05 -45.07 24.56
C GLU B 228 -15.11 -44.14 23.99
N LEU B 229 -14.76 -43.37 22.97
CA LEU B 229 -15.73 -42.50 22.29
C LEU B 229 -16.84 -43.37 21.71
N ALA B 230 -16.46 -44.48 21.08
CA ALA B 230 -17.44 -45.40 20.51
C ALA B 230 -18.37 -45.99 21.57
N ARG B 231 -17.82 -46.36 22.73
CA ARG B 231 -18.65 -46.88 23.81
C ARG B 231 -19.62 -45.81 24.33
N LYS B 232 -19.10 -44.64 24.67
CA LYS B 232 -19.96 -43.57 25.19
C LYS B 232 -21.01 -43.14 24.18
N TYR B 233 -20.68 -43.18 22.89
CA TYR B 233 -21.67 -42.92 21.84
C TYR B 233 -22.82 -43.92 21.96
N ALA B 234 -22.48 -45.21 21.91
CA ALA B 234 -23.45 -46.31 22.06
C ALA B 234 -24.33 -46.19 23.31
N ASP B 235 -23.75 -45.80 24.43
CA ASP B 235 -24.51 -45.66 25.68
C ASP B 235 -25.21 -44.31 25.84
N GLY B 236 -25.25 -43.50 24.77
CA GLY B 236 -25.97 -42.23 24.81
C GLY B 236 -25.31 -41.20 25.69
N GLU B 237 -23.99 -41.25 25.82
CA GLU B 237 -23.26 -40.32 26.68
C GLU B 237 -22.41 -39.35 25.87
N VAL B 238 -22.81 -39.09 24.63
CA VAL B 238 -22.10 -38.15 23.77
C VAL B 238 -23.07 -37.16 23.15
N ASP B 239 -22.74 -35.88 23.31
CA ASP B 239 -23.45 -34.81 22.64
C ASP B 239 -23.00 -34.73 21.17
N VAL B 240 -23.81 -35.33 20.32
CA VAL B 240 -23.49 -35.49 18.91
C VAL B 240 -23.98 -34.29 18.10
N VAL B 241 -23.19 -33.89 17.10
CA VAL B 241 -23.66 -32.96 16.06
C VAL B 241 -23.69 -33.71 14.74
N VAL B 242 -24.89 -34.01 14.28
CA VAL B 242 -25.09 -34.62 13.00
C VAL B 242 -24.91 -33.51 11.98
N LEU B 243 -23.92 -33.62 11.10
CA LEU B 243 -23.52 -32.50 10.22
C LEU B 243 -24.58 -32.14 9.18
N GLU B 258 -29.18 -28.03 -6.53
CA GLU B 258 -27.74 -28.19 -6.33
C GLU B 258 -26.99 -26.88 -6.56
N PRO B 259 -27.16 -25.91 -5.63
CA PRO B 259 -26.24 -24.76 -5.61
C PRO B 259 -24.82 -25.19 -5.24
N PRO B 260 -23.83 -24.33 -5.49
CA PRO B 260 -22.47 -24.73 -5.10
C PRO B 260 -22.33 -24.96 -3.59
N LEU B 261 -21.44 -25.84 -3.21
CA LEU B 261 -20.98 -25.94 -1.83
C LEU B 261 -20.47 -24.58 -1.37
N PHE B 262 -20.67 -24.24 -0.09
CA PHE B 262 -20.16 -22.94 0.39
C PHE B 262 -18.63 -22.84 0.21
N SER B 263 -17.94 -23.97 0.20
CA SER B 263 -16.48 -24.01 0.12
C SER B 263 -15.94 -23.99 -1.31
N SER B 264 -16.85 -23.91 -2.28
CA SER B 264 -16.51 -23.84 -3.70
C SER B 264 -16.36 -22.41 -4.16
N HIS B 265 -15.56 -22.20 -5.20
CA HIS B 265 -15.40 -20.90 -5.88
C HIS B 265 -16.48 -20.64 -6.94
N LYS B 266 -17.29 -21.64 -7.27
CA LYS B 266 -18.32 -21.47 -8.30
C LYS B 266 -19.24 -20.28 -8.00
N PRO B 267 -19.53 -19.44 -9.01
CA PRO B 267 -20.36 -18.28 -8.74
C PRO B 267 -21.75 -18.61 -8.21
N ARG B 268 -22.25 -17.76 -7.33
CA ARG B 268 -23.66 -17.77 -6.95
C ARG B 268 -24.05 -16.39 -6.47
N GLY B 269 -25.35 -16.16 -6.36
CA GLY B 269 -25.85 -14.83 -6.05
C GLY B 269 -25.78 -13.97 -7.31
N ASP B 270 -26.29 -12.75 -7.22
CA ASP B 270 -26.37 -11.83 -8.35
C ASP B 270 -26.01 -10.44 -7.89
N PHE B 271 -25.18 -9.75 -8.67
CA PHE B 271 -24.93 -8.34 -8.41
C PHE B 271 -26.18 -7.52 -8.75
N PRO B 272 -26.44 -6.45 -7.99
CA PRO B 272 -27.51 -5.54 -8.40
C PRO B 272 -27.36 -5.07 -9.85
N SER B 273 -26.12 -4.93 -10.32
CA SER B 273 -25.83 -4.52 -11.69
C SER B 273 -24.95 -5.60 -12.32
N PRO B 274 -25.58 -6.68 -12.80
CA PRO B 274 -24.79 -7.81 -13.31
C PRO B 274 -23.78 -7.40 -14.39
N ILE B 275 -22.64 -8.10 -14.43
CA ILE B 275 -21.60 -7.82 -15.42
C ILE B 275 -21.46 -9.02 -16.34
N HIS B 276 -21.55 -8.78 -17.65
CA HIS B 276 -21.70 -9.88 -18.59
C HIS B 276 -20.51 -10.09 -19.49
N VAL B 277 -19.55 -9.18 -19.48
CA VAL B 277 -18.43 -9.24 -20.40
C VAL B 277 -17.12 -9.24 -19.62
N SER B 278 -16.04 -9.54 -20.32
CA SER B 278 -14.72 -9.56 -19.69
CA SER B 278 -14.70 -9.55 -19.71
C SER B 278 -14.24 -8.13 -19.49
N GLY B 279 -13.45 -7.92 -18.46
CA GLY B 279 -12.87 -6.60 -18.19
C GLY B 279 -11.71 -6.31 -19.11
N PRO B 280 -11.14 -5.10 -18.97
CA PRO B 280 -10.02 -4.71 -19.82
C PRO B 280 -8.82 -5.63 -19.60
N ARG B 281 -7.98 -5.77 -20.62
CA ARG B 281 -6.80 -6.62 -20.50
C ARG B 281 -5.56 -5.93 -21.07
N LEU B 282 -4.41 -6.34 -20.55
CA LEU B 282 -3.13 -5.84 -21.05
C LEU B 282 -2.79 -6.47 -22.40
N VAL B 283 -2.31 -5.65 -23.33
CA VAL B 283 -1.71 -6.13 -24.58
C VAL B 283 -0.26 -5.67 -24.60
N GLN B 284 0.59 -6.47 -25.22
CA GLN B 284 2.01 -6.19 -25.35
C GLN B 284 2.44 -6.47 -26.79
N PRO B 285 1.94 -5.68 -27.75
CA PRO B 285 2.23 -5.98 -29.16
C PRO B 285 3.70 -5.83 -29.57
N HIS B 286 4.47 -5.01 -28.87
CA HIS B 286 5.87 -4.78 -29.20
C HIS B 286 6.79 -5.66 -28.38
N GLY B 287 6.23 -6.62 -27.65
CA GLY B 287 7.04 -7.56 -26.89
C GLY B 287 7.59 -6.97 -25.61
N PRO B 288 8.27 -7.81 -24.81
CA PRO B 288 8.82 -7.39 -23.53
C PRO B 288 9.88 -6.30 -23.65
N ARG B 289 9.88 -5.36 -22.71
CA ARG B 289 10.85 -4.27 -22.71
C ARG B 289 11.99 -4.60 -21.76
N PHE B 290 11.81 -5.69 -21.02
CA PHE B 290 12.88 -6.23 -20.19
C PHE B 290 13.55 -7.35 -20.99
N ARG B 291 14.80 -7.64 -20.65
CA ARG B 291 15.54 -8.72 -21.29
C ARG B 291 15.73 -9.83 -20.25
N LEU B 292 15.27 -11.02 -20.56
CA LEU B 292 15.49 -12.17 -19.69
C LEU B 292 16.43 -13.09 -20.40
N GLU B 293 17.60 -13.36 -19.79
CA GLU B 293 18.55 -14.39 -20.24
C GLU B 293 18.82 -15.34 -19.08
N GLY B 294 18.28 -16.55 -19.15
CA GLY B 294 18.43 -17.52 -18.04
C GLY B 294 17.74 -17.02 -16.78
N ASN B 295 18.52 -16.86 -15.71
CA ASN B 295 18.05 -16.28 -14.45
C ASN B 295 18.44 -14.79 -14.29
N ALA B 296 18.77 -14.13 -15.39
CA ALA B 296 19.29 -12.76 -15.36
C ALA B 296 18.32 -11.81 -16.06
N VAL B 297 18.00 -10.69 -15.40
CA VAL B 297 17.06 -9.71 -15.93
C VAL B 297 17.68 -8.32 -16.12
N LEU B 298 17.42 -7.71 -17.28
CA LEU B 298 17.69 -6.27 -17.50
C LEU B 298 16.37 -5.55 -17.75
N TYR B 299 16.21 -4.38 -17.14
CA TYR B 299 15.02 -3.54 -17.29
C TYR B 299 15.37 -2.08 -17.06
N GLY B 300 15.48 -1.30 -18.13
CA GLY B 300 15.87 0.11 -18.04
C GLY B 300 17.18 0.23 -17.27
N GLY B 301 17.11 0.85 -16.10
CA GLY B 301 18.28 0.98 -15.23
C GLY B 301 18.62 -0.27 -14.44
N TRP B 302 17.69 -1.23 -14.36
CA TRP B 302 17.86 -2.38 -13.47
C TRP B 302 18.65 -3.52 -14.11
N SER B 303 19.45 -4.17 -13.27
CA SER B 303 20.01 -5.48 -13.59
CA SER B 303 20.01 -5.48 -13.59
C SER B 303 20.02 -6.34 -12.32
N PHE B 304 19.54 -7.58 -12.44
CA PHE B 304 19.53 -8.49 -11.32
C PHE B 304 19.43 -9.94 -11.77
N ALA B 305 19.75 -10.84 -10.83
CA ALA B 305 19.59 -12.26 -11.01
C ALA B 305 18.56 -12.69 -9.99
N PHE B 306 17.90 -13.81 -10.26
CA PHE B 306 16.92 -14.35 -9.32
C PHE B 306 17.09 -15.85 -9.13
N ARG B 307 16.56 -16.36 -8.03
CA ARG B 307 16.47 -17.78 -7.85
C ARG B 307 15.26 -18.12 -7.02
N LEU B 308 14.90 -19.38 -7.07
CA LEU B 308 13.76 -19.88 -6.35
C LEU B 308 14.30 -21.01 -5.51
N ARG B 309 14.61 -20.70 -4.26
CA ARG B 309 15.24 -21.65 -3.37
C ARG B 309 14.18 -22.62 -2.88
N SER B 310 14.34 -23.90 -3.17
CA SER B 310 13.31 -24.93 -2.87
C SER B 310 12.86 -24.91 -1.40
N SER B 311 13.80 -24.69 -0.49
CA SER B 311 13.49 -24.62 0.94
C SER B 311 12.75 -23.33 1.31
N SER B 312 13.36 -22.18 1.02
CA SER B 312 12.93 -20.91 1.61
C SER B 312 12.18 -19.94 0.68
N GLY B 313 12.29 -20.15 -0.63
CA GLY B 313 11.51 -19.39 -1.59
C GLY B 313 12.30 -18.37 -2.38
N LEU B 314 11.60 -17.32 -2.81
CA LEU B 314 12.08 -16.42 -3.86
C LEU B 314 13.22 -15.48 -3.41
N GLN B 315 14.20 -15.32 -4.27
CA GLN B 315 15.25 -14.32 -4.04
C GLN B 315 15.57 -13.53 -5.29
N VAL B 316 15.94 -12.27 -5.10
CA VAL B 316 16.67 -11.52 -6.11
C VAL B 316 18.05 -11.21 -5.56
N LEU B 317 19.03 -11.30 -6.45
CA LEU B 317 20.42 -11.22 -6.08
C LEU B 317 21.20 -10.28 -6.99
N ASN B 318 22.22 -9.64 -6.42
CA ASN B 318 23.13 -8.80 -7.17
C ASN B 318 22.39 -7.67 -7.90
N VAL B 319 21.49 -7.04 -7.17
CA VAL B 319 20.61 -6.06 -7.76
C VAL B 319 21.39 -4.78 -7.98
N HIS B 320 21.33 -4.28 -9.22
CA HIS B 320 21.96 -3.04 -9.62
C HIS B 320 20.94 -2.07 -10.21
N PHE B 321 21.18 -0.79 -9.98
CA PHE B 321 20.58 0.25 -10.82
C PHE B 321 21.68 1.20 -11.35
N GLY B 322 21.66 1.46 -12.64
CA GLY B 322 22.61 2.38 -13.27
C GLY B 322 24.03 1.86 -13.21
N GLY B 323 24.17 0.53 -13.18
CA GLY B 323 25.47 -0.12 -13.08
C GLY B 323 26.08 -0.10 -11.69
N GLU B 324 25.32 0.32 -10.68
CA GLU B 324 25.80 0.28 -9.30
C GLU B 324 24.98 -0.67 -8.43
N ARG B 325 25.67 -1.42 -7.57
CA ARG B 325 25.02 -2.38 -6.70
C ARG B 325 24.21 -1.66 -5.64
N ILE B 326 22.99 -2.13 -5.44
CA ILE B 326 22.10 -1.69 -4.37
C ILE B 326 21.96 -2.78 -3.29
N ALA B 327 21.71 -4.01 -3.71
CA ALA B 327 21.52 -5.13 -2.78
C ALA B 327 22.16 -6.41 -3.32
N TYR B 328 22.95 -7.08 -2.50
CA TYR B 328 23.52 -8.37 -2.86
C TYR B 328 22.45 -9.47 -2.86
N GLU B 329 21.56 -9.43 -1.86
CA GLU B 329 20.47 -10.39 -1.72
C GLU B 329 19.23 -9.79 -1.06
N VAL B 330 18.07 -10.06 -1.66
CA VAL B 330 16.76 -9.83 -1.01
C VAL B 330 15.97 -11.15 -1.11
N SER B 331 15.64 -11.75 0.03
CA SER B 331 15.09 -13.11 0.03
C SER B 331 14.03 -13.38 1.10
N VAL B 332 13.05 -14.19 0.72
CA VAL B 332 12.06 -14.68 1.67
C VAL B 332 12.78 -15.68 2.58
N GLN B 333 12.57 -15.55 3.88
CA GLN B 333 13.26 -16.39 4.87
C GLN B 333 12.35 -17.34 5.64
N GLU B 334 11.12 -16.88 5.90
CA GLU B 334 10.13 -17.68 6.64
C GLU B 334 8.77 -17.03 6.49
N ALA B 335 7.72 -17.84 6.61
CA ALA B 335 6.33 -17.37 6.56
C ALA B 335 5.56 -18.18 7.58
N VAL B 336 5.01 -17.50 8.59
CA VAL B 336 4.40 -18.13 9.75
CA VAL B 336 4.37 -18.19 9.70
C VAL B 336 2.93 -17.75 9.90
N ALA B 337 2.12 -18.67 10.42
CA ALA B 337 0.74 -18.38 10.80
C ALA B 337 0.54 -18.97 12.19
N LEU B 338 0.31 -18.09 13.16
CA LEU B 338 0.26 -18.44 14.59
C LEU B 338 -1.14 -18.29 15.14
N TYR B 339 -1.71 -19.42 15.59
CA TYR B 339 -3.12 -19.49 15.97
C TYR B 339 -3.39 -19.54 17.47
N GLY B 340 -4.59 -19.09 17.82
CA GLY B 340 -5.23 -19.51 19.06
C GLY B 340 -6.42 -20.40 18.70
N GLY B 341 -6.89 -21.18 19.66
CA GLY B 341 -8.01 -22.07 19.42
C GLY B 341 -8.67 -22.60 20.68
N HIS B 342 -9.97 -22.88 20.56
CA HIS B 342 -10.71 -23.62 21.56
C HIS B 342 -10.47 -25.14 21.50
N THR B 343 -10.14 -25.66 20.32
CA THR B 343 -9.91 -27.10 20.17
C THR B 343 -8.41 -27.38 20.33
N PRO B 344 -8.03 -28.62 20.69
CA PRO B 344 -6.61 -28.94 20.83
C PRO B 344 -5.76 -28.66 19.59
N ALA B 345 -6.25 -29.05 18.41
CA ALA B 345 -5.55 -28.76 17.14
C ALA B 345 -5.36 -27.25 16.98
N GLY B 346 -6.41 -26.49 17.26
CA GLY B 346 -6.38 -25.04 17.10
C GLY B 346 -5.38 -24.34 18.00
N MET B 347 -5.39 -24.67 19.29
CA MET B 347 -4.43 -24.06 20.21
C MET B 347 -3.00 -24.57 20.00
N GLN B 348 -2.84 -25.66 19.27
CA GLN B 348 -1.54 -26.21 18.91
C GLN B 348 -0.84 -25.52 17.73
N THR B 349 -1.59 -24.86 16.86
CA THR B 349 -1.09 -24.48 15.53
C THR B 349 -0.19 -23.25 15.49
N LYS B 350 1.07 -23.52 15.17
CA LYS B 350 2.03 -22.50 14.76
C LYS B 350 2.69 -23.02 13.49
N TYR B 351 2.18 -22.63 12.34
CA TYR B 351 2.70 -23.14 11.08
C TYR B 351 3.87 -22.29 10.68
N LEU B 352 5.00 -22.94 10.37
CA LEU B 352 6.20 -22.30 9.84
C LEU B 352 6.49 -22.96 8.48
N ASP B 353 6.18 -22.25 7.39
CA ASP B 353 6.09 -22.85 6.08
C ASP B 353 7.39 -23.26 5.42
N VAL B 354 8.52 -22.73 5.88
CA VAL B 354 9.78 -23.22 5.36
C VAL B 354 9.90 -24.72 5.72
N GLY B 355 9.31 -25.11 6.85
CA GLY B 355 9.26 -26.51 7.25
C GLY B 355 8.45 -27.41 6.32
N TRP B 356 7.75 -26.81 5.37
CA TRP B 356 6.94 -27.52 4.39
C TRP B 356 7.42 -27.30 2.95
N GLY B 357 8.66 -26.86 2.78
CA GLY B 357 9.18 -26.52 1.44
C GLY B 357 8.44 -25.36 0.79
N LEU B 358 8.56 -24.19 1.39
CA LEU B 358 7.85 -22.99 0.92
C LEU B 358 8.20 -22.67 -0.53
N GLY B 359 9.47 -22.84 -0.89
CA GLY B 359 9.91 -22.61 -2.26
C GLY B 359 9.70 -23.74 -3.24
N SER B 360 9.11 -24.86 -2.78
CA SER B 360 8.89 -26.02 -3.65
CA SER B 360 8.88 -26.04 -3.62
C SER B 360 7.42 -26.19 -4.04
N VAL B 361 6.53 -25.45 -3.40
CA VAL B 361 5.10 -25.57 -3.72
C VAL B 361 4.67 -24.40 -4.60
N THR B 362 5.50 -24.17 -5.63
CA THR B 362 5.39 -23.07 -6.58
C THR B 362 4.58 -23.59 -7.75
N HIS B 363 3.29 -23.75 -7.53
CA HIS B 363 2.46 -24.43 -8.49
C HIS B 363 2.01 -23.50 -9.61
N GLU B 364 1.44 -24.10 -10.64
CA GLU B 364 1.32 -23.48 -11.94
C GLU B 364 0.51 -22.19 -11.94
N LEU B 365 1.11 -21.14 -12.50
CA LEU B 365 0.47 -19.82 -12.61
C LEU B 365 -0.50 -19.83 -13.79
N ALA B 366 -1.75 -19.44 -13.53
CA ALA B 366 -2.80 -19.47 -14.56
C ALA B 366 -2.71 -18.15 -15.31
N PRO B 367 -2.37 -18.21 -16.63
CA PRO B 367 -2.24 -16.98 -17.41
C PRO B 367 -3.52 -16.17 -17.49
N GLY B 368 -3.40 -14.86 -17.31
CA GLY B 368 -4.55 -13.95 -17.25
C GLY B 368 -5.02 -13.66 -15.84
N ILE B 369 -4.87 -14.64 -14.94
CA ILE B 369 -5.39 -14.56 -13.58
C ILE B 369 -4.22 -14.33 -12.60
N ASP B 370 -3.32 -15.31 -12.47
CA ASP B 370 -2.19 -15.19 -11.54
C ASP B 370 -1.13 -14.17 -12.00
N CYS B 371 -0.88 -14.11 -13.31
CA CYS B 371 -0.12 -13.04 -13.92
C CYS B 371 -0.88 -12.60 -15.18
N PRO B 372 -0.56 -11.41 -15.72
CA PRO B 372 -1.19 -10.99 -16.97
C PRO B 372 -1.02 -12.01 -18.11
N GLU B 373 -1.96 -11.99 -19.06
CA GLU B 373 -1.93 -12.88 -20.23
C GLU B 373 -0.64 -12.67 -21.02
N THR B 374 -0.09 -11.47 -20.91
CA THR B 374 1.12 -11.06 -21.59
C THR B 374 2.43 -11.39 -20.86
N ALA B 375 2.34 -12.01 -19.68
CA ALA B 375 3.51 -12.30 -18.87
C ALA B 375 4.42 -13.37 -19.51
N THR B 376 5.72 -13.30 -19.17
CA THR B 376 6.66 -14.36 -19.50
C THR B 376 6.60 -15.37 -18.35
N PHE B 377 6.20 -16.60 -18.67
CA PHE B 377 6.06 -17.67 -17.68
C PHE B 377 7.29 -18.56 -17.71
N LEU B 378 7.81 -18.88 -16.52
CA LEU B 378 9.07 -19.60 -16.39
CA LEU B 378 9.07 -19.60 -16.40
C LEU B 378 8.85 -20.90 -15.64
N ASP B 379 9.47 -21.96 -16.13
CA ASP B 379 9.41 -23.25 -15.49
C ASP B 379 10.64 -23.43 -14.62
N THR B 380 10.52 -24.34 -13.65
CA THR B 380 11.67 -24.76 -12.90
C THR B 380 11.54 -26.23 -12.52
N PHE B 381 12.55 -26.71 -11.82
CA PHE B 381 12.59 -28.08 -11.33
C PHE B 381 12.86 -28.02 -9.84
N HIS B 382 12.16 -28.86 -9.08
CA HIS B 382 12.47 -29.04 -7.65
C HIS B 382 12.77 -30.50 -7.34
N TYR B 383 13.68 -30.73 -6.41
CA TYR B 383 13.84 -32.04 -5.79
C TYR B 383 13.57 -31.87 -4.31
N TYR B 384 12.31 -32.09 -3.93
CA TYR B 384 11.89 -31.99 -2.54
C TYR B 384 10.86 -33.10 -2.30
N ASP B 385 11.21 -34.05 -1.44
CA ASP B 385 10.34 -35.21 -1.15
C ASP B 385 9.80 -35.85 -2.43
N ALA B 386 10.73 -36.23 -3.30
CA ALA B 386 10.39 -36.83 -4.58
C ALA B 386 11.36 -37.98 -4.91
N ASP B 387 10.99 -38.80 -5.86
CA ASP B 387 11.85 -39.92 -6.32
C ASP B 387 12.81 -39.44 -7.40
N ASP B 388 12.41 -38.41 -8.14
CA ASP B 388 13.20 -37.79 -9.20
C ASP B 388 12.90 -36.29 -9.19
N PRO B 389 13.76 -35.49 -9.85
CA PRO B 389 13.47 -34.05 -9.98
C PRO B 389 12.14 -33.87 -10.69
N VAL B 390 11.32 -32.93 -10.22
CA VAL B 390 9.98 -32.72 -10.73
C VAL B 390 9.90 -31.41 -11.50
N HIS B 391 9.32 -31.45 -12.71
CA HIS B 391 9.10 -30.27 -13.52
C HIS B 391 7.91 -29.49 -12.95
N TYR B 392 8.10 -28.20 -12.70
CA TYR B 392 7.01 -27.32 -12.23
C TYR B 392 6.77 -26.28 -13.30
N PRO B 393 5.73 -26.49 -14.12
CA PRO B 393 5.45 -25.50 -15.18
C PRO B 393 4.90 -24.19 -14.63
N ARG B 394 5.29 -23.10 -15.28
CA ARG B 394 4.86 -21.74 -14.92
C ARG B 394 4.97 -21.51 -13.43
N ALA B 395 6.14 -21.86 -12.88
CA ALA B 395 6.41 -21.70 -11.47
C ALA B 395 6.64 -20.23 -11.11
N LEU B 396 7.18 -19.48 -12.05
CA LEU B 396 7.36 -18.03 -11.89
C LEU B 396 6.81 -17.33 -13.10
N CYS B 397 6.57 -16.03 -12.93
CA CYS B 397 6.33 -15.17 -14.08
C CYS B 397 7.03 -13.83 -13.90
N LEU B 398 7.29 -13.20 -15.03
CA LEU B 398 7.98 -11.94 -15.11
C LEU B 398 7.19 -11.10 -16.08
N PHE B 399 6.84 -9.88 -15.70
CA PHE B 399 5.99 -9.07 -16.55
C PHE B 399 6.05 -7.61 -16.22
N GLU B 400 5.89 -6.80 -17.25
CA GLU B 400 5.69 -5.37 -17.07
C GLU B 400 4.20 -5.10 -17.12
N MET B 401 3.73 -4.22 -16.25
CA MET B 401 2.34 -3.79 -16.29
C MET B 401 2.23 -2.32 -15.91
N PRO B 402 1.27 -1.61 -16.54
CA PRO B 402 0.95 -0.27 -16.07
C PRO B 402 0.39 -0.28 -14.67
N THR B 403 0.90 0.60 -13.83
CA THR B 403 0.46 0.75 -12.46
C THR B 403 -0.86 1.50 -12.38
N GLY B 404 -1.22 2.22 -13.45
CA GLY B 404 -2.42 3.03 -13.43
C GLY B 404 -2.26 4.36 -12.70
N VAL B 405 -1.04 4.71 -12.31
CA VAL B 405 -0.78 6.04 -11.76
C VAL B 405 0.55 6.51 -12.35
N PRO B 406 0.60 7.78 -12.79
CA PRO B 406 1.85 8.20 -13.40
C PRO B 406 2.97 8.21 -12.39
N LEU B 407 4.16 7.87 -12.83
CA LEU B 407 5.33 7.95 -11.98
C LEU B 407 5.52 9.38 -11.52
N ARG B 408 5.37 10.30 -12.45
CA ARG B 408 5.36 11.71 -12.14
C ARG B 408 4.54 12.47 -13.18
N ARG B 409 3.92 13.55 -12.76
CA ARG B 409 3.19 14.43 -13.66
C ARG B 409 3.10 15.82 -13.06
N HIS B 410 2.99 16.82 -13.93
CA HIS B 410 2.78 18.18 -13.49
C HIS B 410 2.03 18.99 -14.51
N PHE B 411 1.03 19.74 -14.06
CA PHE B 411 0.33 20.72 -14.89
C PHE B 411 0.85 22.09 -14.48
N ASN B 412 1.62 22.72 -15.36
CA ASN B 412 2.21 24.02 -15.08
C ASN B 412 1.29 25.09 -15.65
N SER B 413 0.35 25.54 -14.84
CA SER B 413 -0.61 26.59 -15.20
C SER B 413 0.07 27.94 -15.43
N ASN B 414 -0.46 28.73 -16.36
CA ASN B 414 -0.12 30.18 -16.42
C ASN B 414 -1.09 31.04 -15.61
N PHE B 415 -2.04 30.40 -14.92
CA PHE B 415 -2.99 31.06 -14.01
C PHE B 415 -3.85 32.13 -14.68
N LYS B 416 -3.99 32.06 -16.01
CA LYS B 416 -4.84 32.98 -16.79
C LYS B 416 -5.67 32.18 -17.81
N GLY B 417 -6.08 30.96 -17.47
CA GLY B 417 -6.88 30.15 -18.38
C GLY B 417 -6.09 29.21 -19.27
N GLY B 418 -4.78 29.12 -19.06
CA GLY B 418 -3.94 28.25 -19.87
C GLY B 418 -2.76 27.65 -19.13
N PHE B 419 -1.76 27.22 -19.89
CA PHE B 419 -0.65 26.46 -19.34
C PHE B 419 0.65 26.74 -20.06
N ASN B 420 1.75 26.54 -19.33
CA ASN B 420 3.09 26.62 -19.87
C ASN B 420 3.50 25.27 -20.43
N PHE B 421 3.14 24.21 -19.71
CA PHE B 421 3.26 22.85 -20.21
C PHE B 421 2.55 21.86 -19.33
N TYR B 422 2.30 20.67 -19.88
CA TYR B 422 1.97 19.49 -19.09
C TYR B 422 3.07 18.46 -19.33
N ALA B 423 3.62 17.91 -18.26
CA ALA B 423 4.60 16.82 -18.34
C ALA B 423 4.09 15.61 -17.55
N GLY B 424 4.31 14.43 -18.10
CA GLY B 424 3.84 13.21 -17.46
C GLY B 424 4.66 12.01 -17.87
N LEU B 425 4.86 11.09 -16.94
CA LEU B 425 5.45 9.79 -17.25
C LEU B 425 4.48 8.69 -16.80
N LYS B 426 3.95 7.98 -17.77
CA LYS B 426 3.10 6.83 -17.53
C LYS B 426 3.77 5.87 -16.54
N GLY B 427 2.96 5.33 -15.64
CA GLY B 427 3.45 4.43 -14.61
C GLY B 427 3.56 3.04 -15.16
N GLN B 428 4.74 2.44 -15.03
CA GLN B 428 5.00 1.06 -15.42
C GLN B 428 5.81 0.44 -14.30
N VAL B 429 5.66 -0.87 -14.13
CA VAL B 429 6.46 -1.62 -13.15
CA VAL B 429 6.48 -1.59 -13.17
C VAL B 429 6.80 -2.98 -13.70
N LEU B 430 7.98 -3.49 -13.31
CA LEU B 430 8.38 -4.86 -13.56
C LEU B 430 8.11 -5.67 -12.31
N VAL B 431 7.45 -6.81 -12.48
CA VAL B 431 7.05 -7.68 -11.39
C VAL B 431 7.64 -9.08 -11.67
N LEU B 432 8.45 -9.59 -10.73
CA LEU B 432 8.89 -10.98 -10.69
C LEU B 432 8.03 -11.63 -9.63
N ARG B 433 7.33 -12.71 -9.99
CA ARG B 433 6.34 -13.31 -9.09
C ARG B 433 6.44 -14.83 -9.05
N THR B 434 6.23 -15.39 -7.87
CA THR B 434 5.95 -16.80 -7.69
C THR B 434 4.86 -16.92 -6.61
N THR B 435 4.51 -18.16 -6.27
CA THR B 435 3.57 -18.41 -5.21
C THR B 435 4.06 -19.51 -4.31
N SER B 436 3.41 -19.65 -3.17
CA SER B 436 3.53 -20.87 -2.40
C SER B 436 2.15 -21.28 -1.95
N THR B 437 1.77 -22.52 -2.27
CA THR B 437 0.55 -23.11 -1.74
C THR B 437 0.99 -24.30 -0.93
N VAL B 438 1.14 -24.09 0.36
CA VAL B 438 1.70 -25.15 1.19
C VAL B 438 0.64 -26.23 1.36
N TYR B 439 -0.59 -25.77 1.60
CA TYR B 439 -1.71 -26.65 1.80
C TYR B 439 -3.03 -25.88 1.53
N ASN B 440 -3.49 -25.12 2.53
CA ASN B 440 -4.68 -24.26 2.44
C ASN B 440 -4.36 -22.82 2.00
N ASP B 442 -2.62 -19.74 -0.07
CA ASP B 442 -1.89 -19.38 -1.26
C ASP B 442 -1.25 -18.00 -1.06
N TYR B 443 0.07 -17.98 -0.93
CA TYR B 443 0.84 -16.73 -0.79
C TYR B 443 1.42 -16.37 -2.15
N ILE B 444 1.27 -15.10 -2.53
CA ILE B 444 1.77 -14.61 -3.80
C ILE B 444 2.93 -13.73 -3.45
N TRP B 445 4.11 -14.09 -3.96
CA TRP B 445 5.37 -13.42 -3.65
C TRP B 445 5.83 -12.58 -4.84
N ASP B 446 5.96 -11.27 -4.62
CA ASP B 446 6.30 -10.29 -5.65
C ASP B 446 7.59 -9.57 -5.29
N PHE B 447 8.46 -9.39 -6.27
CA PHE B 447 9.49 -8.37 -6.21
C PHE B 447 9.24 -7.45 -7.40
N ILE B 448 9.16 -6.16 -7.12
CA ILE B 448 8.60 -5.18 -8.03
C ILE B 448 9.63 -4.06 -8.23
N PHE B 449 9.88 -3.70 -9.49
CA PHE B 449 10.93 -2.76 -9.84
C PHE B 449 10.36 -1.62 -10.66
N TYR B 450 10.43 -0.42 -10.10
CA TYR B 450 9.94 0.81 -10.74
C TYR B 450 11.06 1.46 -11.53
N PRO B 451 10.71 2.20 -12.60
CA PRO B 451 11.76 2.81 -13.42
C PRO B 451 12.69 3.83 -12.73
N ASN B 452 12.26 4.36 -11.59
CA ASN B 452 13.04 5.36 -10.84
C ASN B 452 13.89 4.79 -9.71
N GLY B 453 14.14 3.47 -9.75
CA GLY B 453 15.08 2.85 -8.83
C GLY B 453 14.47 2.43 -7.52
N VAL B 454 13.15 2.59 -7.39
CA VAL B 454 12.45 2.06 -6.23
C VAL B 454 12.16 0.59 -6.49
N MET B 455 12.48 -0.28 -5.54
CA MET B 455 11.97 -1.65 -5.59
C MET B 455 11.12 -1.97 -4.37
N GLU B 456 10.21 -2.91 -4.56
CA GLU B 456 9.25 -3.26 -3.55
C GLU B 456 9.24 -4.78 -3.41
N ALA B 457 9.05 -5.26 -2.19
CA ALA B 457 8.76 -6.66 -1.93
C ALA B 457 7.32 -6.70 -1.44
N LYS B 458 6.54 -7.64 -1.95
CA LYS B 458 5.16 -7.78 -1.54
C LYS B 458 4.79 -9.25 -1.42
N MET B 459 4.04 -9.56 -0.36
CA MET B 459 3.36 -10.83 -0.21
C MET B 459 1.85 -10.60 -0.10
N HIS B 460 1.06 -11.32 -0.91
CA HIS B 460 -0.42 -11.28 -0.84
C HIS B 460 -0.96 -12.60 -0.35
N ALA B 461 -1.91 -12.57 0.58
CA ALA B 461 -2.49 -13.78 1.14
C ALA B 461 -3.85 -14.06 0.51
N THR B 462 -4.03 -15.29 0.04
CA THR B 462 -5.32 -15.78 -0.41
C THR B 462 -5.42 -17.29 -0.10
N GLY B 463 -6.35 -17.99 -0.76
CA GLY B 463 -6.64 -19.39 -0.43
C GLY B 463 -7.58 -19.57 0.76
N TYR B 464 -7.59 -20.79 1.30
CA TYR B 464 -8.49 -21.16 2.38
C TYR B 464 -7.90 -20.88 3.75
N VAL B 465 -8.74 -20.39 4.67
CA VAL B 465 -8.35 -20.22 6.06
C VAL B 465 -8.18 -21.56 6.80
N HIS B 466 -7.34 -21.53 7.82
CA HIS B 466 -7.17 -22.66 8.74
C HIS B 466 -8.32 -22.56 9.74
N ALA B 467 -9.16 -23.59 9.76
CA ALA B 467 -10.41 -23.55 10.51
C ALA B 467 -10.66 -24.86 11.26
N THR B 468 -11.43 -24.73 12.33
CA THR B 468 -11.77 -25.84 13.22
C THR B 468 -13.28 -25.89 13.44
N PHE B 469 -13.73 -26.95 14.10
CA PHE B 469 -15.16 -27.19 14.33
C PHE B 469 -15.77 -26.19 15.30
N TYR B 470 -16.96 -25.72 14.97
CA TYR B 470 -17.69 -24.77 15.83
C TYR B 470 -18.23 -25.37 17.11
N THR B 471 -17.88 -24.73 18.22
CA THR B 471 -18.61 -24.81 19.49
C THR B 471 -18.67 -23.37 20.03
N PRO B 472 -19.64 -23.04 20.91
CA PRO B 472 -19.71 -21.69 21.51
C PRO B 472 -18.39 -21.20 22.08
N GLU B 473 -17.65 -22.11 22.72
CA GLU B 473 -16.35 -21.78 23.32
C GLU B 473 -15.32 -21.26 22.34
N GLY B 474 -15.49 -21.61 21.06
CA GLY B 474 -14.58 -21.16 20.03
C GLY B 474 -14.61 -19.68 19.75
N LEU B 475 -15.68 -19.01 20.17
CA LEU B 475 -15.85 -17.58 19.86
C LEU B 475 -14.85 -16.68 20.61
N ARG B 476 -14.17 -17.22 21.62
CA ARG B 476 -13.05 -16.54 22.27
C ARG B 476 -11.74 -16.58 21.45
N HIS B 477 -11.67 -17.44 20.43
CA HIS B 477 -10.45 -17.59 19.62
C HIS B 477 -10.74 -17.53 18.12
N GLY B 478 -11.84 -16.90 17.74
CA GLY B 478 -12.19 -16.86 16.34
C GLY B 478 -13.62 -16.49 16.07
N THR B 479 -14.00 -16.67 14.81
CA THR B 479 -15.28 -16.21 14.30
C THR B 479 -16.03 -17.38 13.67
N ARG B 480 -17.33 -17.46 13.92
CA ARG B 480 -18.14 -18.44 13.21
C ARG B 480 -18.38 -17.97 11.77
N LEU B 481 -18.03 -18.84 10.83
CA LEU B 481 -18.04 -18.54 9.40
C LEU B 481 -19.10 -19.35 8.63
N HIS B 482 -19.52 -20.46 9.20
CA HIS B 482 -20.59 -21.26 8.66
C HIS B 482 -21.20 -22.07 9.82
N THR B 483 -22.14 -22.95 9.49
CA THR B 483 -22.86 -23.71 10.50
C THR B 483 -21.91 -24.44 11.45
N HIS B 484 -20.92 -25.13 10.91
CA HIS B 484 -20.06 -25.93 11.75
C HIS B 484 -18.61 -25.44 11.79
N LEU B 485 -18.41 -24.17 11.49
CA LEU B 485 -17.07 -23.69 11.12
C LEU B 485 -16.65 -22.46 11.92
N ILE B 486 -15.52 -22.59 12.61
CA ILE B 486 -14.88 -21.44 13.23
C ILE B 486 -13.60 -21.11 12.48
N GLY B 487 -13.46 -19.86 12.06
CA GLY B 487 -12.19 -19.37 11.55
C GLY B 487 -11.32 -18.89 12.70
N ASN B 488 -10.27 -19.63 13.03
CA ASN B 488 -9.39 -19.29 14.17
C ASN B 488 -8.62 -17.99 13.96
N ILE B 489 -8.55 -17.17 15.01
CA ILE B 489 -7.69 -15.99 15.03
C ILE B 489 -6.22 -16.41 14.85
N HIS B 490 -5.46 -15.61 14.12
CA HIS B 490 -4.06 -15.87 13.88
C HIS B 490 -3.35 -14.61 13.41
N THR B 491 -2.04 -14.64 13.51
CA THR B 491 -1.20 -13.60 12.94
C THR B 491 -0.29 -14.25 11.90
N HIS B 492 -0.29 -13.66 10.70
CA HIS B 492 0.69 -14.00 9.68
C HIS B 492 1.94 -13.14 9.91
N LEU B 493 3.11 -13.76 9.88
CA LEU B 493 4.37 -13.02 9.95
C LEU B 493 5.30 -13.59 8.92
N VAL B 494 6.05 -12.71 8.26
CA VAL B 494 6.97 -13.07 7.19
C VAL B 494 8.30 -12.41 7.50
N HIS B 495 9.40 -13.13 7.30
CA HIS B 495 10.72 -12.57 7.50
C HIS B 495 11.45 -12.50 6.16
N TYR B 496 12.05 -11.35 5.90
CA TYR B 496 12.88 -11.14 4.74
C TYR B 496 14.30 -10.82 5.21
N ARG B 497 15.25 -11.32 4.43
CA ARG B 497 16.65 -10.95 4.58
C ARG B 497 16.94 -9.94 3.50
N VAL B 498 17.40 -8.76 3.90
CA VAL B 498 17.66 -7.68 2.94
C VAL B 498 19.14 -7.26 3.05
N ASP B 499 19.99 -7.96 2.32
CA ASP B 499 21.42 -7.69 2.33
C ASP B 499 21.71 -6.57 1.35
N LEU B 500 21.46 -5.36 1.82
CA LEU B 500 21.77 -4.18 1.04
C LEU B 500 23.28 -4.00 1.02
N ASP B 501 23.83 -3.78 -0.17
CA ASP B 501 25.21 -3.34 -0.36
C ASP B 501 25.13 -2.05 -1.17
N VAL B 502 24.84 -0.96 -0.47
CA VAL B 502 24.54 0.30 -1.13
C VAL B 502 25.83 0.89 -1.73
N ALA B 503 25.90 0.88 -3.06
CA ALA B 503 27.08 1.36 -3.81
C ALA B 503 28.37 0.62 -3.44
N GLY B 504 28.27 -0.64 -3.02
CA GLY B 504 29.40 -1.36 -2.45
C GLY B 504 29.12 -2.01 -1.11
N THR B 505 30.07 -2.84 -0.69
CA THR B 505 29.82 -3.79 0.37
C THR B 505 29.72 -3.13 1.73
N LYS B 506 30.50 -2.07 1.95
CA LYS B 506 30.59 -1.47 3.26
C LYS B 506 29.69 -0.23 3.38
N ASN B 507 28.77 -0.30 4.35
CA ASN B 507 27.75 0.70 4.56
C ASN B 507 27.71 1.09 6.02
N SER B 508 26.97 2.14 6.31
CA SER B 508 26.54 2.46 7.65
C SER B 508 25.03 2.56 7.69
N PHE B 509 24.47 2.68 8.89
CA PHE B 509 23.04 2.79 9.07
C PHE B 509 22.73 4.03 9.90
N GLN B 510 21.83 4.87 9.41
CA GLN B 510 21.37 6.01 10.21
C GLN B 510 19.87 6.22 10.06
N THR B 511 19.28 6.92 11.00
CA THR B 511 17.89 7.29 10.89
C THR B 511 17.73 8.80 10.96
N LEU B 512 16.62 9.28 10.41
CA LEU B 512 16.26 10.70 10.46
C LEU B 512 14.87 10.86 11.08
N GLN B 513 14.74 11.90 11.89
CA GLN B 513 13.47 12.26 12.51
C GLN B 513 13.28 13.77 12.36
N MET B 514 12.03 14.19 12.33
CA MET B 514 11.69 15.59 12.47
C MET B 514 11.66 15.90 13.97
N LYS B 515 12.33 16.96 14.41
CA LYS B 515 12.22 17.46 15.79
C LYS B 515 11.89 18.95 15.77
N LEU B 516 11.02 19.37 16.68
CA LEU B 516 10.57 20.74 16.71
C LEU B 516 11.61 21.62 17.41
N GLU B 517 11.79 22.84 16.93
CA GLU B 517 12.51 23.84 17.70
C GLU B 517 11.56 25.00 17.96
N ASN B 518 11.86 25.75 19.02
CA ASN B 518 11.09 26.90 19.41
C ASN B 518 12.05 28.08 19.58
N ILE B 519 12.05 28.96 18.58
CA ILE B 519 13.00 30.07 18.51
C ILE B 519 12.26 31.40 18.42
N THR B 520 12.99 32.48 18.68
CA THR B 520 12.46 33.82 18.49
C THR B 520 12.24 33.99 17.00
N ASN B 521 11.04 34.44 16.64
CA ASN B 521 10.76 34.86 15.27
C ASN B 521 11.77 35.94 14.88
N PRO B 522 12.65 35.63 13.91
CA PRO B 522 13.76 36.53 13.60
C PRO B 522 13.37 37.85 12.94
N TRP B 523 12.12 38.00 12.49
CA TRP B 523 11.64 39.24 11.89
C TRP B 523 10.50 39.86 12.68
N SER B 524 10.24 39.33 13.88
CA SER B 524 9.18 39.83 14.76
C SER B 524 9.50 39.29 16.15
N PRO B 525 10.47 39.93 16.83
CA PRO B 525 11.09 39.40 18.07
C PRO B 525 10.13 39.09 19.22
N ARG B 526 8.94 39.69 19.25
CA ARG B 526 7.98 39.39 20.30
C ARG B 526 7.27 38.06 20.10
N HIS B 527 7.42 37.44 18.93
CA HIS B 527 6.76 36.17 18.63
C HIS B 527 7.76 35.02 18.52
N ARG B 528 7.21 33.81 18.48
CA ARG B 528 8.00 32.59 18.41
C ARG B 528 7.80 31.92 17.07
N VAL B 529 8.81 31.18 16.63
CA VAL B 529 8.67 30.23 15.53
C VAL B 529 8.87 28.82 16.13
N VAL B 530 7.84 28.00 16.06
CA VAL B 530 7.93 26.60 16.49
C VAL B 530 7.82 25.77 15.23
N GLN B 531 8.90 25.12 14.84
CA GLN B 531 9.00 24.51 13.52
C GLN B 531 9.89 23.26 13.49
N PRO B 532 9.72 22.44 12.44
CA PRO B 532 10.54 21.25 12.19
C PRO B 532 12.01 21.54 11.96
N THR B 533 12.85 20.69 12.56
CA THR B 533 14.26 20.57 12.19
C THR B 533 14.57 19.12 11.86
N LEU B 534 15.70 18.92 11.19
CA LEU B 534 16.15 17.61 10.79
C LEU B 534 17.09 17.05 11.84
N GLU B 535 16.76 15.90 12.40
CA GLU B 535 17.57 15.25 13.41
C GLU B 535 18.07 13.90 12.89
N GLN B 536 19.40 13.74 12.94
CA GLN B 536 20.08 12.57 12.41
C GLN B 536 20.62 11.71 13.56
N THR B 537 20.35 10.42 13.54
CA THR B 537 20.88 9.51 14.55
C THR B 537 21.79 8.48 13.91
N GLN B 538 23.01 8.33 14.42
CA GLN B 538 23.95 7.31 13.97
C GLN B 538 23.87 6.08 14.87
N TYR B 539 24.22 4.93 14.31
CA TYR B 539 24.15 3.66 15.02
C TYR B 539 25.53 3.00 14.90
N SER B 540 26.09 2.63 16.04
CA SER B 540 27.43 2.04 16.10
C SER B 540 27.45 0.53 16.30
N TRP B 541 26.48 0.00 17.04
CA TRP B 541 26.48 -1.39 17.49
C TRP B 541 25.17 -2.09 17.17
N GLU B 542 25.23 -3.39 16.86
CA GLU B 542 24.05 -4.15 16.45
C GLU B 542 22.82 -3.88 17.30
N ARG B 543 22.97 -3.94 18.62
CA ARG B 543 21.83 -3.84 19.52
C ARG B 543 21.08 -2.51 19.38
N GLN B 544 21.80 -1.43 19.07
CA GLN B 544 21.17 -0.12 18.92
C GLN B 544 20.21 -0.11 17.72
N ALA B 545 20.50 -0.95 16.72
CA ALA B 545 19.77 -1.03 15.47
C ALA B 545 18.78 -2.22 15.44
N ALA B 546 18.59 -2.89 16.59
CA ALA B 546 17.58 -3.94 16.69
C ALA B 546 16.31 -3.30 17.26
N PHE B 547 15.40 -2.93 16.37
CA PHE B 547 14.17 -2.24 16.75
C PHE B 547 13.08 -3.23 17.15
N ARG B 548 12.62 -3.10 18.38
CA ARG B 548 11.52 -3.92 18.87
C ARG B 548 10.19 -3.30 18.48
N PHE B 549 9.11 -4.06 18.65
CA PHE B 549 7.78 -3.59 18.30
C PHE B 549 7.24 -2.55 19.28
N LYS B 550 7.73 -2.54 20.52
CA LYS B 550 7.35 -1.55 21.53
C LYS B 550 7.70 -0.13 21.05
N ARG B 551 8.97 0.07 20.68
CA ARG B 551 9.41 1.36 20.14
C ARG B 551 8.76 1.67 18.78
N LYS B 552 8.35 2.92 18.59
CA LYS B 552 7.90 3.37 17.27
C LYS B 552 9.14 3.48 16.37
N LEU B 553 8.96 3.06 15.12
CA LEU B 553 10.05 2.98 14.16
C LEU B 553 10.37 4.37 13.66
N PRO B 554 11.67 4.76 13.59
CA PRO B 554 11.92 6.05 12.96
C PRO B 554 11.39 6.11 11.52
N LYS B 555 10.99 7.30 11.08
CA LYS B 555 10.39 7.49 9.77
C LYS B 555 11.36 7.25 8.60
N TYR B 556 12.63 7.58 8.79
CA TYR B 556 13.63 7.36 7.75
C TYR B 556 14.65 6.35 8.25
N LEU B 557 14.63 5.18 7.64
CA LEU B 557 15.58 4.12 7.92
C LEU B 557 16.56 4.07 6.75
N LEU B 558 17.79 4.54 6.96
CA LEU B 558 18.73 4.76 5.84
C LEU B 558 19.99 3.92 5.89
N PHE B 559 20.31 3.28 4.78
CA PHE B 559 21.57 2.53 4.63
C PHE B 559 22.46 3.32 3.67
N THR B 560 23.60 3.77 4.19
CA THR B 560 24.43 4.79 3.56
C THR B 560 25.78 4.26 3.05
N SER B 561 26.24 4.90 1.99
CA SER B 561 27.60 4.77 1.51
C SER B 561 28.33 6.00 2.00
N PRO B 562 29.64 5.88 2.29
CA PRO B 562 30.39 7.10 2.61
C PRO B 562 30.54 8.02 1.40
N GLN B 563 30.28 7.53 0.19
CA GLN B 563 30.23 8.41 -0.98
C GLN B 563 29.13 9.46 -0.83
N GLU B 564 29.42 10.67 -1.30
CA GLU B 564 28.44 11.74 -1.33
C GLU B 564 27.96 11.96 -2.75
N ASN B 565 26.73 12.41 -2.90
CA ASN B 565 26.21 12.81 -4.21
C ASN B 565 26.74 14.20 -4.57
N PRO B 566 26.39 14.72 -5.75
CA PRO B 566 26.98 16.01 -6.10
C PRO B 566 26.59 17.20 -5.22
N TRP B 567 25.64 17.00 -4.31
CA TRP B 567 25.12 18.07 -3.45
C TRP B 567 25.58 17.96 -2.01
N GLY B 568 26.49 17.03 -1.74
CA GLY B 568 27.10 16.92 -0.41
C GLY B 568 26.44 15.95 0.53
N HIS B 569 25.45 15.18 0.07
CA HIS B 569 24.72 14.27 0.97
C HIS B 569 25.09 12.83 0.70
N LYS B 570 25.14 12.02 1.75
CA LYS B 570 25.59 10.62 1.62
C LYS B 570 24.64 9.88 0.72
N ARG B 571 25.19 9.13 -0.23
CA ARG B 571 24.39 8.26 -1.08
C ARG B 571 23.82 7.13 -0.24
N SER B 572 22.50 6.90 -0.33
CA SER B 572 21.80 5.99 0.55
CA SER B 572 21.85 5.92 0.52
C SER B 572 20.59 5.32 -0.10
N TYR B 573 20.14 4.22 0.49
CA TYR B 573 18.85 3.64 0.18
C TYR B 573 18.05 3.59 1.46
N ARG B 574 16.77 3.93 1.33
CA ARG B 574 15.84 4.02 2.44
C ARG B 574 14.95 2.78 2.47
N LEU B 575 14.76 2.21 3.66
CA LEU B 575 13.86 1.07 3.84
C LEU B 575 12.57 1.57 4.48
N GLN B 576 11.46 1.23 3.88
CA GLN B 576 10.15 1.70 4.31
C GLN B 576 9.27 0.45 4.41
N ILE B 577 8.79 0.16 5.61
CA ILE B 577 8.06 -1.08 5.88
C ILE B 577 6.54 -0.85 5.87
N HIS B 578 5.83 -1.71 5.14
N HIS B 578 5.83 -1.68 5.12
CA HIS B 578 4.37 -1.69 5.11
CA HIS B 578 4.37 -1.69 5.12
C HIS B 578 3.87 -2.92 5.85
C HIS B 578 3.90 -2.92 5.88
N SER B 579 3.43 -2.72 7.09
CA SER B 579 3.09 -3.84 7.97
C SER B 579 2.12 -3.42 9.04
N MET B 580 1.39 -4.39 9.59
CA MET B 580 0.55 -4.16 10.74
C MET B 580 1.02 -5.03 11.91
N ALA B 581 2.25 -5.57 11.83
CA ALA B 581 2.68 -6.58 12.78
C ALA B 581 2.95 -6.00 14.17
N ASP B 582 2.83 -6.88 15.16
CA ASP B 582 3.06 -6.57 16.55
C ASP B 582 3.80 -7.77 17.17
N GLN B 583 4.18 -7.68 18.44
CA GLN B 583 4.74 -8.82 19.16
C GLN B 583 3.63 -9.84 19.43
N VAL B 584 3.81 -11.07 18.95
CA VAL B 584 2.77 -12.09 19.03
C VAL B 584 2.95 -13.03 20.22
N LEU B 585 4.13 -13.66 20.30
CA LEU B 585 4.44 -14.56 21.40
C LEU B 585 5.31 -13.84 22.44
N PRO B 586 5.21 -14.25 23.73
CA PRO B 586 6.08 -13.65 24.72
C PRO B 586 7.52 -14.04 24.45
N PRO B 587 8.41 -13.04 24.31
CA PRO B 587 9.83 -13.37 24.17
C PRO B 587 10.30 -14.27 25.29
N GLY B 588 10.94 -15.38 24.94
CA GLY B 588 11.50 -16.31 25.93
C GLY B 588 10.63 -17.52 26.21
N TRP B 589 9.38 -17.51 25.76
CA TRP B 589 8.45 -18.59 26.09
C TRP B 589 8.40 -19.69 25.03
N GLN B 590 8.89 -20.88 25.40
CA GLN B 590 8.80 -22.12 24.61
C GLN B 590 8.99 -21.97 23.07
N GLU B 591 7.93 -22.14 22.29
CA GLU B 591 8.03 -22.22 20.83
C GLU B 591 8.50 -20.88 20.22
N GLU B 592 8.39 -19.79 20.97
CA GLU B 592 8.88 -18.47 20.52
C GLU B 592 10.37 -18.49 20.17
N GLN B 593 11.10 -19.48 20.69
CA GLN B 593 12.51 -19.62 20.36
C GLN B 593 12.70 -19.81 18.85
N ALA B 594 11.70 -20.40 18.18
CA ALA B 594 11.77 -20.62 16.73
C ALA B 594 11.60 -19.34 15.92
N ILE B 595 11.03 -18.29 16.51
CA ILE B 595 10.72 -17.07 15.76
C ILE B 595 11.14 -15.78 16.45
N THR B 596 12.38 -15.77 16.96
CA THR B 596 12.90 -14.63 17.69
C THR B 596 13.14 -13.46 16.77
N TRP B 597 13.24 -13.73 15.47
CA TRP B 597 13.25 -12.67 14.48
C TRP B 597 11.98 -11.83 14.50
N ALA B 598 10.84 -12.40 14.93
CA ALA B 598 9.57 -11.67 14.94
C ALA B 598 9.48 -10.71 16.11
N ARG B 599 10.55 -10.62 16.89
CA ARG B 599 10.70 -9.55 17.88
C ARG B 599 10.99 -8.20 17.22
N TYR B 600 11.51 -8.24 15.99
CA TYR B 600 12.09 -7.06 15.37
C TYR B 600 11.45 -6.76 14.01
N PRO B 601 10.76 -5.62 13.89
CA PRO B 601 10.35 -5.25 12.55
C PRO B 601 11.57 -4.95 11.70
N LEU B 602 12.60 -4.39 12.33
CA LEU B 602 13.90 -4.21 11.68
C LEU B 602 15.03 -4.53 12.68
N ALA B 603 15.99 -5.31 12.20
CA ALA B 603 17.24 -5.54 12.90
C ALA B 603 18.34 -5.52 11.88
N VAL B 604 19.51 -5.01 12.25
CA VAL B 604 20.66 -4.93 11.36
C VAL B 604 21.78 -5.76 11.96
N THR B 605 22.36 -6.65 11.16
CA THR B 605 23.48 -7.47 11.58
C THR B 605 24.68 -7.27 10.66
N LYS B 606 25.86 -7.49 11.21
CA LYS B 606 27.06 -7.57 10.39
C LYS B 606 27.02 -8.89 9.64
N TYR B 607 27.30 -8.84 8.35
CA TYR B 607 27.32 -10.02 7.50
C TYR B 607 28.25 -11.10 8.07
N ARG B 608 27.73 -12.34 8.12
CA ARG B 608 28.50 -13.54 8.49
C ARG B 608 27.96 -14.71 7.69
N GLU B 609 28.86 -15.57 7.18
CA GLU B 609 28.48 -16.78 6.43
C GLU B 609 27.72 -17.77 7.29
N SER B 610 27.88 -17.70 8.60
CA SER B 610 27.18 -18.59 9.51
C SER B 610 25.78 -18.06 9.86
N GLU B 611 25.36 -16.96 9.26
CA GLU B 611 24.06 -16.35 9.58
C GLU B 611 23.28 -15.99 8.31
N LEU B 612 23.27 -16.88 7.33
CA LEU B 612 22.65 -16.58 6.04
C LEU B 612 21.12 -16.68 6.08
N CYS B 613 20.61 -17.49 7.01
CA CYS B 613 19.18 -17.75 7.10
C CYS B 613 18.67 -17.50 8.52
N SER B 614 17.47 -16.95 8.63
CA SER B 614 16.83 -16.72 9.91
C SER B 614 15.98 -17.92 10.34
N SER B 615 15.71 -18.85 9.44
CA SER B 615 14.93 -20.05 9.76
C SER B 615 15.53 -21.28 9.08
N SER B 616 14.80 -22.38 9.10
CA SER B 616 15.24 -23.61 8.44
C SER B 616 14.04 -24.53 8.27
N ILE B 617 14.20 -25.61 7.50
CA ILE B 617 13.15 -26.64 7.38
C ILE B 617 12.88 -27.41 8.69
N TYR B 618 13.78 -27.32 9.65
CA TYR B 618 13.68 -28.01 10.94
C TYR B 618 12.91 -27.23 12.00
N HIS B 619 12.77 -25.92 11.83
CA HIS B 619 12.15 -25.09 12.87
C HIS B 619 10.72 -25.52 13.17
N GLN B 620 9.93 -25.84 12.16
CA GLN B 620 8.52 -26.20 12.36
C GLN B 620 8.34 -27.34 13.39
N ASN B 621 9.15 -28.38 13.30
CA ASN B 621 8.94 -29.60 14.10
C ASN B 621 9.84 -29.71 15.35
N ASP B 622 10.83 -28.83 15.47
CA ASP B 622 11.46 -28.56 16.76
C ASP B 622 11.61 -27.04 16.97
N PRO B 623 10.49 -26.36 17.24
CA PRO B 623 10.58 -24.93 17.55
C PRO B 623 11.22 -24.64 18.92
N TRP B 624 11.32 -25.65 19.78
CA TRP B 624 11.83 -25.45 21.13
C TRP B 624 13.35 -25.30 21.14
N ASP B 625 14.03 -26.10 20.32
CA ASP B 625 15.48 -26.11 20.24
C ASP B 625 15.98 -26.12 18.77
N PRO B 626 15.67 -25.05 18.01
CA PRO B 626 16.01 -25.07 16.60
C PRO B 626 17.49 -24.75 16.35
N PRO B 627 17.98 -25.07 15.14
CA PRO B 627 19.39 -24.89 14.80
C PRO B 627 19.79 -23.45 14.44
N VAL B 628 18.83 -22.54 14.32
CA VAL B 628 19.14 -21.13 14.10
C VAL B 628 18.25 -20.32 15.00
N VAL B 629 18.85 -19.49 15.85
CA VAL B 629 18.10 -18.61 16.75
C VAL B 629 18.52 -17.18 16.38
N PHE B 630 17.62 -16.47 15.70
CA PHE B 630 17.98 -15.16 15.16
C PHE B 630 18.57 -14.25 16.23
N GLU B 631 17.96 -14.23 17.41
CA GLU B 631 18.45 -13.43 18.54
C GLU B 631 19.97 -13.61 18.81
N GLN B 632 20.48 -14.83 18.61
CA GLN B 632 21.92 -15.13 18.80
C GLN B 632 22.78 -14.29 17.88
N PHE B 633 22.25 -13.89 16.73
CA PHE B 633 23.01 -13.04 15.79
C PHE B 633 23.36 -11.68 16.43
N LEU B 634 22.60 -11.27 17.45
CA LEU B 634 22.82 -9.99 18.12
C LEU B 634 23.65 -10.10 19.42
N HIS B 635 23.92 -11.32 19.89
CA HIS B 635 24.57 -11.53 21.18
CA HIS B 635 24.57 -11.53 21.18
C HIS B 635 25.92 -10.83 21.25
N ASN B 636 26.73 -10.97 20.20
CA ASN B 636 28.04 -10.34 20.18
C ASN B 636 27.99 -8.82 19.93
N ASN B 637 26.79 -8.27 19.73
CA ASN B 637 26.59 -6.82 19.63
C ASN B 637 27.73 -6.12 18.92
N GLU B 638 27.95 -6.50 17.68
CA GLU B 638 29.12 -6.07 16.92
C GLU B 638 29.03 -4.63 16.40
N ASN B 639 30.19 -4.07 16.08
CA ASN B 639 30.26 -2.76 15.48
C ASN B 639 29.71 -2.80 14.06
N ILE B 640 28.86 -1.84 13.71
CA ILE B 640 28.23 -1.79 12.39
C ILE B 640 28.53 -0.47 11.68
N GLU B 641 29.68 0.13 11.99
CA GLU B 641 30.14 1.35 11.31
C GLU B 641 31.03 0.96 10.16
N ASN B 642 30.63 1.33 8.95
CA ASN B 642 31.35 0.95 7.75
C ASN B 642 31.68 -0.55 7.70
N GLU B 643 30.60 -1.35 7.69
CA GLU B 643 30.71 -2.81 7.59
C GLU B 643 29.71 -3.32 6.57
N ASP B 644 29.84 -4.59 6.21
CA ASP B 644 28.86 -5.28 5.40
C ASP B 644 27.67 -5.54 6.32
N LEU B 645 26.59 -4.80 6.09
CA LEU B 645 25.38 -4.87 6.88
C LEU B 645 24.31 -5.70 6.20
N VAL B 646 23.46 -6.31 7.02
CA VAL B 646 22.31 -7.05 6.55
C VAL B 646 21.11 -6.55 7.33
N ALA B 647 20.10 -6.05 6.60
CA ALA B 647 18.82 -5.68 7.21
C ALA B 647 17.92 -6.91 7.19
N TRP B 648 17.22 -7.13 8.29
CA TRP B 648 16.27 -8.20 8.40
C TRP B 648 14.93 -7.60 8.77
N VAL B 649 13.89 -7.94 8.01
CA VAL B 649 12.61 -7.26 8.15
C VAL B 649 11.48 -8.23 8.41
N THR B 650 10.71 -7.95 9.47
CA THR B 650 9.49 -8.68 9.79
C THR B 650 8.29 -7.85 9.37
N VAL B 651 7.43 -8.45 8.55
CA VAL B 651 6.15 -7.85 8.18
C VAL B 651 5.04 -8.86 8.44
N GLY B 652 3.83 -8.36 8.73
CA GLY B 652 2.72 -9.26 8.98
C GLY B 652 1.42 -8.55 9.30
N PHE B 653 0.40 -9.34 9.61
CA PHE B 653 -0.85 -8.78 10.05
C PHE B 653 -1.66 -9.79 10.83
N LEU B 654 -2.37 -9.28 11.83
CA LEU B 654 -3.38 -10.04 12.53
C LEU B 654 -4.54 -10.31 11.58
N HIS B 655 -5.01 -11.54 11.59
CA HIS B 655 -6.14 -11.91 10.77
C HIS B 655 -7.20 -12.55 11.64
N ILE B 656 -8.24 -11.77 11.93
CA ILE B 656 -9.42 -12.29 12.60
C ILE B 656 -10.37 -12.65 11.49
N PRO B 657 -10.62 -13.95 11.29
CA PRO B 657 -11.46 -14.29 10.14
C PRO B 657 -12.88 -13.75 10.25
N HIS B 658 -13.49 -13.59 9.08
CA HIS B 658 -14.83 -13.05 8.95
C HIS B 658 -15.54 -13.76 7.82
N SER B 659 -16.87 -13.61 7.77
CA SER B 659 -17.66 -14.38 6.82
C SER B 659 -17.24 -14.17 5.37
N GLU B 660 -16.73 -12.97 5.04
CA GLU B 660 -16.29 -12.72 3.68
C GLU B 660 -15.07 -13.56 3.28
N ASP B 661 -14.38 -14.20 4.24
CA ASP B 661 -13.29 -15.14 3.95
C ASP B 661 -13.77 -16.49 3.35
N ILE B 662 -15.09 -16.69 3.22
CA ILE B 662 -15.66 -17.91 2.66
C ILE B 662 -16.00 -17.70 1.16
N PRO B 663 -15.48 -18.58 0.28
CA PRO B 663 -14.64 -19.76 0.48
C PRO B 663 -13.15 -19.45 0.68
N ASN B 664 -12.70 -18.30 0.21
CA ASN B 664 -11.30 -17.93 0.29
C ASN B 664 -11.13 -16.50 0.83
N THR B 665 -10.05 -16.30 1.60
CA THR B 665 -9.47 -14.99 1.85
C THR B 665 -9.08 -14.35 0.53
N ALA B 666 -9.27 -13.04 0.44
CA ALA B 666 -9.05 -12.31 -0.80
C ALA B 666 -7.88 -11.35 -0.60
N THR B 667 -7.24 -10.96 -1.70
CA THR B 667 -6.01 -10.18 -1.65
C THR B 667 -6.15 -8.69 -1.32
N PRO B 668 -7.27 -8.05 -1.67
CA PRO B 668 -7.30 -6.61 -1.40
C PRO B 668 -7.15 -6.30 0.09
N GLY B 669 -6.23 -5.40 0.41
CA GLY B 669 -5.92 -5.08 1.78
C GLY B 669 -5.18 -6.16 2.55
N ASN B 670 -4.84 -7.28 1.92
CA ASN B 670 -4.23 -8.41 2.62
C ASN B 670 -2.83 -8.63 2.08
N SER B 671 -2.06 -7.54 2.04
CA SER B 671 -0.69 -7.60 1.61
C SER B 671 0.21 -6.87 2.59
N VAL B 672 1.45 -7.33 2.66
CA VAL B 672 2.46 -6.69 3.46
C VAL B 672 3.77 -6.73 2.71
N GLY B 673 4.73 -5.93 3.16
CA GLY B 673 6.04 -5.91 2.53
C GLY B 673 6.82 -4.68 2.88
N PHE B 674 7.68 -4.24 1.95
CA PHE B 674 8.50 -3.07 2.18
C PHE B 674 9.00 -2.48 0.87
N LEU B 675 9.42 -1.22 0.95
CA LEU B 675 9.99 -0.51 -0.19
C LEU B 675 11.45 -0.21 0.09
N LEU B 676 12.23 -0.18 -0.98
CA LEU B 676 13.60 0.27 -0.94
C LEU B 676 13.70 1.44 -1.93
N ARG B 677 14.01 2.62 -1.43
CA ARG B 677 14.00 3.82 -2.26
C ARG B 677 15.34 4.53 -2.22
N PRO B 678 15.83 5.01 -3.37
CA PRO B 678 17.07 5.77 -3.36
C PRO B 678 16.86 7.09 -2.63
N PHE B 679 17.83 7.42 -1.77
CA PHE B 679 17.75 8.64 -1.00
C PHE B 679 19.11 9.34 -1.07
N ASN B 680 19.18 10.33 -1.96
CA ASN B 680 20.44 11.06 -2.27
C ASN B 680 21.50 10.17 -2.94
N PHE B 681 21.01 9.10 -3.56
CA PHE B 681 21.84 8.10 -4.22
C PHE B 681 22.18 8.52 -5.62
N PHE B 682 21.18 9.06 -6.32
CA PHE B 682 21.37 9.58 -7.66
C PHE B 682 21.38 11.12 -7.62
N PRO B 683 22.07 11.76 -8.58
CA PRO B 683 22.10 13.24 -8.64
C PRO B 683 20.73 13.89 -8.82
N GLU B 684 19.85 13.24 -9.57
CA GLU B 684 18.48 13.68 -9.80
C GLU B 684 17.64 12.42 -10.08
N ASP B 685 16.35 12.60 -10.36
CA ASP B 685 15.44 11.47 -10.66
C ASP B 685 16.01 10.56 -11.74
N PRO B 686 16.38 9.31 -11.38
CA PRO B 686 16.94 8.40 -12.38
C PRO B 686 15.97 7.94 -13.46
N SER B 687 14.66 8.11 -13.26
CA SER B 687 13.69 7.86 -14.35
C SER B 687 13.78 8.89 -15.48
N LEU B 688 14.59 9.93 -15.32
CA LEU B 688 14.75 10.95 -16.36
C LEU B 688 15.30 10.36 -17.66
N ALA B 689 16.02 9.23 -17.58
CA ALA B 689 16.47 8.56 -18.81
C ALA B 689 15.33 7.93 -19.61
N SER B 690 14.13 7.84 -19.04
CA SER B 690 13.01 7.15 -19.72
C SER B 690 12.54 7.95 -20.90
N ARG B 691 12.32 7.26 -22.00
CA ARG B 691 11.88 7.91 -23.23
C ARG B 691 10.36 7.81 -23.38
N ASP B 692 9.70 7.34 -22.32
CA ASP B 692 8.23 7.28 -22.29
C ASP B 692 7.60 8.63 -21.95
N THR B 693 8.39 9.54 -21.37
CA THR B 693 7.91 10.86 -20.96
C THR B 693 7.20 11.55 -22.11
N VAL B 694 6.14 12.28 -21.79
CA VAL B 694 5.45 13.12 -22.77
C VAL B 694 5.34 14.52 -22.17
N ILE B 695 5.69 15.53 -22.95
CA ILE B 695 5.50 16.92 -22.56
C ILE B 695 4.63 17.60 -23.64
N VAL B 696 3.55 18.24 -23.21
CA VAL B 696 2.66 18.99 -24.12
C VAL B 696 2.93 20.48 -23.93
N TRP B 697 3.32 21.18 -25.00
CA TRP B 697 3.60 22.61 -24.97
C TRP B 697 2.57 23.39 -25.79
N PRO B 698 2.19 24.59 -25.33
CA PRO B 698 1.29 25.42 -26.15
C PRO B 698 2.04 26.09 -27.28
N ARG B 699 1.34 26.40 -28.37
CA ARG B 699 1.89 27.22 -29.46
C ARG B 699 0.94 28.38 -29.71
N ASP B 700 1.49 29.53 -30.08
CA ASP B 700 0.67 30.71 -30.40
C ASP B 700 -0.25 30.45 -31.59
N ASN B 701 -1.54 30.69 -31.41
CA ASN B 701 -2.55 30.53 -32.46
C ASN B 701 -2.36 29.27 -33.32
N GLY B 702 -1.95 28.16 -32.69
CA GLY B 702 -1.79 26.87 -33.36
C GLY B 702 -2.17 25.71 -32.44
N PRO B 703 -2.04 24.46 -32.92
CA PRO B 703 -2.23 23.32 -32.02
C PRO B 703 -1.04 23.16 -31.07
N ASN B 704 -1.26 22.46 -29.96
CA ASN B 704 -0.19 22.21 -29.00
C ASN B 704 0.86 21.33 -29.65
N TYR B 705 2.10 21.46 -29.19
CA TYR B 705 3.17 20.56 -29.61
C TYR B 705 3.28 19.43 -28.58
N VAL B 706 2.96 18.20 -29.00
CA VAL B 706 3.09 17.04 -28.14
C VAL B 706 4.49 16.45 -28.38
N GLN B 707 5.40 16.73 -27.45
CA GLN B 707 6.76 16.26 -27.54
C GLN B 707 6.89 14.85 -26.94
N ARG B 708 7.38 13.93 -27.77
CA ARG B 708 7.57 12.52 -27.45
C ARG B 708 8.95 12.05 -27.87
N TRP B 709 9.36 10.92 -27.30
CA TRP B 709 10.60 10.24 -27.68
C TRP B 709 10.36 8.75 -28.04
N ILE B 710 9.10 8.31 -27.96
CA ILE B 710 8.65 7.04 -28.54
C ILE B 710 7.35 7.36 -29.27
N PRO B 711 7.17 6.83 -30.49
CA PRO B 711 5.92 7.19 -31.18
C PRO B 711 4.69 6.69 -30.43
N GLU B 712 3.58 7.42 -30.59
CA GLU B 712 2.31 7.01 -30.02
C GLU B 712 1.95 5.66 -30.64
N ASP B 713 1.41 4.76 -29.82
CA ASP B 713 1.13 3.41 -30.30
C ASP B 713 -0.33 3.07 -30.04
N ARG B 714 -1.02 2.56 -31.07
CA ARG B 714 -2.36 2.01 -30.86
C ARG B 714 -2.51 0.57 -31.41
N ASP B 715 -1.38 -0.09 -31.65
CA ASP B 715 -1.37 -1.49 -32.07
C ASP B 715 -2.00 -2.35 -30.99
N CYS B 716 -2.77 -3.34 -31.41
CA CYS B 716 -3.35 -4.30 -30.49
C CYS B 716 -2.85 -5.67 -30.92
N SER B 717 -2.89 -6.64 -30.02
CA SER B 717 -2.54 -8.01 -30.35
C SER B 717 -3.18 -8.97 -29.38
N MET B 718 -3.14 -10.25 -29.71
CA MET B 718 -3.78 -11.27 -28.90
C MET B 718 -2.74 -12.05 -28.12
N PRO B 719 -3.04 -12.38 -26.86
CA PRO B 719 -2.10 -13.22 -26.13
C PRO B 719 -2.37 -14.66 -26.52
N PRO B 720 -1.50 -15.59 -26.11
CA PRO B 720 -1.79 -16.99 -26.36
C PRO B 720 -3.15 -17.36 -25.78
N PRO B 721 -3.84 -18.34 -26.39
CA PRO B 721 -5.09 -18.78 -25.78
C PRO B 721 -4.82 -19.38 -24.41
N PHE B 722 -5.82 -19.36 -23.54
CA PHE B 722 -5.66 -19.90 -22.20
C PHE B 722 -5.32 -21.39 -22.28
N SER B 723 -4.33 -21.82 -21.50
CA SER B 723 -4.10 -23.24 -21.27
C SER B 723 -3.65 -23.41 -19.82
N TYR B 724 -3.91 -24.59 -19.24
CA TYR B 724 -3.45 -24.92 -17.92
C TYR B 724 -3.23 -26.42 -17.82
N ASN B 725 -2.06 -26.83 -17.37
CA ASN B 725 -1.74 -28.25 -17.28
C ASN B 725 -2.14 -28.85 -15.94
N GLY B 726 -1.57 -28.33 -14.86
CA GLY B 726 -1.93 -28.74 -13.51
C GLY B 726 -1.17 -29.91 -12.96
N THR B 727 -0.36 -30.58 -13.78
CA THR B 727 0.50 -31.66 -13.29
C THR B 727 1.95 -31.19 -13.20
N TYR B 728 2.70 -31.83 -12.30
CA TYR B 728 4.10 -31.51 -12.05
C TYR B 728 4.80 -32.88 -11.86
N ARG B 729 5.66 -33.22 -12.81
CA ARG B 729 6.17 -34.58 -12.96
C ARG B 729 7.64 -34.54 -13.42
N PRO B 730 8.36 -35.65 -13.22
CA PRO B 730 9.72 -35.74 -13.75
C PRO B 730 9.80 -35.69 -15.27
N VAL B 731 10.97 -35.31 -15.77
CA VAL B 731 11.22 -35.23 -17.21
C VAL B 731 12.56 -35.91 -17.50
#